data_2EPD
#
_entry.id   2EPD
#
_entity_poly.entity_id   1
_entity_poly.type   'polypeptide(L)'
_entity_poly.pdbx_seq_one_letter_code
;GSSGSSGEGVVEAVACFAYTGRTAQELSFRRGDVLRLHERASSDWWRGEHNGMRGLIPHKYITLPAGTEKQVVGAG
;
_entity_poly.pdbx_strand_id   A
#
# COMPACT_ATOMS: atom_id res chain seq x y z
N GLY A 1 -22.46 -5.93 12.29
CA GLY A 1 -21.78 -4.91 11.51
C GLY A 1 -20.88 -5.51 10.46
N SER A 2 -19.82 -4.78 10.10
CA SER A 2 -18.88 -5.24 9.09
C SER A 2 -19.51 -5.21 7.71
N SER A 3 -20.23 -4.13 7.41
CA SER A 3 -20.89 -3.98 6.12
C SER A 3 -19.92 -3.45 5.07
N GLY A 4 -19.22 -2.36 5.41
CA GLY A 4 -18.27 -1.77 4.49
C GLY A 4 -18.93 -1.24 3.23
N SER A 5 -18.25 -0.32 2.56
CA SER A 5 -18.78 0.28 1.33
C SER A 5 -17.76 0.19 0.20
N SER A 6 -18.00 -0.74 -0.72
CA SER A 6 -17.10 -0.95 -1.86
C SER A 6 -17.24 0.19 -2.86
N GLY A 7 -16.48 1.26 -2.64
CA GLY A 7 -16.52 2.41 -3.54
C GLY A 7 -15.36 3.36 -3.34
N GLU A 8 -15.37 4.07 -2.22
CA GLU A 8 -14.30 5.02 -1.92
C GLU A 8 -13.51 4.57 -0.69
N GLY A 9 -12.31 4.04 -0.93
CA GLY A 9 -11.47 3.59 0.17
C GLY A 9 -9.99 3.83 -0.09
N VAL A 10 -9.27 4.22 0.96
CA VAL A 10 -7.84 4.48 0.83
C VAL A 10 -7.11 4.15 2.13
N VAL A 11 -6.03 3.39 2.02
CA VAL A 11 -5.24 3.01 3.17
C VAL A 11 -3.83 3.58 3.11
N GLU A 12 -3.46 4.36 4.12
CA GLU A 12 -2.14 4.98 4.17
C GLU A 12 -1.12 4.02 4.78
N ALA A 13 -0.10 3.68 4.00
CA ALA A 13 0.95 2.77 4.47
C ALA A 13 2.30 3.47 4.48
N VAL A 14 3.18 3.03 5.38
CA VAL A 14 4.51 3.61 5.50
C VAL A 14 5.56 2.69 4.88
N ALA A 15 6.47 3.28 4.11
CA ALA A 15 7.53 2.51 3.47
C ALA A 15 8.56 2.04 4.47
N CYS A 16 8.47 0.76 4.85
CA CYS A 16 9.39 0.19 5.82
C CYS A 16 10.84 0.35 5.35
N PHE A 17 11.05 0.28 4.05
CA PHE A 17 12.38 0.41 3.48
C PHE A 17 12.32 1.05 2.09
N ALA A 18 13.41 1.71 1.70
CA ALA A 18 13.48 2.37 0.41
C ALA A 18 13.36 1.36 -0.73
N TYR A 19 12.40 1.58 -1.62
CA TYR A 19 12.18 0.68 -2.74
C TYR A 19 12.28 1.43 -4.07
N THR A 20 12.54 0.70 -5.14
CA THR A 20 12.67 1.30 -6.47
C THR A 20 11.99 0.44 -7.53
N GLY A 21 10.84 0.89 -8.00
CA GLY A 21 10.11 0.15 -9.02
C GLY A 21 10.99 -0.28 -10.17
N ARG A 22 10.97 -1.57 -10.48
CA ARG A 22 11.79 -2.11 -11.56
C ARG A 22 11.34 -1.56 -12.91
N THR A 23 10.02 -1.45 -13.09
CA THR A 23 9.46 -0.93 -14.33
C THR A 23 8.40 0.13 -14.06
N ALA A 24 7.92 0.76 -15.12
CA ALA A 24 6.90 1.79 -14.99
C ALA A 24 5.75 1.33 -14.11
N GLN A 25 5.37 0.06 -14.26
CA GLN A 25 4.28 -0.51 -13.47
C GLN A 25 4.54 -0.33 -11.98
N GLU A 26 5.75 -0.67 -11.55
CA GLU A 26 6.12 -0.55 -10.14
C GLU A 26 6.39 0.91 -9.77
N LEU A 27 6.35 1.20 -8.48
CA LEU A 27 6.59 2.56 -7.99
C LEU A 27 7.89 2.62 -7.19
N SER A 28 8.30 3.84 -6.84
CA SER A 28 9.52 4.04 -6.07
C SER A 28 9.28 5.00 -4.91
N PHE A 29 10.04 4.82 -3.84
CA PHE A 29 9.91 5.66 -2.65
C PHE A 29 11.00 5.34 -1.63
N ARG A 30 11.30 6.31 -0.77
CA ARG A 30 12.32 6.13 0.25
C ARG A 30 11.68 5.82 1.61
N ARG A 31 12.31 4.92 2.36
CA ARG A 31 11.81 4.54 3.67
C ARG A 31 11.18 5.73 4.38
N GLY A 32 9.97 5.54 4.88
CA GLY A 32 9.28 6.61 5.58
C GLY A 32 8.24 7.29 4.71
N ASP A 33 8.47 7.30 3.41
CA ASP A 33 7.55 7.92 2.46
C ASP A 33 6.22 7.18 2.43
N VAL A 34 5.16 7.85 2.88
CA VAL A 34 3.83 7.25 2.91
C VAL A 34 3.28 7.08 1.50
N LEU A 35 2.42 6.08 1.32
CA LEU A 35 1.82 5.81 0.02
C LEU A 35 0.37 5.37 0.18
N ARG A 36 -0.51 5.97 -0.63
CA ARG A 36 -1.93 5.64 -0.58
C ARG A 36 -2.21 4.32 -1.31
N LEU A 37 -2.77 3.36 -0.59
CA LEU A 37 -3.09 2.06 -1.17
C LEU A 37 -4.50 2.04 -1.72
N HIS A 38 -4.65 2.38 -3.00
CA HIS A 38 -5.95 2.41 -3.64
C HIS A 38 -6.73 1.12 -3.34
N GLU A 39 -6.18 0.00 -3.76
CA GLU A 39 -6.82 -1.30 -3.54
C GLU A 39 -5.87 -2.44 -3.85
N ARG A 40 -6.00 -3.54 -3.11
CA ARG A 40 -5.13 -4.70 -3.31
C ARG A 40 -4.88 -4.94 -4.78
N ALA A 41 -3.66 -5.35 -5.11
CA ALA A 41 -3.28 -5.62 -6.49
C ALA A 41 -2.90 -7.08 -6.68
N SER A 42 -2.19 -7.63 -5.71
CA SER A 42 -1.76 -9.03 -5.78
C SER A 42 -1.60 -9.62 -4.37
N SER A 43 -1.12 -10.85 -4.31
CA SER A 43 -0.92 -11.53 -3.03
C SER A 43 0.05 -10.76 -2.15
N ASP A 44 1.10 -10.22 -2.77
CA ASP A 44 2.10 -9.45 -2.04
C ASP A 44 2.36 -8.11 -2.71
N TRP A 45 1.30 -7.51 -3.23
CA TRP A 45 1.40 -6.21 -3.91
C TRP A 45 0.12 -5.41 -3.75
N TRP A 46 0.21 -4.11 -4.00
CA TRP A 46 -0.95 -3.23 -3.88
C TRP A 46 -0.96 -2.20 -5.01
N ARG A 47 -1.97 -1.33 -5.00
CA ARG A 47 -2.10 -0.30 -6.03
C ARG A 47 -2.19 1.08 -5.40
N GLY A 48 -1.18 1.92 -5.67
CA GLY A 48 -1.17 3.26 -5.12
C GLY A 48 -0.64 4.28 -6.11
N GLU A 49 -0.62 5.54 -5.70
CA GLU A 49 -0.14 6.62 -6.55
C GLU A 49 0.84 7.53 -5.80
N HIS A 50 2.09 7.51 -6.23
CA HIS A 50 3.12 8.32 -5.60
C HIS A 50 3.08 9.76 -6.13
N ASN A 51 4.02 10.59 -5.67
CA ASN A 51 4.08 11.98 -6.09
C ASN A 51 4.22 12.08 -7.60
N GLY A 52 3.11 12.34 -8.28
CA GLY A 52 3.14 12.45 -9.73
C GLY A 52 3.39 11.13 -10.42
N MET A 53 3.36 10.06 -9.64
CA MET A 53 3.60 8.72 -10.18
C MET A 53 2.47 7.77 -9.80
N ARG A 54 2.25 6.75 -10.63
CA ARG A 54 1.19 5.78 -10.38
C ARG A 54 1.66 4.37 -10.74
N GLY A 55 1.46 3.42 -9.83
CA GLY A 55 1.87 2.05 -10.08
C GLY A 55 1.53 1.13 -8.93
N LEU A 56 2.22 0.00 -8.86
CA LEU A 56 1.99 -0.98 -7.80
C LEU A 56 2.82 -0.63 -6.56
N ILE A 57 2.56 -1.35 -5.47
CA ILE A 57 3.28 -1.12 -4.22
C ILE A 57 3.57 -2.43 -3.50
N PRO A 58 4.82 -2.60 -3.06
CA PRO A 58 5.25 -3.81 -2.36
C PRO A 58 4.65 -3.92 -0.97
N HIS A 59 3.99 -5.04 -0.69
CA HIS A 59 3.36 -5.27 0.60
C HIS A 59 4.39 -5.70 1.63
N LYS A 60 5.61 -5.96 1.18
CA LYS A 60 6.69 -6.39 2.06
C LYS A 60 7.52 -5.19 2.51
N TYR A 61 7.61 -4.19 1.66
CA TYR A 61 8.38 -2.98 1.97
C TYR A 61 7.48 -1.91 2.58
N ILE A 62 6.22 -2.25 2.79
CA ILE A 62 5.25 -1.32 3.37
C ILE A 62 4.53 -1.94 4.56
N THR A 63 4.34 -1.15 5.60
CA THR A 63 3.65 -1.62 6.80
C THR A 63 2.29 -0.95 6.97
N LEU A 64 1.24 -1.74 6.89
CA LEU A 64 -0.12 -1.23 7.03
C LEU A 64 -0.34 -0.67 8.44
N PRO A 65 -1.27 0.30 8.54
CA PRO A 65 -1.60 0.93 9.83
C PRO A 65 -2.34 -0.02 10.76
N ALA A 66 -2.41 0.34 12.04
CA ALA A 66 -3.09 -0.47 13.04
C ALA A 66 -4.46 -0.90 12.55
N GLY A 67 -4.61 -2.19 12.25
CA GLY A 67 -5.87 -2.72 11.78
C GLY A 67 -5.78 -3.28 10.37
N THR A 68 -4.69 -3.99 10.10
CA THR A 68 -4.48 -4.59 8.78
C THR A 68 -5.74 -5.28 8.29
N GLU A 69 -5.72 -5.70 7.03
CA GLU A 69 -6.87 -6.38 6.43
C GLU A 69 -6.77 -7.89 6.63
N LYS A 70 -7.59 -8.41 7.56
CA LYS A 70 -7.59 -9.83 7.84
C LYS A 70 -8.97 -10.43 7.55
N GLN A 71 -10.02 -9.67 7.81
CA GLN A 71 -11.38 -10.13 7.58
C GLN A 71 -11.62 -11.49 8.24
N VAL A 72 -11.17 -11.62 9.49
CA VAL A 72 -11.34 -12.86 10.22
C VAL A 72 -12.32 -12.70 11.38
N VAL A 73 -13.55 -13.17 11.17
CA VAL A 73 -14.59 -13.07 12.19
C VAL A 73 -14.04 -13.45 13.56
N GLY A 74 -14.56 -12.79 14.60
CA GLY A 74 -14.12 -13.08 15.95
C GLY A 74 -13.81 -11.83 16.73
N ALA A 75 -13.97 -11.90 18.06
CA ALA A 75 -13.71 -10.76 18.92
C ALA A 75 -13.69 -11.18 20.39
N GLY A 76 -12.53 -11.01 21.03
CA GLY A 76 -12.40 -11.37 22.42
C GLY A 76 -12.18 -12.87 22.62
N GLY A 1 -21.53 10.98 -19.69
CA GLY A 1 -21.53 11.83 -18.52
C GLY A 1 -22.09 11.14 -17.30
N SER A 2 -21.20 10.71 -16.41
CA SER A 2 -21.61 10.02 -15.19
C SER A 2 -20.94 10.64 -13.96
N SER A 3 -21.73 11.29 -13.13
CA SER A 3 -21.22 11.93 -11.92
C SER A 3 -21.86 11.33 -10.67
N GLY A 4 -21.09 11.26 -9.60
CA GLY A 4 -21.60 10.71 -8.35
C GLY A 4 -21.26 9.25 -8.18
N SER A 5 -20.81 8.88 -6.98
CA SER A 5 -20.44 7.50 -6.70
C SER A 5 -20.55 7.22 -5.20
N SER A 6 -21.11 6.06 -4.86
CA SER A 6 -21.27 5.66 -3.46
C SER A 6 -20.31 4.54 -3.11
N GLY A 7 -19.06 4.66 -3.54
CA GLY A 7 -18.07 3.65 -3.26
C GLY A 7 -16.66 4.19 -3.31
N GLU A 8 -16.19 4.74 -2.20
CA GLU A 8 -14.85 5.30 -2.13
C GLU A 8 -14.08 4.72 -0.93
N GLY A 9 -12.79 4.47 -1.12
CA GLY A 9 -11.97 3.93 -0.05
C GLY A 9 -10.50 4.11 -0.31
N VAL A 10 -9.79 4.70 0.66
CA VAL A 10 -8.37 4.93 0.53
C VAL A 10 -7.64 4.56 1.82
N VAL A 11 -6.53 3.85 1.68
CA VAL A 11 -5.73 3.44 2.83
C VAL A 11 -4.32 4.01 2.76
N GLU A 12 -3.84 4.52 3.89
CA GLU A 12 -2.50 5.10 3.96
C GLU A 12 -1.51 4.11 4.57
N ALA A 13 -0.40 3.89 3.87
CA ALA A 13 0.63 2.97 4.32
C ALA A 13 1.98 3.66 4.40
N VAL A 14 2.88 3.10 5.21
CA VAL A 14 4.22 3.65 5.36
C VAL A 14 5.28 2.69 4.86
N ALA A 15 6.25 3.22 4.11
CA ALA A 15 7.32 2.40 3.57
C ALA A 15 8.31 1.99 4.66
N CYS A 16 8.65 0.70 4.68
CA CYS A 16 9.57 0.18 5.67
C CYS A 16 11.02 0.22 5.16
N PHE A 17 11.18 -0.03 3.86
CA PHE A 17 12.50 -0.02 3.25
C PHE A 17 12.47 0.69 1.89
N ALA A 18 13.57 1.35 1.56
CA ALA A 18 13.67 2.07 0.29
C ALA A 18 13.53 1.12 -0.89
N TYR A 19 12.62 1.43 -1.80
CA TYR A 19 12.38 0.60 -2.98
C TYR A 19 12.58 1.41 -4.26
N THR A 20 12.91 0.71 -5.34
CA THR A 20 13.13 1.37 -6.63
C THR A 20 12.40 0.63 -7.75
N GLY A 21 11.16 1.02 -8.00
CA GLY A 21 10.38 0.38 -9.05
C GLY A 21 11.22 -0.02 -10.24
N ARG A 22 11.15 -1.29 -10.61
CA ARG A 22 11.92 -1.80 -11.75
C ARG A 22 11.38 -1.27 -13.06
N THR A 23 10.05 -1.26 -13.19
CA THR A 23 9.41 -0.76 -14.41
C THR A 23 8.32 0.24 -14.08
N ALA A 24 7.78 0.89 -15.11
CA ALA A 24 6.72 1.87 -14.93
C ALA A 24 5.64 1.36 -13.97
N GLN A 25 5.26 0.10 -14.15
CA GLN A 25 4.25 -0.51 -13.29
C GLN A 25 4.59 -0.34 -11.82
N GLU A 26 5.84 -0.65 -11.46
CA GLU A 26 6.28 -0.52 -10.08
C GLU A 26 6.64 0.92 -9.76
N LEU A 27 6.51 1.28 -8.48
CA LEU A 27 6.82 2.64 -8.03
C LEU A 27 8.10 2.66 -7.21
N SER A 28 8.67 3.85 -7.06
CA SER A 28 9.92 4.01 -6.31
C SER A 28 9.75 5.08 -5.22
N PHE A 29 9.87 4.65 -3.97
CA PHE A 29 9.73 5.56 -2.84
C PHE A 29 10.90 5.40 -1.88
N ARG A 30 11.14 6.44 -1.07
CA ARG A 30 12.22 6.41 -0.09
C ARG A 30 11.71 5.98 1.28
N ARG A 31 12.59 5.34 2.06
CA ARG A 31 12.23 4.88 3.39
C ARG A 31 11.45 5.95 4.14
N GLY A 32 10.31 5.56 4.71
CA GLY A 32 9.49 6.49 5.44
C GLY A 32 8.59 7.31 4.54
N ASP A 33 8.49 6.91 3.28
CA ASP A 33 7.65 7.62 2.32
C ASP A 33 6.22 7.11 2.37
N VAL A 34 5.29 8.00 2.72
CA VAL A 34 3.88 7.65 2.80
C VAL A 34 3.28 7.43 1.43
N LEU A 35 2.35 6.50 1.33
CA LEU A 35 1.70 6.19 0.07
C LEU A 35 0.22 5.85 0.29
N ARG A 36 -0.54 5.80 -0.80
CA ARG A 36 -1.96 5.49 -0.73
C ARG A 36 -2.27 4.21 -1.50
N LEU A 37 -2.88 3.25 -0.82
CA LEU A 37 -3.23 1.98 -1.45
C LEU A 37 -4.63 2.04 -2.05
N HIS A 38 -4.72 2.37 -3.33
CA HIS A 38 -6.00 2.46 -4.02
C HIS A 38 -6.74 1.12 -3.98
N GLU A 39 -6.02 0.05 -4.28
CA GLU A 39 -6.61 -1.29 -4.27
C GLU A 39 -5.54 -2.35 -4.04
N ARG A 40 -5.96 -3.54 -3.61
CA ARG A 40 -5.05 -4.63 -3.35
C ARG A 40 -4.81 -5.45 -4.61
N ALA A 41 -3.79 -5.09 -5.37
CA ALA A 41 -3.46 -5.80 -6.60
C ALA A 41 -3.36 -7.31 -6.36
N SER A 42 -2.51 -7.70 -5.42
CA SER A 42 -2.32 -9.11 -5.09
C SER A 42 -2.13 -9.30 -3.59
N SER A 43 -1.86 -10.53 -3.19
CA SER A 43 -1.65 -10.86 -1.78
C SER A 43 -0.29 -10.38 -1.30
N ASP A 44 0.54 -9.95 -2.25
CA ASP A 44 1.89 -9.47 -1.93
C ASP A 44 2.11 -8.08 -2.50
N TRP A 45 1.40 -7.77 -3.58
CA TRP A 45 1.53 -6.45 -4.22
C TRP A 45 0.27 -5.63 -4.02
N TRP A 46 0.43 -4.31 -4.02
CA TRP A 46 -0.69 -3.40 -3.83
C TRP A 46 -0.74 -2.35 -4.94
N ARG A 47 -1.84 -1.62 -5.01
CA ARG A 47 -2.01 -0.59 -6.02
C ARG A 47 -2.19 0.78 -5.37
N GLY A 48 -1.22 1.67 -5.61
CA GLY A 48 -1.28 3.00 -5.04
C GLY A 48 -0.73 4.06 -5.98
N GLU A 49 -0.64 5.30 -5.49
CA GLU A 49 -0.13 6.40 -6.29
C GLU A 49 0.81 7.27 -5.47
N HIS A 50 2.04 7.44 -5.97
CA HIS A 50 3.03 8.26 -5.28
C HIS A 50 2.80 9.73 -5.56
N ASN A 51 3.69 10.58 -5.03
CA ASN A 51 3.57 12.02 -5.20
C ASN A 51 3.85 12.41 -6.66
N GLY A 52 2.90 12.08 -7.54
CA GLY A 52 3.06 12.40 -8.95
C GLY A 52 3.21 11.17 -9.80
N MET A 53 3.41 10.02 -9.17
CA MET A 53 3.58 8.76 -9.89
C MET A 53 2.48 7.78 -9.52
N ARG A 54 2.31 6.75 -10.35
CA ARG A 54 1.29 5.74 -10.12
C ARG A 54 1.81 4.35 -10.49
N GLY A 55 1.47 3.37 -9.66
CA GLY A 55 1.92 2.01 -9.91
C GLY A 55 1.64 1.09 -8.74
N LEU A 56 2.22 -0.11 -8.78
CA LEU A 56 2.04 -1.09 -7.72
C LEU A 56 2.88 -0.72 -6.49
N ILE A 57 2.72 -1.51 -5.43
CA ILE A 57 3.47 -1.27 -4.19
C ILE A 57 3.78 -2.57 -3.47
N PRO A 58 5.04 -2.75 -3.06
CA PRO A 58 5.49 -3.95 -2.36
C PRO A 58 4.92 -4.03 -0.94
N HIS A 59 4.31 -5.18 -0.62
CA HIS A 59 3.73 -5.39 0.70
C HIS A 59 4.81 -5.72 1.73
N LYS A 60 6.00 -6.08 1.24
CA LYS A 60 7.11 -6.42 2.12
C LYS A 60 7.86 -5.16 2.56
N TYR A 61 7.90 -4.17 1.69
CA TYR A 61 8.58 -2.92 1.99
C TYR A 61 7.60 -1.86 2.50
N ILE A 62 6.47 -2.33 3.02
CA ILE A 62 5.45 -1.42 3.54
C ILE A 62 4.72 -2.06 4.73
N THR A 63 4.35 -1.23 5.70
CA THR A 63 3.64 -1.69 6.88
C THR A 63 2.21 -1.19 6.90
N LEU A 64 1.27 -2.07 6.57
CA LEU A 64 -0.15 -1.71 6.55
C LEU A 64 -0.61 -1.26 7.94
N PRO A 65 -1.62 -0.39 7.97
CA PRO A 65 -2.18 0.14 9.21
C PRO A 65 -2.95 -0.92 10.00
N ALA A 66 -3.36 -0.58 11.21
CA ALA A 66 -4.11 -1.50 12.06
C ALA A 66 -5.10 -2.32 11.25
N GLY A 67 -6.00 -1.63 10.56
CA GLY A 67 -7.00 -2.30 9.74
C GLY A 67 -6.38 -3.09 8.61
N THR A 68 -6.20 -4.40 8.81
CA THR A 68 -5.61 -5.26 7.81
C THR A 68 -6.35 -6.60 7.73
N GLU A 69 -6.43 -7.15 6.52
CA GLU A 69 -7.11 -8.43 6.31
C GLU A 69 -6.09 -9.57 6.25
N LYS A 70 -5.77 -10.12 7.41
CA LYS A 70 -4.82 -11.23 7.49
C LYS A 70 -5.15 -12.15 8.66
N GLN A 71 -4.64 -13.38 8.60
CA GLN A 71 -4.89 -14.36 9.65
C GLN A 71 -3.72 -14.43 10.62
N VAL A 72 -4.02 -14.42 11.91
CA VAL A 72 -2.99 -14.48 12.94
C VAL A 72 -2.13 -13.22 12.94
N VAL A 73 -2.79 -12.07 12.97
CA VAL A 73 -2.08 -10.79 12.98
C VAL A 73 -0.92 -10.80 13.97
N GLY A 74 0.18 -10.17 13.58
CA GLY A 74 1.34 -10.12 14.46
C GLY A 74 1.19 -9.10 15.57
N ALA A 75 1.35 -9.56 16.81
CA ALA A 75 1.24 -8.68 17.97
C ALA A 75 1.75 -7.28 17.64
N GLY A 76 0.87 -6.29 17.77
CA GLY A 76 1.24 -4.92 17.49
C GLY A 76 0.11 -3.94 17.72
N GLY A 1 -11.76 16.51 -16.31
CA GLY A 1 -11.99 16.24 -14.90
C GLY A 1 -11.27 15.00 -14.42
N SER A 2 -11.25 14.80 -13.10
CA SER A 2 -10.59 13.64 -12.51
C SER A 2 -11.13 13.37 -11.11
N SER A 3 -11.41 12.09 -10.83
CA SER A 3 -11.93 11.70 -9.53
C SER A 3 -11.21 10.45 -9.01
N GLY A 4 -11.48 10.09 -7.76
CA GLY A 4 -10.86 8.92 -7.18
C GLY A 4 -11.40 7.63 -7.75
N SER A 5 -10.90 6.50 -7.24
CA SER A 5 -11.34 5.19 -7.72
C SER A 5 -12.40 4.61 -6.78
N SER A 6 -13.16 3.63 -7.30
CA SER A 6 -14.21 3.00 -6.52
C SER A 6 -13.73 1.66 -5.96
N GLY A 7 -13.53 1.63 -4.64
CA GLY A 7 -13.08 0.41 -4.00
C GLY A 7 -13.75 0.17 -2.67
N GLU A 8 -13.10 -0.59 -1.80
CA GLU A 8 -13.66 -0.90 -0.49
C GLU A 8 -12.92 -0.12 0.61
N GLY A 9 -12.62 1.13 0.32
CA GLY A 9 -11.92 1.97 1.28
C GLY A 9 -10.47 2.21 0.90
N VAL A 10 -9.86 3.21 1.53
CA VAL A 10 -8.47 3.55 1.24
C VAL A 10 -7.58 3.22 2.44
N VAL A 11 -6.39 2.69 2.16
CA VAL A 11 -5.44 2.33 3.21
C VAL A 11 -4.07 2.95 2.94
N GLU A 12 -3.63 3.81 3.84
CA GLU A 12 -2.33 4.47 3.70
C GLU A 12 -1.28 3.76 4.54
N ALA A 13 -0.20 3.33 3.88
CA ALA A 13 0.88 2.64 4.57
C ALA A 13 2.17 3.45 4.49
N VAL A 14 3.11 3.13 5.37
CA VAL A 14 4.40 3.83 5.41
C VAL A 14 5.52 2.94 4.88
N ALA A 15 6.38 3.52 4.04
CA ALA A 15 7.50 2.79 3.47
C ALA A 15 8.47 2.34 4.55
N CYS A 16 8.41 1.06 4.89
CA CYS A 16 9.30 0.50 5.90
C CYS A 16 10.75 0.48 5.43
N PHE A 17 10.92 0.39 4.12
CA PHE A 17 12.26 0.37 3.53
C PHE A 17 12.26 1.00 2.14
N ALA A 18 13.39 1.57 1.75
CA ALA A 18 13.53 2.21 0.45
C ALA A 18 13.48 1.19 -0.67
N TYR A 19 12.61 1.42 -1.65
CA TYR A 19 12.46 0.50 -2.77
C TYR A 19 12.56 1.25 -4.10
N THR A 20 12.99 0.55 -5.15
CA THR A 20 13.13 1.15 -6.47
C THR A 20 12.42 0.32 -7.52
N GLY A 21 11.22 0.74 -7.91
CA GLY A 21 10.46 0.02 -8.91
C GLY A 21 11.32 -0.44 -10.06
N ARG A 22 11.13 -1.69 -10.48
CA ARG A 22 11.91 -2.26 -11.57
C ARG A 22 11.34 -1.81 -12.92
N THR A 23 10.02 -1.68 -12.99
CA THR A 23 9.36 -1.26 -14.22
C THR A 23 8.31 -0.18 -13.94
N ALA A 24 7.93 0.55 -14.98
CA ALA A 24 6.94 1.61 -14.84
C ALA A 24 5.80 1.18 -13.93
N GLN A 25 5.30 -0.03 -14.14
CA GLN A 25 4.20 -0.56 -13.33
C GLN A 25 4.48 -0.37 -11.85
N GLU A 26 5.73 -0.62 -11.45
CA GLU A 26 6.12 -0.47 -10.05
C GLU A 26 6.55 0.96 -9.76
N LEU A 27 6.26 1.41 -8.54
CA LEU A 27 6.61 2.77 -8.12
C LEU A 27 7.97 2.79 -7.42
N SER A 28 8.41 3.98 -7.04
CA SER A 28 9.69 4.14 -6.36
C SER A 28 9.58 5.16 -5.23
N PHE A 29 9.71 4.69 -3.99
CA PHE A 29 9.62 5.57 -2.83
C PHE A 29 10.77 5.29 -1.87
N ARG A 30 11.05 6.25 -1.00
CA ARG A 30 12.12 6.12 -0.02
C ARG A 30 11.56 5.84 1.37
N ARG A 31 12.35 5.19 2.21
CA ARG A 31 11.93 4.86 3.57
C ARG A 31 11.28 6.07 4.24
N GLY A 32 10.04 5.89 4.68
CA GLY A 32 9.32 6.97 5.33
C GLY A 32 8.24 7.55 4.46
N ASP A 33 8.47 7.55 3.15
CA ASP A 33 7.50 8.09 2.19
C ASP A 33 6.19 7.32 2.26
N VAL A 34 5.13 8.01 2.67
CA VAL A 34 3.81 7.39 2.78
C VAL A 34 3.16 7.25 1.41
N LEU A 35 2.45 6.14 1.22
CA LEU A 35 1.77 5.88 -0.05
C LEU A 35 0.32 5.43 0.19
N ARG A 36 -0.60 5.99 -0.59
CA ARG A 36 -2.01 5.64 -0.47
C ARG A 36 -2.34 4.40 -1.30
N LEU A 37 -2.76 3.34 -0.62
CA LEU A 37 -3.10 2.09 -1.29
C LEU A 37 -4.55 2.13 -1.77
N HIS A 38 -4.75 2.46 -3.04
CA HIS A 38 -6.09 2.53 -3.61
C HIS A 38 -6.86 1.25 -3.32
N GLU A 39 -6.29 0.11 -3.71
CA GLU A 39 -6.93 -1.18 -3.49
C GLU A 39 -5.95 -2.32 -3.76
N ARG A 40 -6.14 -3.43 -3.04
CA ARG A 40 -5.28 -4.59 -3.20
C ARG A 40 -5.15 -4.98 -4.66
N ALA A 41 -3.91 -4.99 -5.16
CA ALA A 41 -3.66 -5.36 -6.55
C ALA A 41 -3.36 -6.84 -6.69
N SER A 42 -2.49 -7.36 -5.84
CA SER A 42 -2.13 -8.77 -5.87
C SER A 42 -1.99 -9.33 -4.46
N SER A 43 -1.56 -10.58 -4.36
CA SER A 43 -1.38 -11.23 -3.08
C SER A 43 -0.30 -10.54 -2.26
N ASP A 44 0.80 -10.19 -2.91
CA ASP A 44 1.90 -9.52 -2.24
C ASP A 44 2.20 -8.17 -2.90
N TRP A 45 1.14 -7.50 -3.35
CA TRP A 45 1.28 -6.20 -3.99
C TRP A 45 0.05 -5.34 -3.75
N TRP A 46 0.20 -4.03 -3.94
CA TRP A 46 -0.91 -3.10 -3.74
C TRP A 46 -0.90 -2.03 -4.82
N ARG A 47 -1.97 -1.24 -4.86
CA ARG A 47 -2.11 -0.17 -5.85
C ARG A 47 -2.08 1.20 -5.18
N GLY A 48 -1.21 2.07 -5.66
CA GLY A 48 -1.10 3.40 -5.09
C GLY A 48 -0.55 4.41 -6.08
N GLU A 49 -0.46 5.67 -5.66
CA GLU A 49 0.05 6.73 -6.52
C GLU A 49 0.99 7.65 -5.74
N HIS A 50 2.23 7.74 -6.19
CA HIS A 50 3.22 8.59 -5.54
C HIS A 50 3.04 10.05 -5.96
N ASN A 51 3.93 10.91 -5.47
CA ASN A 51 3.87 12.34 -5.78
C ASN A 51 4.16 12.58 -7.26
N GLY A 52 3.19 12.21 -8.11
CA GLY A 52 3.35 12.40 -9.54
C GLY A 52 3.50 11.08 -10.29
N MET A 53 3.75 10.01 -9.55
CA MET A 53 3.90 8.69 -10.14
C MET A 53 2.76 7.77 -9.73
N ARG A 54 2.59 6.69 -10.48
CA ARG A 54 1.53 5.73 -10.20
C ARG A 54 1.96 4.31 -10.55
N GLY A 55 1.63 3.35 -9.69
CA GLY A 55 1.99 1.98 -9.93
C GLY A 55 1.68 1.07 -8.75
N LEU A 56 2.24 -0.12 -8.75
CA LEU A 56 2.01 -1.09 -7.68
C LEU A 56 2.91 -0.78 -6.47
N ILE A 57 2.62 -1.44 -5.36
CA ILE A 57 3.41 -1.25 -4.14
C ILE A 57 3.72 -2.58 -3.47
N PRO A 58 4.98 -2.77 -3.08
CA PRO A 58 5.44 -3.99 -2.43
C PRO A 58 4.89 -4.12 -1.00
N HIS A 59 4.16 -5.21 -0.75
CA HIS A 59 3.59 -5.45 0.57
C HIS A 59 4.66 -5.88 1.56
N LYS A 60 5.89 -6.05 1.07
CA LYS A 60 7.00 -6.46 1.91
C LYS A 60 7.80 -5.24 2.39
N TYR A 61 7.79 -4.19 1.58
CA TYR A 61 8.51 -2.96 1.92
C TYR A 61 7.55 -1.88 2.41
N ILE A 62 6.43 -2.30 2.99
CA ILE A 62 5.43 -1.37 3.49
C ILE A 62 4.70 -1.94 4.69
N THR A 63 4.49 -1.10 5.71
CA THR A 63 3.81 -1.52 6.92
C THR A 63 2.42 -0.90 7.01
N LEU A 64 1.40 -1.69 6.72
CA LEU A 64 0.01 -1.23 6.77
C LEU A 64 -0.30 -0.61 8.13
N PRO A 65 -1.24 0.34 8.14
CA PRO A 65 -1.65 1.03 9.37
C PRO A 65 -2.43 0.12 10.31
N ALA A 66 -2.62 0.58 11.55
CA ALA A 66 -3.35 -0.20 12.54
C ALA A 66 -4.73 -0.58 12.04
N GLY A 67 -4.93 -1.87 11.79
CA GLY A 67 -6.21 -2.35 11.29
C GLY A 67 -6.10 -3.65 10.54
N THR A 68 -5.39 -3.63 9.42
CA THR A 68 -5.21 -4.81 8.59
C THR A 68 -4.86 -6.02 9.45
N GLU A 69 -3.78 -5.90 10.22
CA GLU A 69 -3.33 -6.99 11.09
C GLU A 69 -4.21 -7.08 12.34
N LYS A 70 -5.20 -7.97 12.30
CA LYS A 70 -6.11 -8.15 13.42
C LYS A 70 -6.14 -9.61 13.87
N GLN A 71 -5.70 -9.86 15.09
CA GLN A 71 -5.67 -11.22 15.63
C GLN A 71 -6.91 -11.49 16.47
N VAL A 72 -7.82 -12.29 15.93
CA VAL A 72 -9.07 -12.64 16.63
C VAL A 72 -8.83 -13.75 17.63
N VAL A 73 -8.65 -13.38 18.90
CA VAL A 73 -8.43 -14.34 19.97
C VAL A 73 -9.26 -15.60 19.75
N GLY A 74 -10.44 -15.43 19.15
CA GLY A 74 -11.31 -16.56 18.89
C GLY A 74 -12.69 -16.36 19.48
N ALA A 75 -12.76 -16.22 20.80
CA ALA A 75 -14.03 -16.02 21.49
C ALA A 75 -15.07 -17.04 21.01
N GLY A 76 -14.65 -18.28 20.86
CA GLY A 76 -15.55 -19.32 20.41
C GLY A 76 -16.91 -19.24 21.08
N GLY A 1 -19.98 5.06 14.34
CA GLY A 1 -19.94 5.71 13.04
C GLY A 1 -20.65 4.91 11.97
N SER A 2 -20.35 5.20 10.71
CA SER A 2 -20.97 4.50 9.59
C SER A 2 -20.08 4.55 8.36
N SER A 3 -20.32 3.64 7.42
CA SER A 3 -19.54 3.56 6.20
C SER A 3 -19.16 4.96 5.72
N GLY A 4 -17.86 5.24 5.69
CA GLY A 4 -17.39 6.54 5.24
C GLY A 4 -15.88 6.67 5.34
N SER A 5 -15.41 7.88 5.62
CA SER A 5 -13.98 8.15 5.74
C SER A 5 -13.26 6.94 6.34
N SER A 6 -13.64 6.59 7.57
CA SER A 6 -13.02 5.47 8.27
C SER A 6 -13.53 4.14 7.71
N GLY A 7 -12.61 3.20 7.51
CA GLY A 7 -12.98 1.91 6.99
C GLY A 7 -12.95 1.85 5.47
N GLU A 8 -13.99 2.38 4.84
CA GLU A 8 -14.08 2.40 3.38
C GLU A 8 -13.38 3.63 2.81
N GLY A 9 -12.42 3.40 1.93
CA GLY A 9 -11.69 4.50 1.33
C GLY A 9 -10.30 4.10 0.86
N VAL A 10 -9.29 4.74 1.43
CA VAL A 10 -7.90 4.44 1.06
C VAL A 10 -7.08 4.12 2.31
N VAL A 11 -6.23 3.10 2.19
CA VAL A 11 -5.38 2.68 3.31
C VAL A 11 -3.96 3.22 3.14
N GLU A 12 -3.62 4.24 3.92
CA GLU A 12 -2.30 4.84 3.86
C GLU A 12 -1.27 3.98 4.58
N ALA A 13 -0.23 3.60 3.86
CA ALA A 13 0.83 2.76 4.42
C ALA A 13 2.17 3.48 4.39
N VAL A 14 3.09 3.07 5.26
CA VAL A 14 4.41 3.67 5.32
C VAL A 14 5.48 2.71 4.81
N ALA A 15 6.46 3.26 4.10
CA ALA A 15 7.54 2.45 3.55
C ALA A 15 8.61 2.17 4.60
N CYS A 16 8.67 0.93 5.06
CA CYS A 16 9.64 0.53 6.06
C CYS A 16 11.05 0.52 5.48
N PHE A 17 11.15 0.38 4.16
CA PHE A 17 12.43 0.35 3.48
C PHE A 17 12.34 0.97 2.10
N ALA A 18 13.43 1.55 1.63
CA ALA A 18 13.47 2.17 0.31
C ALA A 18 13.35 1.12 -0.79
N TYR A 19 12.48 1.40 -1.77
CA TYR A 19 12.27 0.49 -2.89
C TYR A 19 12.47 1.19 -4.22
N THR A 20 12.75 0.42 -5.26
CA THR A 20 12.97 0.96 -6.59
C THR A 20 12.25 0.13 -7.65
N GLY A 21 11.13 0.67 -8.16
CA GLY A 21 10.38 -0.03 -9.17
C GLY A 21 11.22 -0.46 -10.35
N ARG A 22 11.14 -1.72 -10.72
CA ARG A 22 11.91 -2.25 -11.84
C ARG A 22 11.33 -1.80 -13.17
N THR A 23 10.00 -1.77 -13.25
CA THR A 23 9.31 -1.35 -14.46
C THR A 23 8.34 -0.21 -14.18
N ALA A 24 7.91 0.47 -15.24
CA ALA A 24 6.97 1.57 -15.11
C ALA A 24 5.83 1.22 -14.15
N GLN A 25 5.36 -0.02 -14.24
CA GLN A 25 4.27 -0.48 -13.39
C GLN A 25 4.60 -0.24 -11.91
N GLU A 26 5.80 -0.64 -11.51
CA GLU A 26 6.23 -0.47 -10.13
C GLU A 26 6.57 0.99 -9.83
N LEU A 27 6.44 1.39 -8.58
CA LEU A 27 6.73 2.76 -8.16
C LEU A 27 8.08 2.83 -7.46
N SER A 28 8.50 4.05 -7.13
CA SER A 28 9.77 4.27 -6.45
C SER A 28 9.61 5.25 -5.30
N PHE A 29 9.86 4.77 -4.08
CA PHE A 29 9.74 5.61 -2.89
C PHE A 29 10.84 5.27 -1.89
N ARG A 30 11.12 6.22 -0.99
CA ARG A 30 12.15 6.03 0.03
C ARG A 30 11.52 5.84 1.40
N ARG A 31 12.21 5.09 2.26
CA ARG A 31 11.72 4.83 3.61
C ARG A 31 11.08 6.08 4.21
N GLY A 32 9.91 5.91 4.82
CA GLY A 32 9.22 7.03 5.42
C GLY A 32 8.17 7.62 4.49
N ASP A 33 8.41 7.51 3.19
CA ASP A 33 7.48 8.04 2.19
C ASP A 33 6.17 7.28 2.21
N VAL A 34 5.09 7.96 2.58
CA VAL A 34 3.78 7.34 2.63
C VAL A 34 3.21 7.11 1.23
N LEU A 35 2.29 6.17 1.11
CA LEU A 35 1.67 5.86 -0.18
C LEU A 35 0.21 5.43 0.01
N ARG A 36 -0.68 6.02 -0.76
CA ARG A 36 -2.10 5.70 -0.68
C ARG A 36 -2.39 4.38 -1.40
N LEU A 37 -2.91 3.42 -0.65
CA LEU A 37 -3.23 2.10 -1.20
C LEU A 37 -4.67 2.06 -1.70
N HIS A 38 -4.86 2.30 -3.00
CA HIS A 38 -6.19 2.29 -3.59
C HIS A 38 -6.87 0.94 -3.38
N GLU A 39 -6.25 -0.11 -3.90
CA GLU A 39 -6.81 -1.46 -3.78
C GLU A 39 -5.73 -2.51 -4.02
N ARG A 40 -5.85 -3.64 -3.33
CA ARG A 40 -4.88 -4.72 -3.47
C ARG A 40 -4.66 -5.07 -4.94
N ALA A 41 -3.39 -5.25 -5.31
CA ALA A 41 -3.04 -5.60 -6.68
C ALA A 41 -2.71 -7.08 -6.82
N SER A 42 -1.97 -7.60 -5.85
CA SER A 42 -1.58 -9.01 -5.86
C SER A 42 -1.54 -9.58 -4.45
N SER A 43 -1.32 -10.88 -4.35
CA SER A 43 -1.27 -11.55 -3.05
C SER A 43 -0.34 -10.81 -2.10
N ASP A 44 0.73 -10.25 -2.64
CA ASP A 44 1.71 -9.51 -1.85
C ASP A 44 2.05 -8.18 -2.50
N TRP A 45 1.04 -7.52 -3.05
CA TRP A 45 1.23 -6.23 -3.70
C TRP A 45 0.00 -5.35 -3.56
N TRP A 46 0.16 -4.05 -3.81
CA TRP A 46 -0.96 -3.12 -3.72
C TRP A 46 -0.90 -2.10 -4.85
N ARG A 47 -1.92 -1.25 -4.92
CA ARG A 47 -1.99 -0.22 -5.96
C ARG A 47 -2.14 1.16 -5.35
N GLY A 48 -1.11 1.99 -5.51
CA GLY A 48 -1.14 3.33 -4.96
C GLY A 48 -0.59 4.36 -5.94
N GLU A 49 -0.55 5.62 -5.50
CA GLU A 49 -0.05 6.70 -6.34
C GLU A 49 0.94 7.56 -5.57
N HIS A 50 2.17 7.65 -6.08
CA HIS A 50 3.20 8.46 -5.43
C HIS A 50 3.03 9.93 -5.77
N ASN A 51 3.97 10.76 -5.29
CA ASN A 51 3.91 12.20 -5.54
C ASN A 51 4.14 12.50 -7.01
N GLY A 52 3.11 12.27 -7.83
CA GLY A 52 3.22 12.52 -9.26
C GLY A 52 3.34 11.25 -10.06
N MET A 53 3.54 10.13 -9.37
CA MET A 53 3.69 8.84 -10.03
C MET A 53 2.55 7.90 -9.63
N ARG A 54 2.35 6.84 -10.43
CA ARG A 54 1.30 5.88 -10.16
C ARG A 54 1.75 4.48 -10.55
N GLY A 55 1.51 3.51 -9.66
CA GLY A 55 1.90 2.14 -9.92
C GLY A 55 1.59 1.22 -8.76
N LEU A 56 2.18 0.03 -8.78
CA LEU A 56 1.97 -0.95 -7.73
C LEU A 56 2.82 -0.63 -6.49
N ILE A 57 2.57 -1.36 -5.41
CA ILE A 57 3.31 -1.15 -4.17
C ILE A 57 3.61 -2.47 -3.48
N PRO A 58 4.88 -2.67 -3.08
CA PRO A 58 5.32 -3.89 -2.40
C PRO A 58 4.76 -3.99 -0.98
N HIS A 59 4.02 -5.07 -0.72
CA HIS A 59 3.43 -5.29 0.59
C HIS A 59 4.49 -5.77 1.59
N LYS A 60 5.71 -5.95 1.11
CA LYS A 60 6.80 -6.39 1.96
C LYS A 60 7.64 -5.21 2.44
N TYR A 61 7.63 -4.13 1.67
CA TYR A 61 8.38 -2.93 2.02
C TYR A 61 7.46 -1.87 2.60
N ILE A 62 6.41 -2.30 3.28
CA ILE A 62 5.45 -1.39 3.88
C ILE A 62 4.83 -1.98 5.14
N THR A 63 4.19 -1.14 5.94
CA THR A 63 3.55 -1.58 7.17
C THR A 63 2.11 -1.07 7.26
N LEU A 64 1.17 -1.90 6.83
CA LEU A 64 -0.24 -1.55 6.86
C LEU A 64 -0.67 -1.15 8.27
N PRO A 65 -1.73 -0.32 8.35
CA PRO A 65 -2.25 0.15 9.63
C PRO A 65 -2.95 -0.95 10.42
N ALA A 66 -3.83 -1.69 9.76
CA ALA A 66 -4.56 -2.78 10.38
C ALA A 66 -5.18 -3.71 9.35
N GLY A 67 -5.53 -4.92 9.77
CA GLY A 67 -6.12 -5.88 8.86
C GLY A 67 -5.10 -6.55 7.97
N THR A 68 -3.94 -6.87 8.54
CA THR A 68 -2.87 -7.52 7.78
C THR A 68 -2.97 -9.03 7.87
N GLU A 69 -3.25 -9.53 9.07
CA GLU A 69 -3.37 -10.97 9.29
C GLU A 69 -2.09 -11.69 8.86
N LYS A 70 -0.97 -10.99 8.90
CA LYS A 70 0.31 -11.55 8.52
C LYS A 70 0.56 -12.88 9.24
N GLN A 71 1.56 -13.61 8.78
CA GLN A 71 1.90 -14.90 9.39
C GLN A 71 2.12 -14.76 10.89
N VAL A 72 1.72 -15.78 11.64
CA VAL A 72 1.87 -15.76 13.10
C VAL A 72 3.31 -15.46 13.49
N VAL A 73 3.56 -14.25 13.97
CA VAL A 73 4.89 -13.83 14.39
C VAL A 73 5.13 -14.16 15.86
N GLY A 74 6.25 -14.81 16.14
CA GLY A 74 6.58 -15.18 17.50
C GLY A 74 6.72 -13.97 18.40
N ALA A 75 6.58 -14.17 19.70
CA ALA A 75 6.69 -13.09 20.67
C ALA A 75 7.95 -13.24 21.52
N GLY A 76 8.58 -12.12 21.86
CA GLY A 76 9.79 -12.15 22.66
C GLY A 76 10.79 -13.18 22.17
N GLY A 1 -6.19 10.98 21.62
CA GLY A 1 -7.41 11.64 21.21
C GLY A 1 -8.59 10.68 21.13
N SER A 2 -9.79 11.20 21.37
CA SER A 2 -11.00 10.39 21.34
C SER A 2 -11.67 10.47 19.98
N SER A 3 -11.81 11.69 19.46
CA SER A 3 -12.43 11.91 18.17
C SER A 3 -11.47 12.60 17.21
N GLY A 4 -11.33 12.03 16.01
CA GLY A 4 -10.44 12.60 15.02
C GLY A 4 -11.14 12.91 13.71
N SER A 5 -11.11 11.95 12.79
CA SER A 5 -11.74 12.12 11.48
C SER A 5 -11.92 10.78 10.78
N SER A 6 -12.86 10.72 9.85
CA SER A 6 -13.13 9.50 9.11
C SER A 6 -12.70 9.64 7.64
N GLY A 7 -12.26 8.53 7.06
CA GLY A 7 -11.81 8.55 5.67
C GLY A 7 -11.86 7.18 5.04
N GLU A 8 -12.89 6.41 5.35
CA GLU A 8 -13.04 5.07 4.80
C GLU A 8 -12.83 5.07 3.29
N GLY A 9 -12.48 3.91 2.74
CA GLY A 9 -12.26 3.80 1.31
C GLY A 9 -10.81 3.47 0.98
N VAL A 10 -9.94 4.49 1.09
CA VAL A 10 -8.52 4.31 0.79
C VAL A 10 -7.71 4.25 2.07
N VAL A 11 -6.68 3.41 2.07
CA VAL A 11 -5.80 3.26 3.23
C VAL A 11 -4.43 3.87 2.97
N GLU A 12 -3.76 4.29 4.04
CA GLU A 12 -2.44 4.89 3.94
C GLU A 12 -1.40 4.05 4.67
N ALA A 13 -0.34 3.67 3.95
CA ALA A 13 0.72 2.86 4.54
C ALA A 13 2.07 3.59 4.46
N VAL A 14 3.01 3.18 5.30
CA VAL A 14 4.33 3.79 5.33
C VAL A 14 5.39 2.83 4.79
N ALA A 15 6.43 3.39 4.19
CA ALA A 15 7.51 2.59 3.64
C ALA A 15 8.55 2.25 4.71
N CYS A 16 8.61 0.99 5.10
CA CYS A 16 9.55 0.54 6.11
C CYS A 16 10.97 0.52 5.55
N PHE A 17 11.10 0.21 4.27
CA PHE A 17 12.40 0.15 3.62
C PHE A 17 12.35 0.82 2.25
N ALA A 18 13.50 1.28 1.78
CA ALA A 18 13.60 1.95 0.48
C ALA A 18 13.42 0.95 -0.66
N TYR A 19 12.57 1.29 -1.61
CA TYR A 19 12.30 0.42 -2.75
C TYR A 19 12.46 1.18 -4.06
N THR A 20 12.69 0.45 -5.15
CA THR A 20 12.86 1.05 -6.46
C THR A 20 12.17 0.21 -7.54
N GLY A 21 11.07 0.73 -8.07
CA GLY A 21 10.33 0.03 -9.09
C GLY A 21 11.20 -0.32 -10.29
N ARG A 22 11.07 -1.56 -10.78
CA ARG A 22 11.86 -2.01 -11.91
C ARG A 22 11.28 -1.49 -13.22
N THR A 23 9.95 -1.51 -13.33
CA THR A 23 9.27 -1.03 -14.53
C THR A 23 8.27 0.07 -14.19
N ALA A 24 7.70 0.67 -15.23
CA ALA A 24 6.73 1.74 -15.04
C ALA A 24 5.61 1.31 -14.10
N GLN A 25 5.16 0.07 -14.25
CA GLN A 25 4.10 -0.47 -13.41
C GLN A 25 4.44 -0.29 -11.92
N GLU A 26 5.67 -0.61 -11.55
CA GLU A 26 6.11 -0.49 -10.18
C GLU A 26 6.48 0.95 -9.85
N LEU A 27 6.43 1.30 -8.57
CA LEU A 27 6.75 2.65 -8.12
C LEU A 27 8.08 2.67 -7.37
N SER A 28 8.52 3.87 -7.00
CA SER A 28 9.78 4.03 -6.28
C SER A 28 9.62 5.04 -5.14
N PHE A 29 9.92 4.60 -3.92
CA PHE A 29 9.82 5.46 -2.75
C PHE A 29 10.89 5.11 -1.73
N ARG A 30 11.14 6.04 -0.81
CA ARG A 30 12.15 5.85 0.23
C ARG A 30 11.49 5.64 1.59
N ARG A 31 12.22 5.00 2.50
CA ARG A 31 11.72 4.75 3.84
C ARG A 31 11.12 6.00 4.45
N GLY A 32 9.86 5.92 4.87
CA GLY A 32 9.19 7.07 5.46
C GLY A 32 8.16 7.67 4.55
N ASP A 33 8.41 7.60 3.25
CA ASP A 33 7.48 8.15 2.26
C ASP A 33 6.14 7.42 2.30
N VAL A 34 5.10 8.13 2.73
CA VAL A 34 3.77 7.54 2.81
C VAL A 34 3.18 7.30 1.42
N LEU A 35 2.43 6.22 1.29
CA LEU A 35 1.82 5.87 0.01
C LEU A 35 0.36 5.43 0.21
N ARG A 36 -0.53 5.96 -0.62
CA ARG A 36 -1.94 5.62 -0.53
C ARG A 36 -2.23 4.32 -1.28
N LEU A 37 -2.76 3.33 -0.55
CA LEU A 37 -3.09 2.04 -1.14
C LEU A 37 -4.51 2.02 -1.65
N HIS A 38 -4.68 2.32 -2.94
CA HIS A 38 -6.00 2.33 -3.57
C HIS A 38 -6.72 1.01 -3.32
N GLU A 39 -6.15 -0.08 -3.81
CA GLU A 39 -6.75 -1.40 -3.65
C GLU A 39 -5.71 -2.49 -3.90
N ARG A 40 -5.92 -3.65 -3.27
CA ARG A 40 -5.01 -4.78 -3.42
C ARG A 40 -4.77 -5.09 -4.89
N ALA A 41 -3.50 -5.25 -5.27
CA ALA A 41 -3.14 -5.55 -6.64
C ALA A 41 -2.82 -7.04 -6.81
N SER A 42 -2.04 -7.58 -5.87
CA SER A 42 -1.65 -8.98 -5.91
C SER A 42 -1.58 -9.56 -4.50
N SER A 43 -1.25 -10.85 -4.42
CA SER A 43 -1.14 -11.54 -3.15
C SER A 43 -0.25 -10.75 -2.18
N ASP A 44 0.87 -10.26 -2.69
CA ASP A 44 1.81 -9.49 -1.88
C ASP A 44 2.12 -8.16 -2.54
N TRP A 45 1.09 -7.51 -3.08
CA TRP A 45 1.27 -6.23 -3.75
C TRP A 45 0.02 -5.36 -3.60
N TRP A 46 0.16 -4.07 -3.86
CA TRP A 46 -0.96 -3.13 -3.75
C TRP A 46 -0.96 -2.16 -4.93
N ARG A 47 -1.93 -1.24 -4.92
CA ARG A 47 -2.04 -0.25 -5.98
C ARG A 47 -2.20 1.15 -5.40
N GLY A 48 -1.20 2.00 -5.62
CA GLY A 48 -1.25 3.35 -5.11
C GLY A 48 -0.69 4.36 -6.09
N GLU A 49 -0.66 5.62 -5.68
CA GLU A 49 -0.14 6.69 -6.54
C GLU A 49 0.85 7.57 -5.78
N HIS A 50 2.11 7.52 -6.20
CA HIS A 50 3.16 8.30 -5.55
C HIS A 50 3.13 9.75 -6.04
N ASN A 51 4.08 10.55 -5.56
CA ASN A 51 4.15 11.95 -5.94
C ASN A 51 4.29 12.09 -7.46
N GLY A 52 3.18 12.36 -8.13
CA GLY A 52 3.19 12.52 -9.57
C GLY A 52 3.44 11.20 -10.29
N MET A 53 3.42 10.11 -9.54
CA MET A 53 3.65 8.79 -10.12
C MET A 53 2.52 7.83 -9.75
N ARG A 54 2.32 6.82 -10.58
CA ARG A 54 1.28 5.83 -10.33
C ARG A 54 1.76 4.42 -10.67
N GLY A 55 1.49 3.48 -9.76
CA GLY A 55 1.91 2.11 -9.99
C GLY A 55 1.59 1.21 -8.80
N LEU A 56 2.15 0.00 -8.82
CA LEU A 56 1.91 -0.95 -7.73
C LEU A 56 2.79 -0.63 -6.52
N ILE A 57 2.55 -1.33 -5.43
CA ILE A 57 3.31 -1.13 -4.20
C ILE A 57 3.65 -2.46 -3.54
N PRO A 58 4.92 -2.63 -3.17
CA PRO A 58 5.41 -3.85 -2.52
C PRO A 58 4.88 -3.99 -1.09
N HIS A 59 4.27 -5.13 -0.80
CA HIS A 59 3.73 -5.39 0.53
C HIS A 59 4.82 -5.83 1.49
N LYS A 60 5.97 -6.21 0.94
CA LYS A 60 7.10 -6.65 1.75
C LYS A 60 8.02 -5.49 2.08
N TYR A 61 7.69 -4.31 1.57
CA TYR A 61 8.48 -3.11 1.82
C TYR A 61 7.63 -1.98 2.39
N ILE A 62 6.61 -2.36 3.16
CA ILE A 62 5.71 -1.39 3.77
C ILE A 62 5.16 -1.90 5.09
N THR A 63 4.40 -1.07 5.78
CA THR A 63 3.82 -1.43 7.06
C THR A 63 2.37 -0.94 7.17
N LEU A 64 1.44 -1.88 7.26
CA LEU A 64 0.02 -1.53 7.38
C LEU A 64 -0.30 -1.05 8.78
N PRO A 65 -1.37 -0.23 8.90
CA PRO A 65 -1.81 0.32 10.17
C PRO A 65 -2.41 -0.74 11.09
N ALA A 66 -2.21 -0.58 12.39
CA ALA A 66 -2.74 -1.53 13.37
C ALA A 66 -4.09 -2.07 12.94
N GLY A 67 -4.90 -1.21 12.32
CA GLY A 67 -6.22 -1.63 11.87
C GLY A 67 -6.16 -2.42 10.59
N THR A 68 -5.68 -3.65 10.67
CA THR A 68 -5.58 -4.51 9.50
C THR A 68 -6.03 -5.93 9.82
N GLU A 69 -6.95 -6.45 9.01
CA GLU A 69 -7.48 -7.79 9.21
C GLU A 69 -6.87 -8.77 8.20
N LYS A 70 -6.00 -9.65 8.68
CA LYS A 70 -5.36 -10.64 7.82
C LYS A 70 -6.28 -11.82 7.55
N GLN A 71 -6.64 -12.02 6.29
CA GLN A 71 -7.53 -13.11 5.91
C GLN A 71 -6.90 -14.46 6.27
N VAL A 72 -5.74 -14.74 5.68
CA VAL A 72 -5.04 -15.99 5.94
C VAL A 72 -3.64 -15.74 6.51
N VAL A 73 -3.21 -16.62 7.40
CA VAL A 73 -1.89 -16.50 8.01
C VAL A 73 -1.12 -17.81 7.93
N GLY A 74 0.17 -17.71 7.62
CA GLY A 74 1.00 -18.89 7.52
C GLY A 74 2.16 -18.88 8.50
N ALA A 75 2.97 -17.83 8.44
CA ALA A 75 4.11 -17.69 9.33
C ALA A 75 3.69 -17.75 10.79
N GLY A 76 2.85 -16.79 11.19
CA GLY A 76 2.38 -16.75 12.57
C GLY A 76 1.54 -15.53 12.85
N GLY A 1 -14.97 11.42 -10.15
CA GLY A 1 -16.03 10.43 -10.15
C GLY A 1 -15.74 9.27 -9.21
N SER A 2 -16.74 8.43 -8.99
CA SER A 2 -16.59 7.28 -8.10
C SER A 2 -17.64 6.21 -8.41
N SER A 3 -17.42 5.02 -7.87
CA SER A 3 -18.34 3.90 -8.08
C SER A 3 -19.37 3.82 -6.97
N GLY A 4 -18.89 3.87 -5.73
CA GLY A 4 -19.79 3.81 -4.58
C GLY A 4 -20.00 5.15 -3.93
N SER A 5 -21.26 5.52 -3.74
CA SER A 5 -21.58 6.80 -3.12
C SER A 5 -21.68 6.67 -1.60
N SER A 6 -20.73 5.93 -1.03
CA SER A 6 -20.70 5.72 0.42
C SER A 6 -19.36 6.15 1.01
N GLY A 7 -19.30 7.41 1.45
CA GLY A 7 -18.08 7.92 2.03
C GLY A 7 -16.85 7.54 1.23
N GLU A 8 -15.67 7.78 1.79
CA GLU A 8 -14.42 7.46 1.13
C GLU A 8 -13.68 6.34 1.85
N GLY A 9 -12.76 5.69 1.14
CA GLY A 9 -12.01 4.60 1.72
C GLY A 9 -10.61 4.50 1.15
N VAL A 10 -9.60 4.78 1.99
CA VAL A 10 -8.21 4.71 1.56
C VAL A 10 -7.30 4.30 2.72
N VAL A 11 -6.39 3.37 2.45
CA VAL A 11 -5.46 2.90 3.45
C VAL A 11 -4.05 3.43 3.20
N GLU A 12 -3.60 4.32 4.07
CA GLU A 12 -2.28 4.91 3.95
C GLU A 12 -1.22 4.03 4.64
N ALA A 13 -0.24 3.60 3.86
CA ALA A 13 0.83 2.75 4.39
C ALA A 13 2.17 3.48 4.37
N VAL A 14 3.08 3.05 5.24
CA VAL A 14 4.40 3.67 5.33
C VAL A 14 5.47 2.75 4.75
N ALA A 15 6.41 3.35 4.02
CA ALA A 15 7.50 2.59 3.41
C ALA A 15 8.54 2.19 4.44
N CYS A 16 8.44 0.95 4.91
CA CYS A 16 9.38 0.44 5.92
C CYS A 16 10.81 0.43 5.37
N PHE A 17 10.93 0.11 4.08
CA PHE A 17 12.24 0.05 3.44
C PHE A 17 12.21 0.78 2.10
N ALA A 18 13.36 1.33 1.72
CA ALA A 18 13.47 2.05 0.45
C ALA A 18 13.47 1.10 -0.73
N TYR A 19 12.59 1.35 -1.69
CA TYR A 19 12.48 0.51 -2.88
C TYR A 19 12.60 1.33 -4.15
N THR A 20 13.13 0.71 -5.21
CA THR A 20 13.31 1.40 -6.48
C THR A 20 12.66 0.61 -7.61
N GLY A 21 11.40 0.92 -7.91
CA GLY A 21 10.69 0.22 -8.97
C GLY A 21 11.59 -0.10 -10.14
N ARG A 22 11.43 -1.30 -10.70
CA ARG A 22 12.24 -1.73 -11.83
C ARG A 22 11.66 -1.19 -13.13
N THR A 23 10.35 -1.05 -13.19
CA THR A 23 9.67 -0.55 -14.39
C THR A 23 8.47 0.30 -14.01
N ALA A 24 7.80 0.85 -15.03
CA ALA A 24 6.63 1.69 -14.80
C ALA A 24 5.66 1.03 -13.84
N GLN A 25 5.26 -0.20 -14.14
CA GLN A 25 4.34 -0.94 -13.30
C GLN A 25 4.67 -0.75 -11.82
N GLU A 26 5.97 -0.79 -11.51
CA GLU A 26 6.41 -0.63 -10.14
C GLU A 26 6.74 0.82 -9.84
N LEU A 27 6.53 1.24 -8.59
CA LEU A 27 6.81 2.61 -8.17
C LEU A 27 8.11 2.68 -7.40
N SER A 28 8.58 3.92 -7.15
CA SER A 28 9.82 4.13 -6.41
C SER A 28 9.61 5.13 -5.28
N PHE A 29 9.95 4.71 -4.07
CA PHE A 29 9.79 5.57 -2.90
C PHE A 29 10.88 5.28 -1.86
N ARG A 30 11.15 6.25 -1.01
CA ARG A 30 12.17 6.10 0.02
C ARG A 30 11.52 5.88 1.39
N ARG A 31 12.16 5.04 2.21
CA ARG A 31 11.65 4.74 3.54
C ARG A 31 11.04 5.98 4.18
N GLY A 32 9.81 5.84 4.67
CA GLY A 32 9.13 6.96 5.30
C GLY A 32 8.06 7.57 4.40
N ASP A 33 8.33 7.60 3.10
CA ASP A 33 7.39 8.15 2.15
C ASP A 33 6.08 7.37 2.16
N VAL A 34 5.01 8.01 2.63
CA VAL A 34 3.70 7.38 2.70
C VAL A 34 3.08 7.24 1.32
N LEU A 35 2.35 6.16 1.09
CA LEU A 35 1.71 5.91 -0.19
C LEU A 35 0.26 5.47 0.01
N ARG A 36 -0.63 6.02 -0.82
CA ARG A 36 -2.05 5.68 -0.74
C ARG A 36 -2.34 4.37 -1.46
N LEU A 37 -2.97 3.45 -0.76
CA LEU A 37 -3.30 2.14 -1.33
C LEU A 37 -4.74 2.13 -1.85
N HIS A 38 -4.90 2.41 -3.14
CA HIS A 38 -6.22 2.43 -3.75
C HIS A 38 -6.97 1.13 -3.48
N GLU A 39 -6.39 0.02 -3.94
CA GLU A 39 -7.01 -1.29 -3.76
C GLU A 39 -5.98 -2.40 -3.96
N ARG A 40 -6.15 -3.50 -3.23
CA ARG A 40 -5.24 -4.64 -3.33
C ARG A 40 -4.95 -4.96 -4.79
N ALA A 41 -3.68 -5.20 -5.09
CA ALA A 41 -3.27 -5.53 -6.45
C ALA A 41 -2.96 -7.02 -6.58
N SER A 42 -2.26 -7.57 -5.59
CA SER A 42 -1.91 -8.98 -5.59
C SER A 42 -1.72 -9.50 -4.18
N SER A 43 -1.29 -10.76 -4.07
CA SER A 43 -1.07 -11.37 -2.76
C SER A 43 -0.14 -10.53 -1.90
N ASP A 44 1.01 -10.18 -2.47
CA ASP A 44 1.99 -9.37 -1.76
C ASP A 44 2.26 -8.06 -2.49
N TRP A 45 1.20 -7.46 -3.03
CA TRP A 45 1.33 -6.21 -3.76
C TRP A 45 0.06 -5.37 -3.61
N TRP A 46 0.19 -4.07 -3.88
CA TRP A 46 -0.95 -3.15 -3.77
C TRP A 46 -0.96 -2.16 -4.94
N ARG A 47 -1.93 -1.27 -4.93
CA ARG A 47 -2.06 -0.26 -5.98
C ARG A 47 -2.20 1.13 -5.40
N GLY A 48 -1.21 1.98 -5.65
CA GLY A 48 -1.25 3.34 -5.15
C GLY A 48 -0.66 4.34 -6.12
N GLU A 49 -0.62 5.61 -5.71
CA GLU A 49 -0.08 6.67 -6.56
C GLU A 49 0.89 7.56 -5.77
N HIS A 50 2.12 7.64 -6.25
CA HIS A 50 3.14 8.46 -5.59
C HIS A 50 2.96 9.94 -5.95
N ASN A 51 3.88 10.77 -5.46
CA ASN A 51 3.83 12.21 -5.73
C ASN A 51 4.08 12.49 -7.20
N GLY A 52 3.11 12.18 -8.04
CA GLY A 52 3.25 12.41 -9.47
C GLY A 52 3.40 11.12 -10.25
N MET A 53 3.59 10.02 -9.55
CA MET A 53 3.75 8.72 -10.18
C MET A 53 2.61 7.78 -9.80
N ARG A 54 2.42 6.74 -10.59
CA ARG A 54 1.37 5.76 -10.34
C ARG A 54 1.82 4.35 -10.67
N GLY A 55 1.50 3.40 -9.80
CA GLY A 55 1.88 2.03 -10.02
C GLY A 55 1.54 1.13 -8.86
N LEU A 56 2.14 -0.07 -8.82
CA LEU A 56 1.88 -1.02 -7.74
C LEU A 56 2.74 -0.70 -6.53
N ILE A 57 2.54 -1.47 -5.45
CA ILE A 57 3.30 -1.27 -4.22
C ILE A 57 3.58 -2.61 -3.54
N PRO A 58 4.86 -2.81 -3.16
CA PRO A 58 5.29 -4.04 -2.49
C PRO A 58 4.75 -4.15 -1.07
N HIS A 59 3.95 -5.19 -0.82
CA HIS A 59 3.37 -5.40 0.49
C HIS A 59 4.44 -5.79 1.50
N LYS A 60 5.56 -6.29 1.01
CA LYS A 60 6.66 -6.70 1.87
C LYS A 60 7.46 -5.49 2.34
N TYR A 61 7.64 -4.52 1.46
CA TYR A 61 8.38 -3.31 1.79
C TYR A 61 7.46 -2.23 2.32
N ILE A 62 6.53 -2.63 3.20
CA ILE A 62 5.58 -1.69 3.79
C ILE A 62 5.02 -2.24 5.09
N THR A 63 4.37 -1.37 5.87
CA THR A 63 3.79 -1.76 7.14
C THR A 63 2.38 -1.19 7.29
N LEU A 64 1.39 -2.06 7.10
CA LEU A 64 -0.01 -1.65 7.21
C LEU A 64 -0.36 -1.29 8.65
N PRO A 65 -1.33 -0.39 8.83
CA PRO A 65 -1.78 0.05 10.15
C PRO A 65 -2.52 -1.04 10.90
N ALA A 66 -2.52 -0.95 12.23
CA ALA A 66 -3.20 -1.93 13.06
C ALA A 66 -4.47 -2.44 12.39
N GLY A 67 -4.69 -3.75 12.48
CA GLY A 67 -5.87 -4.34 11.87
C GLY A 67 -5.52 -5.42 10.86
N THR A 68 -4.55 -5.13 10.00
CA THR A 68 -4.12 -6.07 8.98
C THR A 68 -3.76 -7.42 9.59
N GLU A 69 -4.06 -8.50 8.87
CA GLU A 69 -3.76 -9.85 9.34
C GLU A 69 -2.88 -10.59 8.35
N LYS A 70 -1.90 -9.89 7.79
CA LYS A 70 -0.98 -10.49 6.83
C LYS A 70 0.35 -10.84 7.48
N GLN A 71 0.98 -9.85 8.11
CA GLN A 71 2.25 -10.05 8.77
C GLN A 71 2.06 -10.70 10.14
N VAL A 72 1.96 -12.03 10.15
CA VAL A 72 1.77 -12.77 11.39
C VAL A 72 2.69 -12.25 12.49
N VAL A 73 3.99 -12.30 12.23
CA VAL A 73 4.98 -11.83 13.20
C VAL A 73 4.64 -10.42 13.68
N GLY A 74 4.95 -10.16 14.95
CA GLY A 74 4.69 -8.84 15.51
C GLY A 74 4.58 -8.86 17.01
N ALA A 75 5.19 -7.87 17.67
CA ALA A 75 5.15 -7.78 19.12
C ALA A 75 4.08 -6.80 19.59
N GLY A 76 3.66 -6.94 20.84
CA GLY A 76 2.64 -6.07 21.39
C GLY A 76 2.44 -6.26 22.88
N GLY A 1 -20.10 -15.25 -7.81
CA GLY A 1 -19.15 -14.80 -6.80
C GLY A 1 -19.25 -13.31 -6.55
N SER A 2 -19.99 -12.93 -5.51
CA SER A 2 -20.16 -11.52 -5.17
C SER A 2 -19.74 -11.27 -3.71
N SER A 3 -18.99 -10.20 -3.50
CA SER A 3 -18.52 -9.85 -2.16
C SER A 3 -19.48 -8.87 -1.50
N GLY A 4 -19.81 -7.80 -2.20
CA GLY A 4 -20.72 -6.81 -1.66
C GLY A 4 -20.37 -5.39 -2.09
N SER A 5 -21.00 -4.42 -1.47
CA SER A 5 -20.75 -3.01 -1.79
C SER A 5 -19.77 -2.39 -0.81
N SER A 6 -18.73 -3.14 -0.46
CA SER A 6 -17.71 -2.66 0.47
C SER A 6 -16.31 -2.94 -0.05
N GLY A 7 -15.40 -2.03 0.22
CA GLY A 7 -14.02 -2.19 -0.23
C GLY A 7 -13.35 -0.87 -0.53
N GLU A 8 -13.99 -0.06 -1.36
CA GLU A 8 -13.44 1.25 -1.73
C GLU A 8 -12.83 1.95 -0.52
N GLY A 9 -11.98 2.94 -0.78
CA GLY A 9 -11.35 3.67 0.30
C GLY A 9 -9.84 3.71 0.15
N VAL A 10 -9.23 4.78 0.62
CA VAL A 10 -7.78 4.94 0.54
C VAL A 10 -7.12 4.66 1.89
N VAL A 11 -6.01 3.92 1.86
CA VAL A 11 -5.28 3.58 3.08
C VAL A 11 -3.87 4.16 3.06
N GLU A 12 -3.40 4.60 4.22
CA GLU A 12 -2.06 5.17 4.33
C GLU A 12 -1.07 4.15 4.88
N ALA A 13 -0.05 3.83 4.09
CA ALA A 13 0.96 2.88 4.51
C ALA A 13 2.34 3.50 4.51
N VAL A 14 3.20 3.06 5.42
CA VAL A 14 4.56 3.57 5.53
C VAL A 14 5.57 2.61 4.93
N ALA A 15 6.51 3.13 4.15
CA ALA A 15 7.53 2.31 3.53
C ALA A 15 8.61 1.91 4.53
N CYS A 16 8.67 0.62 4.84
CA CYS A 16 9.65 0.10 5.78
C CYS A 16 11.06 0.37 5.30
N PHE A 17 11.28 0.22 3.99
CA PHE A 17 12.59 0.45 3.40
C PHE A 17 12.46 1.11 2.03
N ALA A 18 13.57 1.67 1.55
CA ALA A 18 13.58 2.33 0.25
C ALA A 18 13.54 1.32 -0.88
N TYR A 19 12.58 1.48 -1.78
CA TYR A 19 12.43 0.58 -2.93
C TYR A 19 12.63 1.31 -4.25
N THR A 20 13.08 0.58 -5.26
CA THR A 20 13.31 1.17 -6.58
C THR A 20 12.57 0.40 -7.66
N GLY A 21 11.33 0.81 -7.93
CA GLY A 21 10.54 0.14 -8.95
C GLY A 21 11.37 -0.33 -10.13
N ARG A 22 11.20 -1.60 -10.50
CA ARG A 22 11.96 -2.16 -11.61
C ARG A 22 11.46 -1.60 -12.94
N THR A 23 10.15 -1.49 -13.07
CA THR A 23 9.55 -0.96 -14.29
C THR A 23 8.47 0.07 -13.98
N ALA A 24 7.96 0.73 -15.02
CA ALA A 24 6.93 1.74 -14.86
C ALA A 24 5.80 1.23 -13.96
N GLN A 25 5.38 -0.01 -14.20
CA GLN A 25 4.31 -0.61 -13.42
C GLN A 25 4.59 -0.47 -11.93
N GLU A 26 5.83 -0.73 -11.53
CA GLU A 26 6.21 -0.63 -10.13
C GLU A 26 6.59 0.80 -9.76
N LEU A 27 6.31 1.18 -8.52
CA LEU A 27 6.61 2.52 -8.04
C LEU A 27 7.87 2.53 -7.18
N SER A 28 8.33 3.72 -6.81
CA SER A 28 9.52 3.86 -5.98
C SER A 28 9.28 4.85 -4.85
N PHE A 29 10.02 4.69 -3.76
CA PHE A 29 9.89 5.57 -2.60
C PHE A 29 10.99 5.30 -1.58
N ARG A 30 11.10 6.17 -0.59
CA ARG A 30 12.11 6.03 0.45
C ARG A 30 11.46 5.76 1.80
N ARG A 31 12.16 5.02 2.65
CA ARG A 31 11.66 4.68 3.98
C ARG A 31 10.97 5.89 4.62
N GLY A 32 9.74 5.70 5.09
CA GLY A 32 9.01 6.78 5.72
C GLY A 32 7.97 7.39 4.79
N ASP A 33 8.30 7.46 3.51
CA ASP A 33 7.38 8.03 2.52
C ASP A 33 6.06 7.27 2.51
N VAL A 34 5.00 7.93 2.94
CA VAL A 34 3.67 7.32 2.98
C VAL A 34 3.13 7.12 1.58
N LEU A 35 2.40 6.01 1.38
CA LEU A 35 1.82 5.69 0.09
C LEU A 35 0.35 5.29 0.24
N ARG A 36 -0.50 5.85 -0.62
CA ARG A 36 -1.93 5.53 -0.58
C ARG A 36 -2.22 4.25 -1.35
N LEU A 37 -2.87 3.31 -0.68
CA LEU A 37 -3.21 2.03 -1.30
C LEU A 37 -4.63 2.06 -1.86
N HIS A 38 -4.76 2.53 -3.10
CA HIS A 38 -6.06 2.60 -3.75
C HIS A 38 -6.80 1.28 -3.66
N GLU A 39 -6.10 0.19 -3.99
CA GLU A 39 -6.69 -1.14 -3.94
C GLU A 39 -5.61 -2.21 -3.73
N ARG A 40 -6.05 -3.46 -3.63
CA ARG A 40 -5.13 -4.57 -3.41
C ARG A 40 -4.77 -5.24 -4.73
N ALA A 41 -3.76 -4.72 -5.41
CA ALA A 41 -3.31 -5.27 -6.69
C ALA A 41 -3.20 -6.79 -6.61
N SER A 42 -2.42 -7.27 -5.64
CA SER A 42 -2.22 -8.70 -5.46
C SER A 42 -2.02 -9.04 -3.99
N SER A 43 -1.76 -10.32 -3.71
CA SER A 43 -1.56 -10.78 -2.35
C SER A 43 -0.21 -10.32 -1.82
N ASP A 44 0.70 -9.97 -2.73
CA ASP A 44 2.02 -9.50 -2.35
C ASP A 44 2.25 -8.07 -2.82
N TRP A 45 1.46 -7.64 -3.80
CA TRP A 45 1.57 -6.30 -4.34
C TRP A 45 0.30 -5.49 -4.06
N TRP A 46 0.44 -4.16 -4.07
CA TRP A 46 -0.69 -3.27 -3.82
C TRP A 46 -0.77 -2.18 -4.87
N ARG A 47 -1.90 -1.48 -4.92
CA ARG A 47 -2.10 -0.40 -5.88
C ARG A 47 -2.08 0.96 -5.18
N GLY A 48 -1.17 1.83 -5.61
CA GLY A 48 -1.07 3.15 -5.02
C GLY A 48 -0.63 4.20 -6.01
N GLU A 49 -0.65 5.46 -5.59
CA GLU A 49 -0.26 6.56 -6.47
C GLU A 49 0.59 7.58 -5.70
N HIS A 50 1.87 7.65 -6.05
CA HIS A 50 2.79 8.58 -5.40
C HIS A 50 2.71 9.97 -6.04
N ASN A 51 3.55 10.88 -5.57
CA ASN A 51 3.59 12.24 -6.10
C ASN A 51 3.74 12.23 -7.62
N GLY A 52 2.61 12.25 -8.33
CA GLY A 52 2.65 12.24 -9.78
C GLY A 52 3.02 10.89 -10.35
N MET A 53 2.90 9.86 -9.52
CA MET A 53 3.23 8.50 -9.94
C MET A 53 2.07 7.55 -9.65
N ARG A 54 1.90 6.54 -10.51
CA ARG A 54 0.84 5.57 -10.35
C ARG A 54 1.30 4.17 -10.76
N GLY A 55 1.23 3.23 -9.82
CA GLY A 55 1.65 1.87 -10.11
C GLY A 55 1.39 0.93 -8.94
N LEU A 56 2.16 -0.15 -8.88
CA LEU A 56 2.01 -1.13 -7.81
C LEU A 56 2.84 -0.75 -6.59
N ILE A 57 2.75 -1.55 -5.54
CA ILE A 57 3.50 -1.30 -4.31
C ILE A 57 3.82 -2.60 -3.59
N PRO A 58 5.10 -2.74 -3.19
CA PRO A 58 5.56 -3.94 -2.47
C PRO A 58 4.99 -4.03 -1.06
N HIS A 59 4.34 -5.15 -0.76
CA HIS A 59 3.75 -5.36 0.56
C HIS A 59 4.82 -5.73 1.57
N LYS A 60 6.00 -6.08 1.08
CA LYS A 60 7.11 -6.45 1.96
C LYS A 60 7.89 -5.22 2.41
N TYR A 61 7.94 -4.21 1.55
CA TYR A 61 8.65 -2.97 1.86
C TYR A 61 7.69 -1.93 2.43
N ILE A 62 6.54 -2.39 2.89
CA ILE A 62 5.54 -1.49 3.47
C ILE A 62 4.80 -2.14 4.63
N THR A 63 4.30 -1.33 5.54
CA THR A 63 3.58 -1.82 6.71
C THR A 63 2.18 -1.23 6.78
N LEU A 64 1.17 -2.10 6.78
CA LEU A 64 -0.22 -1.65 6.86
C LEU A 64 -0.61 -1.32 8.29
N PRO A 65 -1.59 -0.41 8.45
CA PRO A 65 -2.07 0.02 9.76
C PRO A 65 -2.85 -1.08 10.47
N ALA A 66 -3.27 -0.80 11.71
CA ALA A 66 -4.03 -1.76 12.49
C ALA A 66 -4.96 -2.57 11.60
N GLY A 67 -4.77 -3.89 11.60
CA GLY A 67 -5.61 -4.75 10.80
C GLY A 67 -4.84 -5.43 9.68
N THR A 68 -3.71 -6.04 10.02
CA THR A 68 -2.88 -6.73 9.05
C THR A 68 -3.17 -8.22 9.04
N GLU A 69 -4.44 -8.57 9.14
CA GLU A 69 -4.85 -9.98 9.14
C GLU A 69 -6.36 -10.11 9.14
N LYS A 70 -6.85 -11.34 9.06
CA LYS A 70 -8.28 -11.60 9.04
C LYS A 70 -8.73 -12.27 10.33
N GLN A 71 -10.00 -12.10 10.68
CA GLN A 71 -10.55 -12.69 11.89
C GLN A 71 -9.94 -12.03 13.13
N VAL A 72 -9.81 -10.72 13.11
CA VAL A 72 -9.24 -9.98 14.23
C VAL A 72 -9.86 -10.43 15.54
N VAL A 73 -9.03 -10.49 16.59
CA VAL A 73 -9.48 -10.92 17.91
C VAL A 73 -10.76 -10.18 18.31
N GLY A 74 -10.75 -8.86 18.15
CA GLY A 74 -11.91 -8.06 18.50
C GLY A 74 -11.60 -6.57 18.54
N ALA A 75 -12.49 -5.80 19.15
CA ALA A 75 -12.31 -4.36 19.26
C ALA A 75 -10.92 -4.02 19.77
N GLY A 76 -10.60 -4.48 20.97
CA GLY A 76 -9.30 -4.22 21.56
C GLY A 76 -9.38 -3.25 22.73
N GLY A 1 -13.44 6.19 16.76
CA GLY A 1 -12.45 7.14 16.28
C GLY A 1 -11.42 6.49 15.38
N SER A 2 -10.34 6.01 15.98
CA SER A 2 -9.26 5.37 15.24
C SER A 2 -9.05 3.93 15.71
N SER A 3 -9.05 3.74 17.02
CA SER A 3 -8.85 2.43 17.60
C SER A 3 -9.55 1.35 16.77
N GLY A 4 -10.78 1.64 16.36
CA GLY A 4 -11.54 0.69 15.56
C GLY A 4 -11.12 0.70 14.10
N SER A 5 -12.11 0.66 13.22
CA SER A 5 -11.84 0.67 11.78
C SER A 5 -11.91 2.08 11.21
N SER A 6 -10.74 2.66 10.94
CA SER A 6 -10.66 4.01 10.39
C SER A 6 -10.05 4.01 9.00
N GLY A 7 -10.91 4.09 7.99
CA GLY A 7 -10.44 4.09 6.62
C GLY A 7 -11.44 3.48 5.66
N GLU A 8 -12.59 4.11 5.53
CA GLU A 8 -13.64 3.61 4.64
C GLU A 8 -13.46 4.17 3.23
N GLY A 9 -12.21 4.30 2.80
CA GLY A 9 -11.93 4.82 1.48
C GLY A 9 -10.53 4.47 1.00
N VAL A 10 -9.52 5.01 1.67
CA VAL A 10 -8.13 4.74 1.31
C VAL A 10 -7.31 4.36 2.53
N VAL A 11 -6.36 3.45 2.34
CA VAL A 11 -5.50 3.00 3.43
C VAL A 11 -4.06 3.43 3.20
N GLU A 12 -3.60 4.41 3.98
CA GLU A 12 -2.24 4.90 3.87
C GLU A 12 -1.25 3.99 4.61
N ALA A 13 -0.13 3.72 3.97
CA ALA A 13 0.90 2.86 4.57
C ALA A 13 2.26 3.55 4.56
N VAL A 14 3.12 3.15 5.48
CA VAL A 14 4.46 3.72 5.59
C VAL A 14 5.50 2.80 4.98
N ALA A 15 6.37 3.36 4.13
CA ALA A 15 7.41 2.58 3.48
C ALA A 15 8.43 2.09 4.50
N CYS A 16 8.36 0.79 4.81
CA CYS A 16 9.28 0.19 5.77
C CYS A 16 10.72 0.32 5.30
N PHE A 17 10.97 -0.03 4.04
CA PHE A 17 12.30 0.05 3.46
C PHE A 17 12.27 0.71 2.09
N ALA A 18 13.35 1.39 1.74
CA ALA A 18 13.45 2.06 0.45
C ALA A 18 13.37 1.06 -0.70
N TYR A 19 12.56 1.39 -1.71
CA TYR A 19 12.40 0.52 -2.87
C TYR A 19 12.59 1.29 -4.16
N THR A 20 12.95 0.57 -5.23
CA THR A 20 13.16 1.19 -6.53
C THR A 20 12.47 0.42 -7.64
N GLY A 21 11.25 0.83 -7.98
CA GLY A 21 10.50 0.15 -9.02
C GLY A 21 11.37 -0.25 -10.19
N ARG A 22 11.30 -1.52 -10.56
CA ARG A 22 12.09 -2.04 -11.68
C ARG A 22 11.53 -1.55 -13.01
N THR A 23 10.20 -1.58 -13.13
CA THR A 23 9.55 -1.14 -14.36
C THR A 23 8.48 -0.09 -14.07
N ALA A 24 7.96 0.52 -15.12
CA ALA A 24 6.92 1.54 -14.97
C ALA A 24 5.78 1.04 -14.08
N GLN A 25 5.46 -0.25 -14.20
CA GLN A 25 4.39 -0.84 -13.42
C GLN A 25 4.63 -0.62 -11.93
N GLU A 26 5.85 -0.86 -11.48
CA GLU A 26 6.21 -0.68 -10.08
C GLU A 26 6.50 0.78 -9.77
N LEU A 27 6.48 1.12 -8.48
CA LEU A 27 6.74 2.49 -8.04
C LEU A 27 8.02 2.57 -7.23
N SER A 28 8.39 3.79 -6.84
CA SER A 28 9.61 4.00 -6.06
C SER A 28 9.34 4.98 -4.92
N PHE A 29 10.04 4.79 -3.81
CA PHE A 29 9.88 5.65 -2.65
C PHE A 29 10.96 5.37 -1.60
N ARG A 30 11.20 6.33 -0.72
CA ARG A 30 12.21 6.19 0.32
C ARG A 30 11.55 5.93 1.68
N ARG A 31 12.17 5.05 2.47
CA ARG A 31 11.65 4.71 3.79
C ARG A 31 11.00 5.93 4.44
N GLY A 32 9.73 5.78 4.84
CA GLY A 32 9.02 6.87 5.48
C GLY A 32 7.93 7.45 4.58
N ASP A 33 8.22 7.53 3.28
CA ASP A 33 7.27 8.07 2.32
C ASP A 33 5.96 7.28 2.35
N VAL A 34 4.89 7.93 2.78
CA VAL A 34 3.58 7.29 2.86
C VAL A 34 2.97 7.13 1.46
N LEU A 35 2.33 6.00 1.24
CA LEU A 35 1.70 5.72 -0.05
C LEU A 35 0.25 5.29 0.13
N ARG A 36 -0.65 5.91 -0.62
CA ARG A 36 -2.07 5.58 -0.54
C ARG A 36 -2.37 4.28 -1.27
N LEU A 37 -3.00 3.34 -0.57
CA LEU A 37 -3.35 2.06 -1.15
C LEU A 37 -4.72 2.10 -1.80
N HIS A 38 -4.76 2.35 -3.10
CA HIS A 38 -6.02 2.42 -3.84
C HIS A 38 -6.80 1.13 -3.71
N GLU A 39 -6.17 0.01 -4.08
CA GLU A 39 -6.81 -1.29 -4.01
C GLU A 39 -5.77 -2.40 -3.90
N ARG A 40 -6.20 -3.56 -3.41
CA ARG A 40 -5.31 -4.70 -3.25
C ARG A 40 -4.98 -5.32 -4.60
N ALA A 41 -4.03 -4.72 -5.31
CA ALA A 41 -3.63 -5.21 -6.62
C ALA A 41 -3.48 -6.73 -6.61
N SER A 42 -2.57 -7.23 -5.77
CA SER A 42 -2.33 -8.66 -5.67
C SER A 42 -2.19 -9.09 -4.21
N SER A 43 -1.87 -10.37 -4.00
CA SER A 43 -1.72 -10.90 -2.65
C SER A 43 -0.36 -10.50 -2.07
N ASP A 44 0.55 -10.06 -2.93
CA ASP A 44 1.87 -9.65 -2.49
C ASP A 44 2.16 -8.21 -2.92
N TRP A 45 1.39 -7.72 -3.88
CA TRP A 45 1.56 -6.36 -4.38
C TRP A 45 0.32 -5.51 -4.09
N TRP A 46 0.49 -4.19 -4.14
CA TRP A 46 -0.61 -3.28 -3.88
C TRP A 46 -0.71 -2.22 -4.98
N ARG A 47 -1.78 -1.44 -4.95
CA ARG A 47 -1.99 -0.39 -5.93
C ARG A 47 -2.06 0.99 -5.27
N GLY A 48 -1.08 1.83 -5.57
CA GLY A 48 -1.05 3.16 -5.00
C GLY A 48 -0.59 4.21 -5.99
N GLU A 49 -0.52 5.46 -5.55
CA GLU A 49 -0.10 6.56 -6.40
C GLU A 49 0.90 7.46 -5.68
N HIS A 50 2.14 7.45 -6.15
CA HIS A 50 3.19 8.27 -5.55
C HIS A 50 3.09 9.72 -6.03
N ASN A 51 4.03 10.54 -5.59
CA ASN A 51 4.06 11.95 -5.97
C ASN A 51 4.05 12.10 -7.49
N GLY A 52 2.87 12.31 -8.06
CA GLY A 52 2.74 12.47 -9.49
C GLY A 52 3.01 11.17 -10.24
N MET A 53 3.07 10.06 -9.52
CA MET A 53 3.32 8.76 -10.12
C MET A 53 2.25 7.75 -9.72
N ARG A 54 2.03 6.76 -10.57
CA ARG A 54 1.02 5.73 -10.31
C ARG A 54 1.55 4.35 -10.69
N GLY A 55 1.38 3.39 -9.79
CA GLY A 55 1.83 2.03 -10.05
C GLY A 55 1.56 1.10 -8.90
N LEU A 56 2.30 0.00 -8.83
CA LEU A 56 2.13 -0.99 -7.78
C LEU A 56 2.96 -0.62 -6.55
N ILE A 57 2.84 -1.41 -5.49
CA ILE A 57 3.59 -1.17 -4.26
C ILE A 57 3.92 -2.48 -3.55
N PRO A 58 5.18 -2.62 -3.13
CA PRO A 58 5.66 -3.83 -2.44
C PRO A 58 5.07 -3.94 -1.03
N HIS A 59 4.45 -5.08 -0.75
CA HIS A 59 3.85 -5.31 0.56
C HIS A 59 4.91 -5.70 1.58
N LYS A 60 6.15 -5.83 1.11
CA LYS A 60 7.26 -6.20 1.99
C LYS A 60 8.00 -4.96 2.46
N TYR A 61 8.02 -3.92 1.64
CA TYR A 61 8.69 -2.68 1.98
C TYR A 61 7.72 -1.66 2.55
N ILE A 62 6.50 -2.11 2.84
CA ILE A 62 5.47 -1.24 3.38
C ILE A 62 4.78 -1.89 4.58
N THR A 63 4.62 -1.11 5.65
CA THR A 63 3.98 -1.61 6.86
C THR A 63 2.55 -1.09 6.98
N LEU A 64 1.59 -2.00 6.93
CA LEU A 64 0.18 -1.63 7.02
C LEU A 64 -0.16 -1.15 8.44
N PRO A 65 -1.23 -0.34 8.55
CA PRO A 65 -1.68 0.19 9.84
C PRO A 65 -2.28 -0.89 10.74
N ALA A 66 -3.13 -1.74 10.15
CA ALA A 66 -3.77 -2.81 10.90
C ALA A 66 -4.35 -3.86 9.96
N GLY A 67 -4.82 -4.96 10.54
CA GLY A 67 -5.38 -6.04 9.73
C GLY A 67 -4.40 -6.58 8.71
N THR A 68 -3.13 -6.62 9.09
CA THR A 68 -2.08 -7.12 8.21
C THR A 68 -1.32 -8.27 8.86
N GLU A 69 -1.45 -8.40 10.18
CA GLU A 69 -0.78 -9.46 10.91
C GLU A 69 -1.79 -10.40 11.56
N LYS A 70 -1.46 -11.68 11.60
CA LYS A 70 -2.33 -12.69 12.19
C LYS A 70 -1.68 -13.34 13.40
N GLN A 71 -1.96 -12.80 14.59
CA GLN A 71 -1.39 -13.33 15.82
C GLN A 71 -2.34 -14.33 16.46
N VAL A 72 -1.78 -15.40 17.03
CA VAL A 72 -2.58 -16.43 17.68
C VAL A 72 -3.78 -15.82 18.39
N VAL A 73 -3.53 -14.87 19.29
CA VAL A 73 -4.58 -14.21 20.03
C VAL A 73 -4.57 -12.70 19.78
N GLY A 74 -5.77 -12.12 19.70
CA GLY A 74 -5.87 -10.69 19.46
C GLY A 74 -7.27 -10.28 19.00
N ALA A 75 -7.36 -9.11 18.39
CA ALA A 75 -8.64 -8.60 17.89
C ALA A 75 -8.95 -9.16 16.51
N GLY A 76 -10.12 -8.79 15.99
CA GLY A 76 -10.52 -9.26 14.67
C GLY A 76 -11.99 -9.62 14.60
N GLY A 1 -14.50 15.68 -7.26
CA GLY A 1 -15.58 14.71 -7.24
C GLY A 1 -15.18 13.41 -6.55
N SER A 2 -15.87 13.08 -5.47
CA SER A 2 -15.58 11.86 -4.72
C SER A 2 -16.51 10.73 -5.13
N SER A 3 -15.93 9.65 -5.65
CA SER A 3 -16.70 8.49 -6.09
C SER A 3 -16.64 7.38 -5.06
N GLY A 4 -17.81 6.93 -4.61
CA GLY A 4 -17.88 5.87 -3.62
C GLY A 4 -19.29 5.44 -3.32
N SER A 5 -19.74 4.37 -3.96
CA SER A 5 -21.09 3.85 -3.76
C SER A 5 -21.08 2.64 -2.82
N SER A 6 -21.03 2.91 -1.53
CA SER A 6 -21.01 1.84 -0.54
C SER A 6 -20.08 0.71 -0.96
N GLY A 7 -18.92 1.09 -1.48
CA GLY A 7 -17.95 0.09 -1.92
C GLY A 7 -16.64 0.71 -2.35
N GLU A 8 -16.18 1.71 -1.58
CA GLU A 8 -14.92 2.38 -1.89
C GLU A 8 -14.21 2.82 -0.62
N GLY A 9 -12.92 2.52 -0.53
CA GLY A 9 -12.15 2.89 0.64
C GLY A 9 -10.68 3.09 0.33
N VAL A 10 -9.98 3.77 1.23
CA VAL A 10 -8.55 4.05 1.03
C VAL A 10 -7.78 3.81 2.32
N VAL A 11 -6.55 3.31 2.19
CA VAL A 11 -5.70 3.04 3.34
C VAL A 11 -4.29 3.54 3.10
N GLU A 12 -3.76 4.28 4.08
CA GLU A 12 -2.41 4.83 3.98
C GLU A 12 -1.40 3.90 4.63
N ALA A 13 -0.24 3.73 3.99
CA ALA A 13 0.81 2.87 4.52
C ALA A 13 2.16 3.58 4.49
N VAL A 14 3.08 3.11 5.33
CA VAL A 14 4.42 3.70 5.38
C VAL A 14 5.47 2.75 4.82
N ALA A 15 6.43 3.30 4.08
CA ALA A 15 7.48 2.50 3.49
C ALA A 15 8.54 2.12 4.53
N CYS A 16 8.71 0.83 4.75
CA CYS A 16 9.69 0.34 5.71
C CYS A 16 11.11 0.49 5.17
N PHE A 17 11.29 0.10 3.91
CA PHE A 17 12.60 0.18 3.27
C PHE A 17 12.50 0.88 1.92
N ALA A 18 13.54 1.63 1.58
CA ALA A 18 13.57 2.35 0.30
C ALA A 18 13.53 1.39 -0.87
N TYR A 19 12.48 1.49 -1.68
CA TYR A 19 12.33 0.63 -2.84
C TYR A 19 12.44 1.43 -4.14
N THR A 20 12.88 0.76 -5.20
CA THR A 20 13.03 1.41 -6.50
C THR A 20 12.39 0.57 -7.61
N GLY A 21 11.17 0.94 -7.99
CA GLY A 21 10.47 0.22 -9.04
C GLY A 21 11.36 -0.06 -10.24
N ARG A 22 11.35 -1.31 -10.71
CA ARG A 22 12.16 -1.71 -11.85
C ARG A 22 11.62 -1.08 -13.13
N THR A 23 10.30 -1.04 -13.26
CA THR A 23 9.65 -0.48 -14.44
C THR A 23 8.43 0.34 -14.06
N ALA A 24 7.76 0.90 -15.06
CA ALA A 24 6.57 1.70 -14.84
C ALA A 24 5.59 0.99 -13.91
N GLN A 25 5.35 -0.28 -14.17
CA GLN A 25 4.43 -1.08 -13.36
C GLN A 25 4.76 -0.91 -11.87
N GLU A 26 6.04 -0.82 -11.56
CA GLU A 26 6.47 -0.67 -10.17
C GLU A 26 6.77 0.80 -9.85
N LEU A 27 6.47 1.20 -8.63
CA LEU A 27 6.69 2.58 -8.19
C LEU A 27 8.05 2.71 -7.49
N SER A 28 8.36 3.93 -7.06
CA SER A 28 9.62 4.18 -6.38
C SER A 28 9.42 5.17 -5.23
N PHE A 29 9.87 4.79 -4.04
CA PHE A 29 9.74 5.64 -2.86
C PHE A 29 10.86 5.36 -1.86
N ARG A 30 11.12 6.34 -0.99
CA ARG A 30 12.17 6.20 0.02
C ARG A 30 11.56 5.92 1.38
N ARG A 31 12.28 5.15 2.20
CA ARG A 31 11.82 4.80 3.53
C ARG A 31 11.16 6.00 4.20
N GLY A 32 9.94 5.78 4.70
CA GLY A 32 9.22 6.86 5.36
C GLY A 32 8.15 7.47 4.47
N ASP A 33 8.43 7.51 3.17
CA ASP A 33 7.49 8.08 2.21
C ASP A 33 6.15 7.34 2.26
N VAL A 34 5.10 8.05 2.67
CA VAL A 34 3.78 7.46 2.76
C VAL A 34 3.15 7.31 1.37
N LEU A 35 2.32 6.28 1.22
CA LEU A 35 1.66 6.03 -0.06
C LEU A 35 0.22 5.55 0.16
N ARG A 36 -0.70 6.10 -0.61
CA ARG A 36 -2.11 5.73 -0.50
C ARG A 36 -2.40 4.44 -1.27
N LEU A 37 -3.04 3.49 -0.60
CA LEU A 37 -3.36 2.20 -1.21
C LEU A 37 -4.77 2.23 -1.81
N HIS A 38 -4.85 2.48 -3.11
CA HIS A 38 -6.13 2.54 -3.80
C HIS A 38 -6.90 1.23 -3.62
N GLU A 39 -6.25 0.12 -3.96
CA GLU A 39 -6.88 -1.19 -3.83
C GLU A 39 -5.84 -2.30 -3.95
N ARG A 40 -6.18 -3.47 -3.41
CA ARG A 40 -5.27 -4.62 -3.46
C ARG A 40 -4.99 -5.03 -4.89
N ALA A 41 -3.71 -5.15 -5.23
CA ALA A 41 -3.31 -5.54 -6.58
C ALA A 41 -3.02 -7.04 -6.66
N SER A 42 -2.33 -7.55 -5.64
CA SER A 42 -1.99 -8.97 -5.59
C SER A 42 -1.94 -9.47 -4.15
N SER A 43 -1.57 -10.73 -3.99
CA SER A 43 -1.48 -11.33 -2.66
C SER A 43 -0.37 -10.69 -1.84
N ASP A 44 0.65 -10.19 -2.53
CA ASP A 44 1.78 -9.55 -1.87
C ASP A 44 2.12 -8.23 -2.54
N TRP A 45 1.09 -7.52 -3.00
CA TRP A 45 1.27 -6.24 -3.67
C TRP A 45 0.08 -5.32 -3.42
N TRP A 46 0.18 -4.08 -3.90
CA TRP A 46 -0.89 -3.11 -3.72
C TRP A 46 -0.90 -2.11 -4.87
N ARG A 47 -1.91 -1.23 -4.89
CA ARG A 47 -2.03 -0.22 -5.93
C ARG A 47 -2.12 1.17 -5.32
N GLY A 48 -1.10 1.98 -5.57
CA GLY A 48 -1.08 3.34 -5.04
C GLY A 48 -0.49 4.33 -6.02
N GLU A 49 -0.50 5.61 -5.64
CA GLU A 49 0.04 6.66 -6.49
C GLU A 49 1.03 7.52 -5.73
N HIS A 50 2.26 7.60 -6.22
CA HIS A 50 3.31 8.39 -5.58
C HIS A 50 3.15 9.87 -5.93
N ASN A 51 4.08 10.68 -5.45
CA ASN A 51 4.06 12.12 -5.71
C ASN A 51 4.29 12.41 -7.19
N GLY A 52 3.28 12.13 -8.01
CA GLY A 52 3.40 12.37 -9.43
C GLY A 52 3.51 11.08 -10.24
N MET A 53 3.72 9.97 -9.54
CA MET A 53 3.85 8.68 -10.18
C MET A 53 2.70 7.76 -9.78
N ARG A 54 2.48 6.70 -10.58
CA ARG A 54 1.41 5.75 -10.30
C ARG A 54 1.85 4.34 -10.66
N GLY A 55 1.54 3.39 -9.78
CA GLY A 55 1.90 2.00 -10.02
C GLY A 55 1.56 1.10 -8.86
N LEU A 56 2.15 -0.09 -8.83
CA LEU A 56 1.90 -1.05 -7.77
C LEU A 56 2.75 -0.73 -6.53
N ILE A 57 2.60 -1.53 -5.49
CA ILE A 57 3.35 -1.34 -4.26
C ILE A 57 3.59 -2.67 -3.55
N PRO A 58 4.87 -2.91 -3.17
CA PRO A 58 5.26 -4.14 -2.47
C PRO A 58 4.72 -4.20 -1.05
N HIS A 59 3.98 -5.26 -0.74
CA HIS A 59 3.41 -5.43 0.59
C HIS A 59 4.48 -5.85 1.59
N LYS A 60 5.66 -6.17 1.09
CA LYS A 60 6.77 -6.57 1.95
C LYS A 60 7.56 -5.36 2.43
N TYR A 61 7.71 -4.37 1.56
CA TYR A 61 8.45 -3.15 1.90
C TYR A 61 7.50 -2.10 2.48
N ILE A 62 6.53 -2.55 3.26
CA ILE A 62 5.56 -1.65 3.88
C ILE A 62 5.02 -2.23 5.18
N THR A 63 4.39 -1.37 5.99
CA THR A 63 3.83 -1.80 7.25
C THR A 63 2.42 -1.26 7.44
N LEU A 64 1.42 -2.07 7.06
CA LEU A 64 0.03 -1.67 7.18
C LEU A 64 -0.31 -1.32 8.63
N PRO A 65 -1.35 -0.49 8.81
CA PRO A 65 -1.80 -0.06 10.14
C PRO A 65 -2.45 -1.20 10.92
N ALA A 66 -2.71 -0.95 12.20
CA ALA A 66 -3.33 -1.96 13.06
C ALA A 66 -4.75 -2.28 12.58
N GLY A 67 -4.87 -3.35 11.80
CA GLY A 67 -6.17 -3.75 11.28
C GLY A 67 -6.08 -4.91 10.31
N THR A 68 -4.93 -5.05 9.66
CA THR A 68 -4.72 -6.12 8.70
C THR A 68 -4.42 -7.44 9.40
N GLU A 69 -5.21 -7.74 10.43
CA GLU A 69 -5.03 -8.97 11.19
C GLU A 69 -3.55 -9.33 11.31
N LYS A 70 -2.71 -8.32 11.57
CA LYS A 70 -1.28 -8.52 11.70
C LYS A 70 -0.80 -8.10 13.09
N GLN A 71 0.38 -8.58 13.48
CA GLN A 71 0.95 -8.25 14.78
C GLN A 71 1.90 -7.06 14.67
N VAL A 72 1.38 -5.87 14.98
CA VAL A 72 2.18 -4.65 14.92
C VAL A 72 3.51 -4.84 15.64
N VAL A 73 4.51 -4.06 15.23
CA VAL A 73 5.84 -4.13 15.83
C VAL A 73 5.84 -3.50 17.22
N GLY A 74 4.74 -2.85 17.58
CA GLY A 74 4.63 -2.21 18.87
C GLY A 74 3.58 -1.13 18.91
N ALA A 75 3.93 0.04 19.43
CA ALA A 75 3.00 1.15 19.52
C ALA A 75 3.00 1.98 18.24
N GLY A 76 1.80 2.33 17.77
CA GLY A 76 1.70 3.12 16.56
C GLY A 76 0.40 3.90 16.50
N GLY A 1 -14.54 21.90 6.95
CA GLY A 1 -13.39 21.18 7.47
C GLY A 1 -13.70 20.41 8.73
N SER A 2 -13.50 19.10 8.70
CA SER A 2 -13.77 18.25 9.85
C SER A 2 -12.66 17.23 10.05
N SER A 3 -11.98 17.32 11.19
CA SER A 3 -10.89 16.41 11.50
C SER A 3 -11.42 15.09 12.04
N GLY A 4 -11.37 14.04 11.22
CA GLY A 4 -11.85 12.74 11.63
C GLY A 4 -10.84 11.64 11.36
N SER A 5 -10.42 10.97 12.42
CA SER A 5 -9.44 9.89 12.30
C SER A 5 -10.14 8.54 12.19
N SER A 6 -10.18 8.00 10.98
CA SER A 6 -10.82 6.70 10.74
C SER A 6 -10.14 5.95 9.61
N GLY A 7 -10.15 4.63 9.69
CA GLY A 7 -9.53 3.82 8.66
C GLY A 7 -10.54 3.28 7.65
N GLU A 8 -10.94 4.12 6.71
CA GLU A 8 -11.91 3.72 5.70
C GLU A 8 -11.53 4.30 4.34
N GLY A 9 -12.14 3.75 3.28
CA GLY A 9 -11.86 4.23 1.94
C GLY A 9 -10.46 3.86 1.47
N VAL A 10 -9.51 4.78 1.66
CA VAL A 10 -8.13 4.54 1.26
C VAL A 10 -7.25 4.25 2.47
N VAL A 11 -6.40 3.22 2.33
CA VAL A 11 -5.50 2.84 3.41
C VAL A 11 -4.10 3.38 3.19
N GLU A 12 -3.61 4.16 4.15
CA GLU A 12 -2.28 4.74 4.05
C GLU A 12 -1.23 3.82 4.67
N ALA A 13 -0.22 3.47 3.87
CA ALA A 13 0.84 2.60 4.34
C ALA A 13 2.18 3.33 4.36
N VAL A 14 3.14 2.79 5.12
CA VAL A 14 4.46 3.39 5.23
C VAL A 14 5.52 2.50 4.59
N ALA A 15 6.51 3.11 3.96
CA ALA A 15 7.58 2.37 3.32
C ALA A 15 8.63 1.92 4.34
N CYS A 16 8.48 0.69 4.81
CA CYS A 16 9.42 0.14 5.79
C CYS A 16 10.86 0.30 5.32
N PHE A 17 11.09 0.05 4.04
CA PHE A 17 12.43 0.16 3.46
C PHE A 17 12.38 0.84 2.11
N ALA A 18 13.50 1.45 1.72
CA ALA A 18 13.58 2.14 0.43
C ALA A 18 13.53 1.15 -0.72
N TYR A 19 12.76 1.49 -1.75
CA TYR A 19 12.62 0.62 -2.92
C TYR A 19 12.78 1.43 -4.21
N THR A 20 13.23 0.75 -5.27
CA THR A 20 13.42 1.40 -6.56
C THR A 20 12.75 0.61 -7.68
N GLY A 21 11.50 0.94 -7.96
CA GLY A 21 10.76 0.25 -9.01
C GLY A 21 11.65 -0.12 -10.18
N ARG A 22 11.53 -1.36 -10.64
CA ARG A 22 12.33 -1.85 -11.76
C ARG A 22 11.75 -1.36 -13.09
N THR A 23 10.42 -1.33 -13.17
CA THR A 23 9.75 -0.88 -14.39
C THR A 23 8.67 0.14 -14.07
N ALA A 24 8.14 0.77 -15.11
CA ALA A 24 7.09 1.78 -14.94
C ALA A 24 6.01 1.28 -14.00
N GLN A 25 5.55 0.04 -14.23
CA GLN A 25 4.50 -0.55 -13.41
C GLN A 25 4.79 -0.33 -11.92
N GLU A 26 6.01 -0.64 -11.51
CA GLU A 26 6.42 -0.49 -10.12
C GLU A 26 6.70 0.98 -9.79
N LEU A 27 6.56 1.34 -8.52
CA LEU A 27 6.79 2.70 -8.08
C LEU A 27 8.10 2.82 -7.30
N SER A 28 8.49 4.04 -6.97
CA SER A 28 9.72 4.28 -6.22
C SER A 28 9.48 5.24 -5.08
N PHE A 29 10.03 4.91 -3.90
CA PHE A 29 9.87 5.74 -2.72
C PHE A 29 10.98 5.47 -1.71
N ARG A 30 11.19 6.41 -0.80
CA ARG A 30 12.22 6.27 0.22
C ARG A 30 11.60 5.93 1.58
N ARG A 31 12.27 5.06 2.34
CA ARG A 31 11.78 4.66 3.65
C ARG A 31 11.08 5.84 4.34
N GLY A 32 9.85 5.60 4.79
CA GLY A 32 9.09 6.64 5.46
C GLY A 32 8.04 7.27 4.57
N ASP A 33 8.37 7.42 3.29
CA ASP A 33 7.44 8.01 2.33
C ASP A 33 6.12 7.25 2.32
N VAL A 34 5.05 7.91 2.76
CA VAL A 34 3.74 7.29 2.81
C VAL A 34 3.16 7.12 1.40
N LEU A 35 2.36 6.09 1.21
CA LEU A 35 1.75 5.81 -0.08
C LEU A 35 0.29 5.39 0.07
N ARG A 36 -0.59 6.02 -0.69
CA ARG A 36 -2.01 5.72 -0.63
C ARG A 36 -2.33 4.45 -1.43
N LEU A 37 -2.90 3.46 -0.77
CA LEU A 37 -3.24 2.20 -1.42
C LEU A 37 -4.61 2.29 -2.09
N HIS A 38 -4.62 2.71 -3.35
CA HIS A 38 -5.87 2.84 -4.10
C HIS A 38 -6.62 1.51 -4.14
N GLU A 39 -5.88 0.43 -4.31
CA GLU A 39 -6.48 -0.90 -4.37
C GLU A 39 -5.46 -1.97 -4.02
N ARG A 40 -5.94 -3.19 -3.79
CA ARG A 40 -5.07 -4.31 -3.43
C ARG A 40 -4.88 -5.25 -4.62
N ALA A 41 -3.92 -4.93 -5.48
CA ALA A 41 -3.64 -5.75 -6.65
C ALA A 41 -3.59 -7.23 -6.29
N SER A 42 -2.72 -7.58 -5.34
CA SER A 42 -2.58 -8.97 -4.91
C SER A 42 -2.21 -9.04 -3.43
N SER A 43 -2.08 -10.25 -2.92
CA SER A 43 -1.74 -10.46 -1.51
C SER A 43 -0.27 -10.12 -1.26
N ASP A 44 0.49 -9.95 -2.34
CA ASP A 44 1.90 -9.63 -2.23
C ASP A 44 2.17 -8.22 -2.76
N TRP A 45 1.34 -7.76 -3.68
CA TRP A 45 1.48 -6.44 -4.27
C TRP A 45 0.25 -5.59 -4.00
N TRP A 46 0.41 -4.27 -4.10
CA TRP A 46 -0.69 -3.35 -3.87
C TRP A 46 -0.79 -2.32 -4.99
N ARG A 47 -1.79 -1.46 -4.91
CA ARG A 47 -2.00 -0.44 -5.93
C ARG A 47 -2.12 0.94 -5.29
N GLY A 48 -1.18 1.83 -5.60
CA GLY A 48 -1.20 3.17 -5.05
C GLY A 48 -0.71 4.21 -6.03
N GLU A 49 -0.75 5.47 -5.62
CA GLU A 49 -0.30 6.56 -6.49
C GLU A 49 0.65 7.49 -5.74
N HIS A 50 1.91 7.50 -6.16
CA HIS A 50 2.92 8.35 -5.52
C HIS A 50 2.81 9.79 -6.03
N ASN A 51 3.73 10.63 -5.57
CA ASN A 51 3.74 12.03 -5.97
C ASN A 51 3.74 12.17 -7.49
N GLY A 52 2.55 12.31 -8.06
CA GLY A 52 2.44 12.45 -9.51
C GLY A 52 2.77 11.15 -10.24
N MET A 53 2.83 10.05 -9.50
CA MET A 53 3.14 8.76 -10.09
C MET A 53 2.08 7.73 -9.72
N ARG A 54 1.92 6.72 -10.58
CA ARG A 54 0.94 5.66 -10.35
C ARG A 54 1.52 4.30 -10.71
N GLY A 55 1.37 3.35 -9.80
CA GLY A 55 1.89 2.01 -10.04
C GLY A 55 1.57 1.05 -8.90
N LEU A 56 2.26 -0.08 -8.88
CA LEU A 56 2.04 -1.09 -7.84
C LEU A 56 2.80 -0.71 -6.57
N ILE A 57 2.71 -1.57 -5.56
CA ILE A 57 3.37 -1.34 -4.29
C ILE A 57 3.68 -2.65 -3.58
N PRO A 58 4.92 -2.79 -3.10
CA PRO A 58 5.37 -3.99 -2.39
C PRO A 58 4.72 -4.13 -1.01
N HIS A 59 4.10 -5.27 -0.77
CA HIS A 59 3.44 -5.52 0.51
C HIS A 59 4.46 -5.87 1.59
N LYS A 60 5.64 -6.28 1.16
CA LYS A 60 6.71 -6.65 2.09
C LYS A 60 7.52 -5.42 2.49
N TYR A 61 7.66 -4.48 1.57
CA TYR A 61 8.41 -3.25 1.82
C TYR A 61 7.49 -2.15 2.33
N ILE A 62 6.46 -2.54 3.07
CA ILE A 62 5.51 -1.58 3.63
C ILE A 62 4.99 -2.04 4.97
N THR A 63 4.43 -1.11 5.74
CA THR A 63 3.89 -1.42 7.06
C THR A 63 2.44 -0.96 7.18
N LEU A 64 1.52 -1.90 7.05
CA LEU A 64 0.10 -1.60 7.14
C LEU A 64 -0.28 -1.19 8.57
N PRO A 65 -1.32 -0.36 8.68
CA PRO A 65 -1.81 0.14 9.98
C PRO A 65 -2.46 -0.97 10.80
N ALA A 66 -2.63 -0.72 12.10
CA ALA A 66 -3.24 -1.69 12.99
C ALA A 66 -4.39 -2.43 12.31
N GLY A 67 -4.52 -3.71 12.61
CA GLY A 67 -5.57 -4.51 12.01
C GLY A 67 -5.10 -5.28 10.79
N THR A 68 -5.60 -4.89 9.62
CA THR A 68 -5.22 -5.56 8.38
C THR A 68 -5.17 -7.07 8.56
N GLU A 69 -6.14 -7.61 9.29
CA GLU A 69 -6.21 -9.05 9.53
C GLU A 69 -7.44 -9.65 8.85
N LYS A 70 -8.57 -8.99 8.99
CA LYS A 70 -9.81 -9.47 8.39
C LYS A 70 -9.58 -9.89 6.94
N GLN A 71 -10.14 -11.03 6.57
CA GLN A 71 -10.01 -11.56 5.21
C GLN A 71 -11.35 -12.02 4.66
N VAL A 72 -12.39 -11.23 4.92
CA VAL A 72 -13.73 -11.57 4.45
C VAL A 72 -14.02 -10.92 3.10
N VAL A 73 -14.21 -11.76 2.09
CA VAL A 73 -14.50 -11.26 0.74
C VAL A 73 -16.00 -11.07 0.52
N GLY A 74 -16.67 -10.56 1.56
CA GLY A 74 -18.10 -10.33 1.46
C GLY A 74 -18.56 -9.21 2.36
N ALA A 75 -19.39 -8.31 1.81
CA ALA A 75 -19.90 -7.18 2.57
C ALA A 75 -20.35 -7.61 3.97
N GLY A 76 -21.24 -8.60 4.03
CA GLY A 76 -21.72 -9.08 5.31
C GLY A 76 -22.93 -9.98 5.17
N GLY A 1 -28.06 -1.14 -20.39
CA GLY A 1 -27.63 -0.55 -19.15
C GLY A 1 -26.32 -1.15 -18.65
N SER A 2 -25.74 -0.54 -17.63
CA SER A 2 -24.48 -1.01 -17.07
C SER A 2 -24.35 -0.62 -15.60
N SER A 3 -23.48 -1.32 -14.88
CA SER A 3 -23.27 -1.05 -13.46
C SER A 3 -21.82 -1.34 -13.06
N GLY A 4 -21.18 -0.38 -12.43
CA GLY A 4 -19.80 -0.54 -12.00
C GLY A 4 -19.70 -1.09 -10.58
N SER A 5 -19.23 -0.24 -9.66
CA SER A 5 -19.08 -0.63 -8.27
C SER A 5 -19.14 0.58 -7.35
N SER A 6 -19.71 0.39 -6.16
CA SER A 6 -19.82 1.48 -5.19
C SER A 6 -18.71 1.39 -4.14
N GLY A 7 -17.49 1.10 -4.60
CA GLY A 7 -16.37 0.99 -3.69
C GLY A 7 -15.78 2.34 -3.34
N GLU A 8 -15.25 2.46 -2.13
CA GLU A 8 -14.65 3.71 -1.67
C GLU A 8 -13.85 3.49 -0.39
N GLY A 9 -12.79 4.28 -0.22
CA GLY A 9 -11.96 4.16 0.96
C GLY A 9 -10.51 3.95 0.62
N VAL A 10 -9.62 4.66 1.32
CA VAL A 10 -8.19 4.55 1.09
C VAL A 10 -7.44 4.28 2.39
N VAL A 11 -6.40 3.45 2.32
CA VAL A 11 -5.60 3.12 3.49
C VAL A 11 -4.17 3.63 3.33
N GLU A 12 -3.77 4.51 4.24
CA GLU A 12 -2.42 5.07 4.20
C GLU A 12 -1.41 4.08 4.78
N ALA A 13 -0.34 3.85 4.04
CA ALA A 13 0.72 2.93 4.48
C ALA A 13 2.07 3.62 4.50
N VAL A 14 2.99 3.10 5.30
CA VAL A 14 4.33 3.66 5.41
C VAL A 14 5.37 2.70 4.83
N ALA A 15 6.36 3.26 4.15
CA ALA A 15 7.43 2.46 3.56
C ALA A 15 8.54 2.18 4.57
N CYS A 16 8.57 0.95 5.08
CA CYS A 16 9.59 0.56 6.05
C CYS A 16 10.99 0.62 5.44
N PHE A 17 11.09 0.27 4.16
CA PHE A 17 12.37 0.29 3.47
C PHE A 17 12.26 1.06 2.16
N ALA A 18 13.41 1.34 1.55
CA ALA A 18 13.45 2.07 0.29
C ALA A 18 13.45 1.11 -0.89
N TYR A 19 12.46 1.25 -1.77
CA TYR A 19 12.35 0.40 -2.95
C TYR A 19 12.57 1.20 -4.22
N THR A 20 13.09 0.53 -5.25
CA THR A 20 13.35 1.18 -6.53
C THR A 20 12.69 0.42 -7.68
N GLY A 21 11.44 0.77 -7.96
CA GLY A 21 10.70 0.11 -9.02
C GLY A 21 11.60 -0.25 -10.19
N ARG A 22 11.37 -1.44 -10.76
CA ARG A 22 12.17 -1.91 -11.88
C ARG A 22 11.58 -1.43 -13.21
N THR A 23 10.27 -1.24 -13.22
CA THR A 23 9.57 -0.80 -14.42
C THR A 23 8.48 0.22 -14.08
N ALA A 24 7.81 0.72 -15.11
CA ALA A 24 6.74 1.69 -14.92
C ALA A 24 5.73 1.21 -13.89
N GLN A 25 5.13 0.05 -14.15
CA GLN A 25 4.15 -0.52 -13.25
C GLN A 25 4.57 -0.35 -11.79
N GLU A 26 5.83 -0.65 -11.51
CA GLU A 26 6.37 -0.53 -10.16
C GLU A 26 6.68 0.93 -9.83
N LEU A 27 6.51 1.29 -8.56
CA LEU A 27 6.78 2.66 -8.11
C LEU A 27 8.11 2.73 -7.37
N SER A 28 8.54 3.97 -7.07
CA SER A 28 9.80 4.18 -6.36
C SER A 28 9.61 5.16 -5.21
N PHE A 29 9.90 4.70 -4.00
CA PHE A 29 9.76 5.54 -2.81
C PHE A 29 10.83 5.20 -1.78
N ARG A 30 11.12 6.15 -0.91
CA ARG A 30 12.13 5.96 0.13
C ARG A 30 11.48 5.71 1.49
N ARG A 31 12.19 5.02 2.37
CA ARG A 31 11.67 4.72 3.70
C ARG A 31 11.01 5.94 4.32
N GLY A 32 9.78 5.76 4.81
CA GLY A 32 9.05 6.85 5.42
C GLY A 32 8.03 7.47 4.48
N ASP A 33 8.34 7.46 3.19
CA ASP A 33 7.43 8.03 2.20
C ASP A 33 6.08 7.30 2.22
N VAL A 34 5.05 8.02 2.65
CA VAL A 34 3.70 7.45 2.73
C VAL A 34 3.14 7.19 1.34
N LEU A 35 2.27 6.19 1.22
CA LEU A 35 1.66 5.85 -0.05
C LEU A 35 0.19 5.45 0.14
N ARG A 36 -0.68 6.03 -0.67
CA ARG A 36 -2.11 5.74 -0.58
C ARG A 36 -2.44 4.43 -1.32
N LEU A 37 -2.87 3.43 -0.56
CA LEU A 37 -3.22 2.13 -1.14
C LEU A 37 -4.65 2.15 -1.67
N HIS A 38 -4.79 2.32 -2.98
CA HIS A 38 -6.10 2.34 -3.62
C HIS A 38 -6.83 1.03 -3.40
N GLU A 39 -6.26 -0.06 -3.89
CA GLU A 39 -6.86 -1.38 -3.73
C GLU A 39 -5.82 -2.49 -3.96
N ARG A 40 -6.04 -3.62 -3.30
CA ARG A 40 -5.12 -4.75 -3.43
C ARG A 40 -4.84 -5.07 -4.89
N ALA A 41 -3.56 -5.18 -5.23
CA ALA A 41 -3.16 -5.48 -6.60
C ALA A 41 -2.89 -6.97 -6.78
N SER A 42 -2.17 -7.56 -5.83
CA SER A 42 -1.85 -8.98 -5.89
C SER A 42 -1.78 -9.57 -4.49
N SER A 43 -1.38 -10.84 -4.41
CA SER A 43 -1.28 -11.53 -3.12
C SER A 43 -0.37 -10.77 -2.17
N ASP A 44 0.74 -10.25 -2.70
CA ASP A 44 1.69 -9.50 -1.90
C ASP A 44 2.03 -8.17 -2.56
N TRP A 45 1.00 -7.50 -3.08
CA TRP A 45 1.20 -6.21 -3.74
C TRP A 45 -0.03 -5.32 -3.55
N TRP A 46 0.12 -4.03 -3.86
CA TRP A 46 -0.97 -3.08 -3.73
C TRP A 46 -0.95 -2.08 -4.89
N ARG A 47 -2.02 -1.29 -4.99
CA ARG A 47 -2.13 -0.30 -6.04
C ARG A 47 -2.27 1.10 -5.47
N GLY A 48 -1.24 1.92 -5.64
CA GLY A 48 -1.26 3.28 -5.12
C GLY A 48 -0.71 4.28 -6.11
N GLU A 49 -0.64 5.54 -5.69
CA GLU A 49 -0.12 6.60 -6.55
C GLU A 49 0.85 7.50 -5.79
N HIS A 50 2.11 7.47 -6.19
CA HIS A 50 3.14 8.27 -5.54
C HIS A 50 3.09 9.71 -6.04
N ASN A 51 4.02 10.53 -5.57
CA ASN A 51 4.09 11.93 -5.97
C ASN A 51 4.23 12.06 -7.48
N GLY A 52 3.11 12.31 -8.15
CA GLY A 52 3.14 12.45 -9.60
C GLY A 52 3.41 11.14 -10.30
N MET A 53 3.39 10.05 -9.54
CA MET A 53 3.64 8.72 -10.11
C MET A 53 2.52 7.75 -9.75
N ARG A 54 2.32 6.75 -10.58
CA ARG A 54 1.28 5.74 -10.36
C ARG A 54 1.79 4.35 -10.66
N GLY A 55 1.47 3.40 -9.78
CA GLY A 55 1.91 2.04 -9.98
C GLY A 55 1.56 1.14 -8.80
N LEU A 56 2.13 -0.06 -8.78
CA LEU A 56 1.87 -1.01 -7.70
C LEU A 56 2.73 -0.68 -6.48
N ILE A 57 2.54 -1.46 -5.41
CA ILE A 57 3.29 -1.25 -4.18
C ILE A 57 3.62 -2.58 -3.51
N PRO A 58 4.89 -2.77 -3.14
CA PRO A 58 5.36 -3.99 -2.48
C PRO A 58 4.83 -4.11 -1.05
N HIS A 59 4.07 -5.17 -0.79
CA HIS A 59 3.50 -5.40 0.52
C HIS A 59 4.57 -5.90 1.49
N LYS A 60 5.80 -6.03 0.99
CA LYS A 60 6.91 -6.50 1.81
C LYS A 60 7.76 -5.34 2.29
N TYR A 61 7.75 -4.24 1.52
CA TYR A 61 8.53 -3.06 1.87
C TYR A 61 7.63 -1.99 2.49
N ILE A 62 6.57 -2.42 3.14
CA ILE A 62 5.64 -1.49 3.79
C ILE A 62 5.13 -2.06 5.11
N THR A 63 4.49 -1.21 5.91
CA THR A 63 3.95 -1.62 7.20
C THR A 63 2.54 -1.09 7.40
N LEU A 64 1.56 -1.92 7.10
CA LEU A 64 0.15 -1.54 7.24
C LEU A 64 -0.13 -1.06 8.67
N PRO A 65 -1.19 -0.26 8.82
CA PRO A 65 -1.60 0.27 10.12
C PRO A 65 -2.15 -0.79 11.06
N ALA A 66 -2.40 -0.42 12.30
CA ALA A 66 -2.93 -1.36 13.29
C ALA A 66 -4.27 -1.94 12.83
N GLY A 67 -5.18 -1.08 12.41
CA GLY A 67 -6.47 -1.53 11.95
C GLY A 67 -6.40 -2.85 11.22
N THR A 68 -5.30 -3.08 10.53
CA THR A 68 -5.10 -4.32 9.79
C THR A 68 -5.11 -5.53 10.70
N GLU A 69 -6.27 -6.18 10.82
CA GLU A 69 -6.40 -7.35 11.66
C GLU A 69 -5.81 -8.59 11.00
N LYS A 70 -4.95 -9.30 11.73
CA LYS A 70 -4.32 -10.50 11.20
C LYS A 70 -5.00 -11.75 11.73
N GLN A 71 -6.33 -11.71 11.80
CA GLN A 71 -7.09 -12.85 12.29
C GLN A 71 -6.87 -14.07 11.41
N VAL A 72 -6.75 -13.86 10.11
CA VAL A 72 -6.54 -14.95 9.16
C VAL A 72 -5.48 -14.58 8.13
N VAL A 73 -4.30 -15.17 8.26
CA VAL A 73 -3.20 -14.90 7.33
C VAL A 73 -2.42 -16.17 7.02
N GLY A 74 -2.28 -16.48 5.74
CA GLY A 74 -1.56 -17.67 5.33
C GLY A 74 -0.06 -17.46 5.33
N ALA A 75 0.68 -18.54 5.09
CA ALA A 75 2.14 -18.48 5.07
C ALA A 75 2.71 -19.31 3.92
N GLY A 76 3.90 -18.94 3.46
CA GLY A 76 4.53 -19.67 2.38
C GLY A 76 5.13 -20.98 2.84
N GLY A 1 -24.70 -5.57 4.15
CA GLY A 1 -24.00 -4.82 3.12
C GLY A 1 -22.85 -5.60 2.51
N SER A 2 -23.07 -6.13 1.31
CA SER A 2 -22.05 -6.91 0.61
C SER A 2 -21.05 -5.99 -0.08
N SER A 3 -19.87 -5.87 0.51
CA SER A 3 -18.82 -5.03 -0.04
C SER A 3 -18.13 -5.72 -1.21
N GLY A 4 -17.77 -4.93 -2.23
CA GLY A 4 -17.11 -5.49 -3.39
C GLY A 4 -16.75 -4.42 -4.41
N SER A 5 -17.45 -4.41 -5.54
CA SER A 5 -17.20 -3.44 -6.60
C SER A 5 -17.01 -2.04 -6.02
N SER A 6 -17.56 -1.82 -4.83
CA SER A 6 -17.46 -0.52 -4.17
C SER A 6 -16.15 -0.40 -3.41
N GLY A 7 -15.10 0.02 -4.11
CA GLY A 7 -13.80 0.17 -3.49
C GLY A 7 -13.26 1.57 -3.59
N GLU A 8 -13.51 2.38 -2.57
CA GLU A 8 -13.05 3.77 -2.55
C GLU A 8 -12.15 4.03 -1.35
N GLY A 9 -12.55 3.48 -0.20
CA GLY A 9 -11.76 3.68 1.01
C GLY A 9 -10.28 3.54 0.78
N VAL A 10 -9.55 4.63 0.97
CA VAL A 10 -8.10 4.64 0.78
C VAL A 10 -7.36 4.36 2.08
N VAL A 11 -6.36 3.49 2.01
CA VAL A 11 -5.58 3.13 3.20
C VAL A 11 -4.14 3.61 3.06
N GLU A 12 -3.74 4.53 3.94
CA GLU A 12 -2.39 5.06 3.92
C GLU A 12 -1.41 4.09 4.57
N ALA A 13 -0.31 3.80 3.86
CA ALA A 13 0.70 2.89 4.38
C ALA A 13 2.06 3.58 4.44
N VAL A 14 2.96 3.02 5.26
CA VAL A 14 4.30 3.57 5.42
C VAL A 14 5.35 2.64 4.83
N ALA A 15 6.40 3.23 4.26
CA ALA A 15 7.48 2.45 3.66
C ALA A 15 8.57 2.14 4.69
N CYS A 16 8.54 0.92 5.21
CA CYS A 16 9.53 0.50 6.21
C CYS A 16 10.94 0.56 5.63
N PHE A 17 11.04 0.42 4.31
CA PHE A 17 12.34 0.46 3.65
C PHE A 17 12.23 1.18 2.30
N ALA A 18 13.38 1.38 1.66
CA ALA A 18 13.42 2.05 0.36
C ALA A 18 13.34 1.04 -0.78
N TYR A 19 12.40 1.27 -1.69
CA TYR A 19 12.22 0.38 -2.84
C TYR A 19 12.48 1.12 -4.16
N THR A 20 12.79 0.36 -5.20
CA THR A 20 13.07 0.95 -6.51
C THR A 20 12.35 0.18 -7.61
N GLY A 21 11.19 0.68 -8.01
CA GLY A 21 10.42 0.03 -9.05
C GLY A 21 11.27 -0.37 -10.24
N ARG A 22 11.13 -1.61 -10.68
CA ARG A 22 11.89 -2.12 -11.81
C ARG A 22 11.33 -1.60 -13.13
N THR A 23 10.00 -1.60 -13.23
CA THR A 23 9.33 -1.13 -14.44
C THR A 23 8.24 -0.11 -14.11
N ALA A 24 7.77 0.61 -15.12
CA ALA A 24 6.75 1.61 -14.94
C ALA A 24 5.64 1.11 -14.02
N GLN A 25 5.18 -0.13 -14.26
CA GLN A 25 4.12 -0.71 -13.45
C GLN A 25 4.43 -0.57 -11.97
N GLU A 26 5.65 -0.91 -11.58
CA GLU A 26 6.06 -0.81 -10.18
C GLU A 26 6.42 0.63 -9.82
N LEU A 27 6.21 0.98 -8.56
CA LEU A 27 6.52 2.33 -8.09
C LEU A 27 7.80 2.34 -7.26
N SER A 28 8.19 3.52 -6.81
CA SER A 28 9.41 3.68 -6.01
C SER A 28 9.22 4.72 -4.92
N PHE A 29 9.72 4.43 -3.73
CA PHE A 29 9.60 5.35 -2.60
C PHE A 29 10.70 5.08 -1.57
N ARG A 30 10.98 6.08 -0.74
CA ARG A 30 12.00 5.96 0.29
C ARG A 30 11.38 5.62 1.64
N ARG A 31 12.20 5.12 2.56
CA ARG A 31 11.73 4.74 3.88
C ARG A 31 11.01 5.92 4.55
N GLY A 32 9.78 5.68 4.98
CA GLY A 32 9.01 6.72 5.62
C GLY A 32 7.97 7.34 4.70
N ASP A 33 8.30 7.42 3.41
CA ASP A 33 7.40 7.99 2.43
C ASP A 33 6.05 7.26 2.43
N VAL A 34 5.01 7.96 2.86
CA VAL A 34 3.68 7.38 2.92
C VAL A 34 3.11 7.16 1.52
N LEU A 35 2.36 6.08 1.35
CA LEU A 35 1.77 5.75 0.05
C LEU A 35 0.30 5.37 0.22
N ARG A 36 -0.56 5.96 -0.62
CA ARG A 36 -1.98 5.67 -0.56
C ARG A 36 -2.30 4.36 -1.28
N LEU A 37 -2.75 3.37 -0.50
CA LEU A 37 -3.09 2.06 -1.05
C LEU A 37 -4.53 2.04 -1.55
N HIS A 38 -4.72 2.35 -2.83
CA HIS A 38 -6.05 2.37 -3.42
C HIS A 38 -6.78 1.05 -3.15
N GLU A 39 -6.23 -0.04 -3.68
CA GLU A 39 -6.83 -1.36 -3.49
C GLU A 39 -5.78 -2.46 -3.67
N ARG A 40 -6.07 -3.64 -3.12
CA ARG A 40 -5.16 -4.76 -3.20
C ARG A 40 -4.96 -5.20 -4.65
N ALA A 41 -3.79 -4.91 -5.20
CA ALA A 41 -3.46 -5.27 -6.57
C ALA A 41 -3.30 -6.77 -6.71
N SER A 42 -2.44 -7.36 -5.89
CA SER A 42 -2.18 -8.79 -5.93
C SER A 42 -1.43 -9.25 -4.68
N SER A 43 -1.05 -10.52 -4.67
CA SER A 43 -0.33 -11.08 -3.52
C SER A 43 1.01 -10.38 -3.34
N ASP A 44 1.22 -9.84 -2.14
CA ASP A 44 2.46 -9.13 -1.83
C ASP A 44 2.62 -7.90 -2.70
N TRP A 45 1.50 -7.34 -3.15
CA TRP A 45 1.51 -6.15 -3.98
C TRP A 45 0.25 -5.31 -3.77
N TRP A 46 0.39 -4.00 -3.89
CA TRP A 46 -0.74 -3.09 -3.71
C TRP A 46 -0.80 -2.08 -4.84
N ARG A 47 -1.83 -1.23 -4.81
CA ARG A 47 -2.00 -0.21 -5.83
C ARG A 47 -2.08 1.18 -5.20
N GLY A 48 -1.09 2.01 -5.49
CA GLY A 48 -1.07 3.36 -4.95
C GLY A 48 -0.57 4.38 -5.94
N GLU A 49 -0.44 5.63 -5.50
CA GLU A 49 0.04 6.69 -6.37
C GLU A 49 1.03 7.59 -5.63
N HIS A 50 2.29 7.53 -6.04
CA HIS A 50 3.34 8.34 -5.42
C HIS A 50 3.33 9.76 -5.96
N ASN A 51 4.28 10.57 -5.51
CA ASN A 51 4.37 11.95 -5.95
C ASN A 51 4.37 12.04 -7.48
N GLY A 52 3.18 12.25 -8.05
CA GLY A 52 3.07 12.35 -9.49
C GLY A 52 3.33 11.03 -10.19
N MET A 53 3.28 9.94 -9.43
CA MET A 53 3.51 8.60 -9.99
C MET A 53 2.37 7.66 -9.62
N ARG A 54 2.09 6.72 -10.51
CA ARG A 54 1.02 5.75 -10.30
C ARG A 54 1.45 4.35 -10.69
N GLY A 55 1.17 3.37 -9.83
CA GLY A 55 1.55 2.00 -10.10
C GLY A 55 1.35 1.09 -8.92
N LEU A 56 1.95 -0.08 -8.97
CA LEU A 56 1.84 -1.05 -7.88
C LEU A 56 2.77 -0.69 -6.72
N ILE A 57 2.65 -1.42 -5.62
CA ILE A 57 3.47 -1.17 -4.45
C ILE A 57 3.81 -2.47 -3.72
N PRO A 58 5.09 -2.64 -3.36
CA PRO A 58 5.56 -3.83 -2.66
C PRO A 58 5.04 -3.91 -1.22
N HIS A 59 4.28 -4.95 -0.93
CA HIS A 59 3.73 -5.14 0.41
C HIS A 59 4.84 -5.46 1.42
N LYS A 60 5.97 -5.94 0.92
CA LYS A 60 7.10 -6.29 1.77
C LYS A 60 7.82 -5.03 2.23
N TYR A 61 7.91 -4.03 1.36
CA TYR A 61 8.58 -2.78 1.68
C TYR A 61 7.60 -1.75 2.21
N ILE A 62 6.62 -2.22 2.97
CA ILE A 62 5.61 -1.34 3.54
C ILE A 62 4.93 -1.97 4.75
N THR A 63 4.36 -1.15 5.60
CA THR A 63 3.67 -1.63 6.80
C THR A 63 2.33 -0.94 6.99
N LEU A 64 1.26 -1.65 6.67
CA LEU A 64 -0.09 -1.11 6.79
C LEU A 64 -0.31 -0.54 8.20
N PRO A 65 -1.29 0.37 8.31
CA PRO A 65 -1.62 1.00 9.59
C PRO A 65 -2.28 0.03 10.56
N ALA A 66 -2.56 0.51 11.78
CA ALA A 66 -3.19 -0.31 12.80
C ALA A 66 -4.52 -0.87 12.32
N GLY A 67 -4.48 -2.06 11.73
CA GLY A 67 -5.69 -2.69 11.23
C GLY A 67 -5.48 -3.37 9.89
N THR A 68 -4.91 -4.57 9.91
CA THR A 68 -4.65 -5.32 8.69
C THR A 68 -5.56 -6.54 8.60
N GLU A 69 -5.61 -7.32 9.68
CA GLU A 69 -6.44 -8.52 9.72
C GLU A 69 -7.11 -8.68 11.08
N LYS A 70 -8.21 -9.42 11.12
CA LYS A 70 -8.94 -9.65 12.35
C LYS A 70 -8.23 -10.68 13.22
N GLN A 71 -6.96 -10.44 13.50
CA GLN A 71 -6.16 -11.36 14.32
C GLN A 71 -5.54 -10.62 15.50
N VAL A 72 -6.35 -10.36 16.52
CA VAL A 72 -5.88 -9.66 17.70
C VAL A 72 -6.44 -10.29 18.98
N VAL A 73 -5.89 -9.90 20.12
CA VAL A 73 -6.34 -10.42 21.40
C VAL A 73 -7.23 -9.42 22.13
N GLY A 74 -8.51 -9.75 22.25
CA GLY A 74 -9.44 -8.86 22.93
C GLY A 74 -9.15 -8.76 24.42
N ALA A 75 -9.97 -7.98 25.12
CA ALA A 75 -9.81 -7.79 26.55
C ALA A 75 -11.15 -7.57 27.24
N GLY A 76 -11.42 -8.36 28.28
CA GLY A 76 -12.67 -8.24 29.00
C GLY A 76 -12.93 -9.42 29.91
N GLY A 1 -24.24 17.22 -5.71
CA GLY A 1 -23.73 15.86 -5.62
C GLY A 1 -23.58 15.38 -4.20
N SER A 2 -24.70 15.16 -3.52
CA SER A 2 -24.69 14.71 -2.14
C SER A 2 -25.02 13.22 -2.05
N SER A 3 -23.99 12.38 -2.19
CA SER A 3 -24.18 10.94 -2.13
C SER A 3 -22.85 10.22 -1.90
N GLY A 4 -22.80 9.42 -0.85
CA GLY A 4 -21.58 8.70 -0.53
C GLY A 4 -21.61 7.26 -1.04
N SER A 5 -20.52 6.83 -1.66
CA SER A 5 -20.43 5.47 -2.19
C SER A 5 -20.16 4.47 -1.07
N SER A 6 -20.24 3.19 -1.41
CA SER A 6 -20.01 2.12 -0.43
C SER A 6 -18.54 1.71 -0.42
N GLY A 7 -17.97 1.61 0.78
CA GLY A 7 -16.57 1.23 0.90
C GLY A 7 -15.87 1.93 2.04
N GLU A 8 -14.83 1.31 2.59
CA GLU A 8 -14.08 1.89 3.69
C GLU A 8 -13.55 3.26 3.31
N GLY A 9 -12.85 3.34 2.17
CA GLY A 9 -12.29 4.60 1.73
C GLY A 9 -10.90 4.44 1.15
N VAL A 10 -9.92 5.05 1.82
CA VAL A 10 -8.54 4.99 1.37
C VAL A 10 -7.60 4.68 2.53
N VAL A 11 -6.62 3.81 2.27
CA VAL A 11 -5.66 3.43 3.30
C VAL A 11 -4.26 3.96 2.97
N GLU A 12 -3.50 4.29 4.01
CA GLU A 12 -2.16 4.82 3.84
C GLU A 12 -1.13 3.90 4.48
N ALA A 13 -0.10 3.54 3.70
CA ALA A 13 0.95 2.66 4.19
C ALA A 13 2.29 3.39 4.25
N VAL A 14 3.07 3.11 5.29
CA VAL A 14 4.38 3.74 5.46
C VAL A 14 5.49 2.87 4.89
N ALA A 15 6.37 3.48 4.11
CA ALA A 15 7.48 2.76 3.50
C ALA A 15 8.45 2.24 4.56
N CYS A 16 8.41 0.94 4.81
CA CYS A 16 9.28 0.33 5.81
C CYS A 16 10.75 0.45 5.40
N PHE A 17 11.02 0.26 4.12
CA PHE A 17 12.38 0.35 3.60
C PHE A 17 12.40 1.03 2.23
N ALA A 18 13.59 1.34 1.75
CA ALA A 18 13.74 1.99 0.45
C ALA A 18 13.62 0.99 -0.69
N TYR A 19 12.71 1.26 -1.62
CA TYR A 19 12.48 0.38 -2.76
C TYR A 19 12.62 1.15 -4.07
N THR A 20 12.85 0.41 -5.15
CA THR A 20 12.99 1.02 -6.47
C THR A 20 12.21 0.24 -7.52
N GLY A 21 11.08 0.80 -7.95
CA GLY A 21 10.26 0.14 -8.94
C GLY A 21 11.08 -0.50 -10.04
N ARG A 22 10.85 -1.78 -10.29
CA ARG A 22 11.57 -2.51 -11.31
C ARG A 22 11.17 -2.03 -12.71
N THR A 23 9.89 -1.69 -12.86
CA THR A 23 9.37 -1.23 -14.14
C THR A 23 8.38 -0.09 -13.95
N ALA A 24 7.98 0.53 -15.06
CA ALA A 24 7.02 1.63 -15.01
C ALA A 24 5.78 1.25 -14.21
N GLN A 25 5.41 -0.03 -14.28
CA GLN A 25 4.24 -0.52 -13.56
C GLN A 25 4.44 -0.42 -12.05
N GLU A 26 5.66 -0.67 -11.60
CA GLU A 26 5.99 -0.60 -10.18
C GLU A 26 6.32 0.83 -9.76
N LEU A 27 6.12 1.13 -8.49
CA LEU A 27 6.40 2.47 -7.96
C LEU A 27 7.69 2.47 -7.13
N SER A 28 8.21 3.66 -6.86
CA SER A 28 9.43 3.80 -6.08
C SER A 28 9.25 4.80 -4.95
N PHE A 29 9.97 4.59 -3.85
CA PHE A 29 9.87 5.47 -2.69
C PHE A 29 10.99 5.17 -1.70
N ARG A 30 11.15 6.06 -0.72
CA ARG A 30 12.17 5.89 0.31
C ARG A 30 11.55 5.69 1.68
N ARG A 31 12.13 4.79 2.47
CA ARG A 31 11.62 4.50 3.81
C ARG A 31 11.07 5.77 4.45
N GLY A 32 9.82 5.69 4.92
CA GLY A 32 9.21 6.83 5.56
C GLY A 32 8.14 7.48 4.68
N ASP A 33 8.39 7.51 3.39
CA ASP A 33 7.44 8.09 2.44
C ASP A 33 6.17 7.26 2.35
N VAL A 34 5.06 7.84 2.80
CA VAL A 34 3.77 7.15 2.77
C VAL A 34 3.27 6.98 1.34
N LEU A 35 2.41 6.00 1.13
CA LEU A 35 1.84 5.75 -0.19
C LEU A 35 0.41 5.25 -0.09
N ARG A 36 -0.49 5.92 -0.80
CA ARG A 36 -1.91 5.55 -0.79
C ARG A 36 -2.09 4.11 -1.26
N LEU A 37 -3.15 3.47 -0.76
CA LEU A 37 -3.44 2.08 -1.13
C LEU A 37 -4.83 1.96 -1.74
N HIS A 38 -4.92 2.20 -3.04
CA HIS A 38 -6.19 2.12 -3.75
C HIS A 38 -6.87 0.79 -3.48
N GLU A 39 -6.27 -0.30 -3.97
CA GLU A 39 -6.83 -1.63 -3.80
C GLU A 39 -5.74 -2.70 -3.96
N ARG A 40 -5.89 -3.80 -3.24
CA ARG A 40 -4.93 -4.89 -3.31
C ARG A 40 -4.71 -5.34 -4.75
N ALA A 41 -3.57 -4.96 -5.31
CA ALA A 41 -3.23 -5.31 -6.69
C ALA A 41 -3.00 -6.81 -6.82
N SER A 42 -2.11 -7.34 -5.98
CA SER A 42 -1.80 -8.77 -6.01
C SER A 42 -1.69 -9.33 -4.59
N SER A 43 -1.30 -10.60 -4.50
CA SER A 43 -1.16 -11.25 -3.20
C SER A 43 -0.10 -10.55 -2.36
N ASP A 44 0.98 -10.14 -3.00
CA ASP A 44 2.08 -9.46 -2.31
C ASP A 44 2.38 -8.11 -2.96
N TRP A 45 1.33 -7.43 -3.39
CA TRP A 45 1.47 -6.12 -4.04
C TRP A 45 0.25 -5.25 -3.79
N TRP A 46 0.42 -3.95 -3.95
CA TRP A 46 -0.68 -3.00 -3.74
C TRP A 46 -0.72 -1.96 -4.86
N ARG A 47 -1.84 -1.27 -4.97
CA ARG A 47 -2.01 -0.24 -5.99
C ARG A 47 -2.16 1.14 -5.36
N GLY A 48 -1.20 2.02 -5.64
CA GLY A 48 -1.24 3.37 -5.10
C GLY A 48 -0.72 4.40 -6.07
N GLU A 49 -0.65 5.65 -5.62
CA GLU A 49 -0.16 6.73 -6.46
C GLU A 49 0.79 7.65 -5.68
N HIS A 50 2.06 7.64 -6.08
CA HIS A 50 3.06 8.47 -5.41
C HIS A 50 3.04 9.90 -5.95
N ASN A 51 3.96 10.72 -5.48
CA ASN A 51 4.04 12.11 -5.91
C ASN A 51 4.09 12.20 -7.43
N GLY A 52 2.92 12.37 -8.04
CA GLY A 52 2.86 12.46 -9.49
C GLY A 52 3.17 11.15 -10.18
N MET A 53 3.14 10.06 -9.42
CA MET A 53 3.43 8.74 -9.96
C MET A 53 2.30 7.76 -9.64
N ARG A 54 2.11 6.77 -10.50
CA ARG A 54 1.07 5.77 -10.31
C ARG A 54 1.57 4.39 -10.69
N GLY A 55 1.33 3.41 -9.81
CA GLY A 55 1.77 2.05 -10.08
C GLY A 55 1.53 1.13 -8.90
N LEU A 56 2.21 -0.01 -8.89
CA LEU A 56 2.06 -0.98 -7.82
C LEU A 56 2.96 -0.62 -6.63
N ILE A 57 2.81 -1.37 -5.54
CA ILE A 57 3.61 -1.14 -4.35
C ILE A 57 3.90 -2.44 -3.61
N PRO A 58 5.17 -2.61 -3.19
CA PRO A 58 5.60 -3.82 -2.48
C PRO A 58 5.03 -3.88 -1.06
N HIS A 59 4.34 -4.97 -0.76
CA HIS A 59 3.74 -5.16 0.55
C HIS A 59 4.79 -5.52 1.59
N LYS A 60 5.98 -5.88 1.11
CA LYS A 60 7.08 -6.24 1.99
C LYS A 60 7.83 -5.01 2.48
N TYR A 61 7.96 -4.02 1.60
CA TYR A 61 8.66 -2.79 1.94
C TYR A 61 7.68 -1.73 2.44
N ILE A 62 6.58 -2.18 3.03
CA ILE A 62 5.56 -1.28 3.55
C ILE A 62 4.83 -1.91 4.73
N THR A 63 4.62 -1.12 5.78
CA THR A 63 3.94 -1.58 6.98
C THR A 63 2.55 -0.96 7.09
N LEU A 64 1.52 -1.78 6.89
CA LEU A 64 0.15 -1.31 6.97
C LEU A 64 -0.20 -0.84 8.38
N PRO A 65 -1.13 0.11 8.48
CA PRO A 65 -1.55 0.67 9.77
C PRO A 65 -2.35 -0.33 10.59
N ALA A 66 -2.62 0.02 11.84
CA ALA A 66 -3.39 -0.84 12.74
C ALA A 66 -4.78 -1.13 12.18
N GLY A 67 -5.25 -2.35 12.36
CA GLY A 67 -6.57 -2.72 11.87
C GLY A 67 -6.53 -3.17 10.42
N THR A 68 -5.71 -4.17 10.13
CA THR A 68 -5.59 -4.69 8.78
C THR A 68 -6.43 -5.95 8.60
N GLU A 69 -6.45 -6.80 9.62
CA GLU A 69 -7.22 -8.04 9.56
C GLU A 69 -8.69 -7.77 9.87
N LYS A 70 -9.56 -8.65 9.38
CA LYS A 70 -11.00 -8.51 9.59
C LYS A 70 -11.28 -7.93 10.97
N GLN A 71 -10.75 -8.56 12.00
CA GLN A 71 -10.96 -8.10 13.37
C GLN A 71 -9.80 -8.52 14.26
N VAL A 72 -9.09 -7.53 14.82
CA VAL A 72 -7.96 -7.80 15.68
C VAL A 72 -8.34 -7.62 17.15
N VAL A 73 -7.43 -7.98 18.05
CA VAL A 73 -7.67 -7.86 19.48
C VAL A 73 -6.68 -6.89 20.13
N GLY A 74 -7.20 -5.83 20.73
CA GLY A 74 -6.35 -4.85 21.37
C GLY A 74 -5.89 -3.77 20.41
N ALA A 75 -5.60 -2.59 20.94
CA ALA A 75 -5.13 -1.48 20.13
C ALA A 75 -4.00 -0.72 20.82
N GLY A 76 -3.18 -0.04 20.02
CA GLY A 76 -2.08 0.72 20.59
C GLY A 76 -2.54 1.85 21.48
N GLY A 1 -14.22 -23.34 2.34
CA GLY A 1 -14.65 -22.13 1.66
C GLY A 1 -13.56 -21.07 1.63
N SER A 2 -13.95 -19.84 1.29
CA SER A 2 -13.00 -18.74 1.22
C SER A 2 -13.72 -17.40 1.31
N SER A 3 -12.98 -16.35 1.65
CA SER A 3 -13.55 -15.02 1.77
C SER A 3 -12.52 -13.95 1.42
N GLY A 4 -12.99 -12.81 0.92
CA GLY A 4 -12.09 -11.74 0.56
C GLY A 4 -12.41 -10.44 1.27
N SER A 5 -12.00 -10.34 2.53
CA SER A 5 -12.26 -9.14 3.33
C SER A 5 -12.12 -7.88 2.48
N SER A 6 -13.09 -6.99 2.59
CA SER A 6 -13.08 -5.75 1.84
C SER A 6 -13.42 -4.56 2.73
N GLY A 7 -12.69 -3.45 2.55
CA GLY A 7 -12.93 -2.27 3.35
C GLY A 7 -13.49 -1.13 2.54
N GLU A 8 -13.65 0.03 3.18
CA GLU A 8 -14.18 1.20 2.50
C GLU A 8 -13.27 2.41 2.69
N GLY A 9 -12.66 2.86 1.61
CA GLY A 9 -11.76 4.00 1.68
C GLY A 9 -10.34 3.64 1.31
N VAL A 10 -9.47 4.65 1.28
CA VAL A 10 -8.07 4.43 0.95
C VAL A 10 -7.22 4.28 2.20
N VAL A 11 -6.36 3.26 2.21
CA VAL A 11 -5.49 3.00 3.35
C VAL A 11 -4.09 3.57 3.11
N GLU A 12 -3.52 4.16 4.16
CA GLU A 12 -2.18 4.75 4.06
C GLU A 12 -1.14 3.80 4.66
N ALA A 13 -0.15 3.44 3.84
CA ALA A 13 0.92 2.56 4.29
C ALA A 13 2.27 3.27 4.29
N VAL A 14 3.12 2.92 5.25
CA VAL A 14 4.44 3.53 5.36
C VAL A 14 5.51 2.63 4.76
N ALA A 15 6.38 3.21 3.94
CA ALA A 15 7.46 2.46 3.31
C ALA A 15 8.45 1.93 4.34
N CYS A 16 8.44 0.63 4.57
CA CYS A 16 9.33 0.00 5.54
C CYS A 16 10.79 0.16 5.10
N PHE A 17 11.04 -0.04 3.81
CA PHE A 17 12.39 0.07 3.26
C PHE A 17 12.37 0.74 1.90
N ALA A 18 13.39 1.55 1.62
CA ALA A 18 13.49 2.25 0.35
C ALA A 18 13.46 1.27 -0.82
N TYR A 19 12.47 1.42 -1.70
CA TYR A 19 12.34 0.55 -2.86
C TYR A 19 12.47 1.35 -4.15
N THR A 20 12.97 0.69 -5.20
CA THR A 20 13.15 1.32 -6.49
C THR A 20 12.46 0.53 -7.59
N GLY A 21 11.20 0.88 -7.86
CA GLY A 21 10.45 0.19 -8.89
C GLY A 21 11.32 -0.23 -10.06
N ARG A 22 11.21 -1.49 -10.47
CA ARG A 22 11.99 -2.02 -11.58
C ARG A 22 11.47 -1.47 -12.91
N THR A 23 10.15 -1.46 -13.06
CA THR A 23 9.54 -0.97 -14.28
C THR A 23 8.47 0.08 -13.98
N ALA A 24 7.99 0.75 -15.02
CA ALA A 24 6.95 1.77 -14.86
C ALA A 24 5.82 1.28 -13.97
N GLN A 25 5.40 0.03 -14.19
CA GLN A 25 4.33 -0.56 -13.40
C GLN A 25 4.58 -0.38 -11.91
N GLU A 26 5.81 -0.66 -11.48
CA GLU A 26 6.18 -0.54 -10.07
C GLU A 26 6.54 0.91 -9.75
N LEU A 27 6.26 1.32 -8.51
CA LEU A 27 6.56 2.67 -8.05
C LEU A 27 7.87 2.71 -7.29
N SER A 28 8.32 3.92 -6.95
CA SER A 28 9.56 4.10 -6.21
C SER A 28 9.39 5.12 -5.10
N PHE A 29 9.67 4.71 -3.87
CA PHE A 29 9.55 5.60 -2.71
C PHE A 29 10.68 5.35 -1.72
N ARG A 30 11.00 6.38 -0.94
CA ARG A 30 12.07 6.28 0.05
C ARG A 30 11.51 5.83 1.40
N ARG A 31 12.34 5.13 2.17
CA ARG A 31 11.94 4.64 3.48
C ARG A 31 11.15 5.70 4.24
N GLY A 32 9.94 5.35 4.66
CA GLY A 32 9.11 6.29 5.39
C GLY A 32 8.07 6.96 4.51
N ASP A 33 8.42 7.20 3.25
CA ASP A 33 7.51 7.83 2.31
C ASP A 33 6.17 7.11 2.28
N VAL A 34 5.12 7.79 2.75
CA VAL A 34 3.79 7.22 2.77
C VAL A 34 3.23 7.05 1.36
N LEU A 35 2.30 6.11 1.20
CA LEU A 35 1.68 5.86 -0.10
C LEU A 35 0.21 5.49 0.06
N ARG A 36 -0.63 6.08 -0.78
CA ARG A 36 -2.06 5.82 -0.74
C ARG A 36 -2.39 4.49 -1.42
N LEU A 37 -3.01 3.58 -0.67
CA LEU A 37 -3.39 2.27 -1.20
C LEU A 37 -4.80 2.30 -1.77
N HIS A 38 -4.90 2.45 -3.08
CA HIS A 38 -6.20 2.48 -3.75
C HIS A 38 -6.93 1.14 -3.58
N GLU A 39 -6.24 0.06 -3.91
CA GLU A 39 -6.83 -1.27 -3.79
C GLU A 39 -5.76 -2.35 -3.95
N ARG A 40 -5.97 -3.49 -3.29
CA ARG A 40 -5.03 -4.59 -3.36
C ARG A 40 -4.64 -4.89 -4.80
N ALA A 41 -3.35 -5.12 -5.04
CA ALA A 41 -2.85 -5.41 -6.37
C ALA A 41 -2.56 -6.90 -6.53
N SER A 42 -2.00 -7.52 -5.50
CA SER A 42 -1.67 -8.93 -5.53
C SER A 42 -1.51 -9.48 -4.11
N SER A 43 -1.12 -10.75 -4.02
CA SER A 43 -0.92 -11.40 -2.73
C SER A 43 0.02 -10.59 -1.84
N ASP A 44 1.03 -9.98 -2.46
CA ASP A 44 2.01 -9.16 -1.74
C ASP A 44 2.27 -7.86 -2.48
N TRP A 45 1.21 -7.25 -2.99
CA TRP A 45 1.34 -5.98 -3.71
C TRP A 45 0.08 -5.14 -3.56
N TRP A 46 0.21 -3.84 -3.78
CA TRP A 46 -0.92 -2.93 -3.66
C TRP A 46 -0.95 -1.95 -4.83
N ARG A 47 -2.07 -1.24 -4.98
CA ARG A 47 -2.22 -0.27 -6.05
C ARG A 47 -2.38 1.15 -5.50
N GLY A 48 -1.34 1.96 -5.66
CA GLY A 48 -1.39 3.32 -5.17
C GLY A 48 -0.78 4.31 -6.14
N GLU A 49 -0.65 5.56 -5.71
CA GLU A 49 -0.08 6.61 -6.55
C GLU A 49 0.88 7.49 -5.76
N HIS A 50 2.13 7.55 -6.21
CA HIS A 50 3.14 8.35 -5.55
C HIS A 50 3.01 9.83 -5.92
N ASN A 51 3.92 10.65 -5.42
CA ASN A 51 3.91 12.07 -5.70
C ASN A 51 4.16 12.34 -7.19
N GLY A 52 3.17 12.03 -8.02
CA GLY A 52 3.31 12.25 -9.44
C GLY A 52 3.38 10.95 -10.22
N MET A 53 3.65 9.85 -9.51
CA MET A 53 3.75 8.54 -10.14
C MET A 53 2.57 7.67 -9.77
N ARG A 54 2.32 6.64 -10.57
CA ARG A 54 1.21 5.72 -10.32
C ARG A 54 1.58 4.29 -10.71
N GLY A 55 1.36 3.35 -9.79
CA GLY A 55 1.69 1.97 -10.06
C GLY A 55 1.39 1.07 -8.87
N LEU A 56 2.07 -0.07 -8.80
CA LEU A 56 1.88 -1.01 -7.72
C LEU A 56 2.76 -0.66 -6.52
N ILE A 57 2.59 -1.40 -5.43
CA ILE A 57 3.37 -1.17 -4.22
C ILE A 57 3.67 -2.47 -3.50
N PRO A 58 4.94 -2.63 -3.08
CA PRO A 58 5.39 -3.83 -2.37
C PRO A 58 4.81 -3.92 -0.97
N HIS A 59 4.10 -5.02 -0.69
CA HIS A 59 3.49 -5.23 0.62
C HIS A 59 4.55 -5.55 1.66
N LYS A 60 5.70 -6.04 1.21
CA LYS A 60 6.80 -6.38 2.10
C LYS A 60 7.57 -5.14 2.53
N TYR A 61 7.73 -4.20 1.61
CA TYR A 61 8.44 -2.97 1.90
C TYR A 61 7.48 -1.88 2.39
N ILE A 62 6.38 -2.30 3.00
CA ILE A 62 5.38 -1.37 3.51
C ILE A 62 4.64 -1.97 4.70
N THR A 63 4.47 -1.17 5.74
CA THR A 63 3.76 -1.62 6.94
C THR A 63 2.37 -1.02 7.02
N LEU A 64 1.36 -1.86 6.84
CA LEU A 64 -0.04 -1.41 6.89
C LEU A 64 -0.46 -1.11 8.33
N PRO A 65 -1.43 -0.19 8.48
CA PRO A 65 -1.94 0.20 9.79
C PRO A 65 -2.75 -0.90 10.46
N ALA A 66 -3.16 -0.66 11.70
CA ALA A 66 -3.95 -1.65 12.45
C ALA A 66 -4.91 -2.39 11.53
N GLY A 67 -4.92 -3.72 11.64
CA GLY A 67 -5.81 -4.52 10.82
C GLY A 67 -5.06 -5.62 10.08
N THR A 68 -3.87 -5.30 9.60
CA THR A 68 -3.06 -6.27 8.86
C THR A 68 -2.53 -7.35 9.79
N GLU A 69 -2.06 -8.45 9.19
CA GLU A 69 -1.53 -9.57 9.97
C GLU A 69 -0.10 -9.28 10.41
N LYS A 70 0.19 -9.57 11.67
CA LYS A 70 1.53 -9.34 12.23
C LYS A 70 2.43 -10.52 11.92
N GLN A 71 2.36 -11.03 10.70
CA GLN A 71 3.18 -12.16 10.28
C GLN A 71 4.60 -12.03 10.82
N VAL A 72 5.20 -10.86 10.60
CA VAL A 72 6.56 -10.60 11.05
C VAL A 72 6.56 -9.82 12.37
N VAL A 73 7.61 -10.01 13.15
CA VAL A 73 7.73 -9.31 14.43
C VAL A 73 8.10 -7.85 14.24
N GLY A 74 9.25 -7.60 13.63
CA GLY A 74 9.69 -6.24 13.38
C GLY A 74 10.97 -5.90 14.15
N ALA A 75 11.12 -4.63 14.48
CA ALA A 75 12.30 -4.18 15.22
C ALA A 75 13.58 -4.70 14.58
N GLY A 76 13.63 -4.67 13.25
CA GLY A 76 14.80 -5.14 12.55
C GLY A 76 15.26 -6.50 13.03
N GLY A 1 -13.94 -2.18 15.84
CA GLY A 1 -14.15 -0.99 16.65
C GLY A 1 -14.90 0.09 15.92
N SER A 2 -14.16 1.07 15.39
CA SER A 2 -14.76 2.18 14.66
C SER A 2 -14.81 1.88 13.17
N SER A 3 -15.93 1.32 12.71
CA SER A 3 -16.09 0.98 11.31
C SER A 3 -16.19 2.24 10.45
N GLY A 4 -15.06 2.74 9.99
CA GLY A 4 -15.04 3.94 9.18
C GLY A 4 -15.08 3.63 7.69
N SER A 5 -16.29 3.42 7.17
CA SER A 5 -16.46 3.11 5.76
C SER A 5 -15.73 1.81 5.40
N SER A 6 -15.82 0.82 6.27
CA SER A 6 -15.17 -0.47 6.04
C SER A 6 -15.66 -1.11 4.76
N GLY A 7 -14.75 -1.72 4.00
CA GLY A 7 -15.12 -2.36 2.76
C GLY A 7 -14.36 -1.82 1.57
N GLU A 8 -14.96 -0.83 0.90
CA GLU A 8 -14.32 -0.21 -0.26
C GLU A 8 -13.76 1.16 0.08
N GLY A 9 -12.56 1.18 0.65
CA GLY A 9 -11.93 2.43 1.02
C GLY A 9 -10.45 2.45 0.70
N VAL A 10 -9.76 3.48 1.18
CA VAL A 10 -8.32 3.62 0.94
C VAL A 10 -7.53 3.45 2.23
N VAL A 11 -6.36 2.82 2.12
CA VAL A 11 -5.51 2.59 3.28
C VAL A 11 -4.14 3.23 3.08
N GLU A 12 -3.67 3.95 4.09
CA GLU A 12 -2.37 4.60 4.03
C GLU A 12 -1.29 3.74 4.67
N ALA A 13 -0.32 3.32 3.85
CA ALA A 13 0.78 2.48 4.33
C ALA A 13 2.10 3.24 4.29
N VAL A 14 3.03 2.86 5.16
CA VAL A 14 4.33 3.50 5.22
C VAL A 14 5.41 2.59 4.63
N ALA A 15 6.45 3.21 4.07
CA ALA A 15 7.55 2.45 3.47
C ALA A 15 8.67 2.24 4.48
N CYS A 16 8.69 1.06 5.08
CA CYS A 16 9.71 0.73 6.07
C CYS A 16 11.10 0.76 5.45
N PHE A 17 11.21 0.30 4.20
CA PHE A 17 12.48 0.28 3.49
C PHE A 17 12.37 1.01 2.15
N ALA A 18 13.50 1.45 1.63
CA ALA A 18 13.54 2.16 0.36
C ALA A 18 13.49 1.19 -0.81
N TYR A 19 12.56 1.40 -1.73
CA TYR A 19 12.42 0.54 -2.90
C TYR A 19 12.61 1.33 -4.19
N THR A 20 13.11 0.67 -5.22
CA THR A 20 13.35 1.31 -6.50
C THR A 20 12.77 0.48 -7.65
N GLY A 21 11.51 0.72 -7.97
CA GLY A 21 10.86 -0.01 -9.05
C GLY A 21 11.77 -0.20 -10.25
N ARG A 22 11.58 -1.30 -10.97
CA ARG A 22 12.39 -1.59 -12.14
C ARG A 22 11.67 -1.15 -13.42
N THR A 23 10.34 -1.30 -13.43
CA THR A 23 9.54 -0.92 -14.59
C THR A 23 8.54 0.16 -14.22
N ALA A 24 7.76 0.61 -15.21
CA ALA A 24 6.76 1.64 -15.00
C ALA A 24 5.73 1.19 -13.95
N GLN A 25 5.26 -0.03 -14.08
CA GLN A 25 4.27 -0.58 -13.14
C GLN A 25 4.75 -0.42 -11.71
N GLU A 26 6.03 -0.73 -11.48
CA GLU A 26 6.60 -0.64 -10.14
C GLU A 26 6.94 0.82 -9.80
N LEU A 27 6.53 1.24 -8.61
CA LEU A 27 6.78 2.60 -8.16
C LEU A 27 8.10 2.69 -7.40
N SER A 28 8.47 3.91 -6.99
CA SER A 28 9.71 4.13 -6.26
C SER A 28 9.51 5.15 -5.14
N PHE A 29 9.90 4.76 -3.93
CA PHE A 29 9.76 5.64 -2.77
C PHE A 29 10.87 5.37 -1.75
N ARG A 30 11.16 6.37 -0.92
CA ARG A 30 12.19 6.25 0.10
C ARG A 30 11.57 5.93 1.46
N ARG A 31 12.37 5.34 2.34
CA ARG A 31 11.91 4.99 3.67
C ARG A 31 11.17 6.16 4.31
N GLY A 32 9.96 5.91 4.79
CA GLY A 32 9.17 6.95 5.41
C GLY A 32 8.13 7.54 4.48
N ASP A 33 8.38 7.43 3.18
CA ASP A 33 7.45 7.96 2.18
C ASP A 33 6.13 7.22 2.22
N VAL A 34 5.08 7.93 2.64
CA VAL A 34 3.75 7.33 2.74
C VAL A 34 3.15 7.13 1.35
N LEU A 35 2.43 6.01 1.18
CA LEU A 35 1.81 5.70 -0.10
C LEU A 35 0.35 5.31 0.10
N ARG A 36 -0.54 5.95 -0.66
CA ARG A 36 -1.96 5.67 -0.57
C ARG A 36 -2.32 4.38 -1.30
N LEU A 37 -2.95 3.45 -0.59
CA LEU A 37 -3.35 2.18 -1.18
C LEU A 37 -4.76 2.25 -1.76
N HIS A 38 -4.86 2.65 -3.02
CA HIS A 38 -6.14 2.76 -3.70
C HIS A 38 -6.87 1.42 -3.71
N GLU A 39 -6.15 0.37 -4.09
CA GLU A 39 -6.74 -0.97 -4.15
C GLU A 39 -5.67 -2.03 -3.86
N ARG A 40 -6.11 -3.28 -3.78
CA ARG A 40 -5.20 -4.39 -3.50
C ARG A 40 -4.99 -5.23 -4.75
N ALA A 41 -3.94 -4.91 -5.50
CA ALA A 41 -3.62 -5.63 -6.72
C ALA A 41 -3.52 -7.14 -6.45
N SER A 42 -2.68 -7.51 -5.49
CA SER A 42 -2.48 -8.91 -5.15
C SER A 42 -2.25 -9.08 -3.65
N SER A 43 -2.04 -10.31 -3.23
CA SER A 43 -1.80 -10.60 -1.82
C SER A 43 -0.40 -10.17 -1.40
N ASP A 44 0.43 -9.86 -2.38
CA ASP A 44 1.80 -9.44 -2.12
C ASP A 44 2.04 -8.02 -2.63
N TRP A 45 1.28 -7.63 -3.65
CA TRP A 45 1.40 -6.28 -4.22
C TRP A 45 0.15 -5.46 -3.95
N TRP A 46 0.29 -4.14 -4.02
CA TRP A 46 -0.82 -3.23 -3.79
C TRP A 46 -0.89 -2.15 -4.86
N ARG A 47 -2.02 -1.45 -4.92
CA ARG A 47 -2.21 -0.40 -5.91
C ARG A 47 -2.27 0.97 -5.23
N GLY A 48 -1.22 1.77 -5.43
CA GLY A 48 -1.18 3.09 -4.83
C GLY A 48 -0.60 4.13 -5.77
N GLU A 49 -0.56 5.38 -5.31
CA GLU A 49 -0.03 6.47 -6.11
C GLU A 49 1.05 7.24 -5.36
N HIS A 50 2.13 7.57 -6.06
CA HIS A 50 3.24 8.30 -5.47
C HIS A 50 3.26 9.75 -5.96
N ASN A 51 4.28 10.50 -5.53
CA ASN A 51 4.41 11.89 -5.92
C ASN A 51 4.44 12.03 -7.44
N GLY A 52 3.28 12.31 -8.03
CA GLY A 52 3.19 12.46 -9.46
C GLY A 52 3.36 11.15 -10.20
N MET A 53 3.33 10.05 -9.45
CA MET A 53 3.49 8.73 -10.04
C MET A 53 2.34 7.81 -9.62
N ARG A 54 2.13 6.75 -10.40
CA ARG A 54 1.05 5.81 -10.12
C ARG A 54 1.45 4.40 -10.55
N GLY A 55 1.31 3.43 -9.64
CA GLY A 55 1.65 2.06 -9.94
C GLY A 55 1.39 1.13 -8.77
N LEU A 56 2.05 -0.03 -8.79
CA LEU A 56 1.87 -1.01 -7.73
C LEU A 56 2.68 -0.63 -6.49
N ILE A 57 2.62 -1.47 -5.46
CA ILE A 57 3.34 -1.21 -4.22
C ILE A 57 3.67 -2.52 -3.51
N PRO A 58 4.94 -2.65 -3.08
CA PRO A 58 5.42 -3.84 -2.37
C PRO A 58 4.82 -3.96 -0.97
N HIS A 59 4.20 -5.10 -0.69
CA HIS A 59 3.60 -5.33 0.63
C HIS A 59 4.66 -5.72 1.66
N LYS A 60 5.84 -6.10 1.17
CA LYS A 60 6.94 -6.50 2.04
C LYS A 60 7.76 -5.28 2.45
N TYR A 61 7.79 -4.27 1.58
CA TYR A 61 8.55 -3.05 1.86
C TYR A 61 7.65 -1.96 2.44
N ILE A 62 6.46 -2.36 2.88
CA ILE A 62 5.51 -1.42 3.45
C ILE A 62 4.77 -2.04 4.63
N THR A 63 4.32 -1.20 5.55
CA THR A 63 3.59 -1.66 6.74
C THR A 63 2.20 -1.05 6.80
N LEU A 64 1.19 -1.91 6.72
CA LEU A 64 -0.21 -1.45 6.78
C LEU A 64 -0.58 -1.04 8.19
N PRO A 65 -1.55 -0.11 8.29
CA PRO A 65 -2.03 0.39 9.58
C PRO A 65 -2.80 -0.66 10.37
N ALA A 66 -3.11 -0.35 11.63
CA ALA A 66 -3.85 -1.27 12.49
C ALA A 66 -5.31 -1.35 12.06
N GLY A 67 -5.59 -2.13 11.02
CA GLY A 67 -6.95 -2.27 10.54
C GLY A 67 -7.01 -2.53 9.04
N THR A 68 -6.44 -3.65 8.61
CA THR A 68 -6.43 -4.01 7.20
C THR A 68 -7.23 -5.29 6.95
N GLU A 69 -8.36 -5.41 7.64
CA GLU A 69 -9.21 -6.59 7.50
C GLU A 69 -8.37 -7.85 7.32
N LYS A 70 -7.20 -7.86 7.94
CA LYS A 70 -6.30 -9.02 7.85
C LYS A 70 -5.32 -9.03 9.02
N GLN A 71 -5.09 -10.20 9.58
CA GLN A 71 -4.17 -10.35 10.70
C GLN A 71 -4.39 -9.25 11.74
N VAL A 72 -5.63 -9.13 12.20
CA VAL A 72 -5.99 -8.12 13.18
C VAL A 72 -6.49 -8.76 14.47
N VAL A 73 -5.80 -8.47 15.58
CA VAL A 73 -6.18 -9.01 16.88
C VAL A 73 -7.32 -8.22 17.50
N GLY A 74 -8.34 -8.91 17.97
CA GLY A 74 -9.47 -8.26 18.59
C GLY A 74 -9.45 -8.35 20.11
N ALA A 75 -10.35 -9.13 20.67
CA ALA A 75 -10.43 -9.31 22.11
C ALA A 75 -10.47 -7.96 22.82
N GLY A 76 -11.28 -7.04 22.30
CA GLY A 76 -11.39 -5.72 22.89
C GLY A 76 -12.79 -5.42 23.39
N GLY A 1 -25.78 -6.90 -11.96
CA GLY A 1 -26.03 -7.87 -10.90
C GLY A 1 -25.86 -7.28 -9.51
N SER A 2 -26.32 -8.00 -8.51
CA SER A 2 -26.22 -7.53 -7.13
C SER A 2 -24.77 -7.49 -6.66
N SER A 3 -24.27 -6.29 -6.41
CA SER A 3 -22.90 -6.11 -5.97
C SER A 3 -22.79 -4.94 -4.99
N GLY A 4 -22.47 -5.26 -3.75
CA GLY A 4 -22.34 -4.23 -2.72
C GLY A 4 -21.40 -4.64 -1.61
N SER A 5 -20.17 -4.98 -1.97
CA SER A 5 -19.17 -5.40 -0.99
C SER A 5 -18.97 -4.32 0.08
N SER A 6 -18.38 -4.71 1.20
CA SER A 6 -18.14 -3.78 2.30
C SER A 6 -16.71 -3.25 2.25
N GLY A 7 -16.57 -1.93 2.14
CA GLY A 7 -15.26 -1.31 2.08
C GLY A 7 -15.11 -0.37 0.92
N GLU A 8 -14.75 0.88 1.21
CA GLU A 8 -14.58 1.89 0.18
C GLU A 8 -13.72 3.05 0.69
N GLY A 9 -12.55 3.23 0.10
CA GLY A 9 -11.67 4.30 0.50
C GLY A 9 -10.22 4.02 0.16
N VAL A 10 -9.31 4.65 0.89
CA VAL A 10 -7.88 4.46 0.65
C VAL A 10 -7.13 4.25 1.96
N VAL A 11 -6.19 3.31 1.95
CA VAL A 11 -5.40 3.00 3.14
C VAL A 11 -3.98 3.56 3.02
N GLU A 12 -3.58 4.36 4.01
CA GLU A 12 -2.25 4.95 4.00
C GLU A 12 -1.23 4.01 4.64
N ALA A 13 -0.20 3.66 3.88
CA ALA A 13 0.85 2.77 4.36
C ALA A 13 2.19 3.48 4.44
N VAL A 14 3.09 2.95 5.26
CA VAL A 14 4.41 3.53 5.43
C VAL A 14 5.48 2.68 4.75
N ALA A 15 6.42 3.34 4.08
CA ALA A 15 7.50 2.63 3.40
C ALA A 15 8.54 2.12 4.40
N CYS A 16 8.51 0.82 4.65
CA CYS A 16 9.45 0.20 5.58
C CYS A 16 10.89 0.38 5.10
N PHE A 17 11.17 -0.06 3.89
CA PHE A 17 12.51 0.05 3.31
C PHE A 17 12.46 0.76 1.97
N ALA A 18 13.49 1.56 1.69
CA ALA A 18 13.57 2.31 0.44
C ALA A 18 13.52 1.36 -0.76
N TYR A 19 12.54 1.59 -1.63
CA TYR A 19 12.38 0.76 -2.82
C TYR A 19 12.52 1.60 -4.09
N THR A 20 12.98 0.96 -5.16
CA THR A 20 13.16 1.64 -6.44
C THR A 20 12.56 0.84 -7.58
N GLY A 21 11.32 1.14 -7.93
CA GLY A 21 10.64 0.45 -9.00
C GLY A 21 11.53 0.27 -10.22
N ARG A 22 11.62 -0.97 -10.72
CA ARG A 22 12.44 -1.27 -11.87
C ARG A 22 11.77 -0.80 -13.15
N THR A 23 10.45 -0.98 -13.23
CA THR A 23 9.69 -0.57 -14.40
C THR A 23 8.54 0.35 -14.01
N ALA A 24 7.92 0.98 -15.02
CA ALA A 24 6.81 1.87 -14.78
C ALA A 24 5.80 1.27 -13.81
N GLN A 25 5.45 0.00 -14.05
CA GLN A 25 4.49 -0.69 -13.19
C GLN A 25 4.85 -0.51 -11.72
N GLU A 26 6.12 -0.76 -11.39
CA GLU A 26 6.59 -0.63 -10.02
C GLU A 26 6.85 0.84 -9.67
N LEU A 27 6.39 1.25 -8.50
CA LEU A 27 6.58 2.62 -8.04
C LEU A 27 7.90 2.77 -7.27
N SER A 28 8.20 4.00 -6.88
CA SER A 28 9.43 4.28 -6.13
C SER A 28 9.14 5.14 -4.91
N PHE A 29 9.90 4.92 -3.85
CA PHE A 29 9.74 5.68 -2.61
C PHE A 29 10.84 5.36 -1.62
N ARG A 30 11.10 6.29 -0.70
CA ARG A 30 12.14 6.10 0.31
C ARG A 30 11.52 5.82 1.68
N ARG A 31 12.17 4.98 2.46
CA ARG A 31 11.69 4.63 3.79
C ARG A 31 11.05 5.83 4.46
N GLY A 32 9.81 5.65 4.91
CA GLY A 32 9.10 6.74 5.57
C GLY A 32 8.03 7.36 4.68
N ASP A 33 8.33 7.48 3.40
CA ASP A 33 7.39 8.06 2.44
C ASP A 33 6.08 7.28 2.42
N VAL A 34 5.01 7.93 2.83
CA VAL A 34 3.69 7.32 2.88
C VAL A 34 3.17 7.07 1.46
N LEU A 35 2.41 5.98 1.31
CA LEU A 35 1.84 5.62 0.01
C LEU A 35 0.36 5.27 0.14
N ARG A 36 -0.48 5.94 -0.65
CA ARG A 36 -1.91 5.70 -0.63
C ARG A 36 -2.26 4.43 -1.40
N LEU A 37 -2.78 3.43 -0.68
CA LEU A 37 -3.16 2.16 -1.29
C LEU A 37 -4.55 2.24 -1.89
N HIS A 38 -4.63 2.54 -3.20
CA HIS A 38 -5.90 2.65 -3.89
C HIS A 38 -6.74 1.38 -3.67
N GLU A 39 -6.12 0.23 -3.86
CA GLU A 39 -6.80 -1.06 -3.69
C GLU A 39 -5.81 -2.18 -3.49
N ARG A 40 -6.33 -3.36 -3.13
CA ARG A 40 -5.48 -4.52 -2.90
C ARG A 40 -5.18 -5.24 -4.22
N ALA A 41 -4.25 -4.68 -4.99
CA ALA A 41 -3.87 -5.26 -6.26
C ALA A 41 -3.69 -6.78 -6.15
N SER A 42 -2.76 -7.19 -5.31
CA SER A 42 -2.50 -8.62 -5.11
C SER A 42 -2.19 -8.91 -3.65
N SER A 43 -2.05 -10.20 -3.33
CA SER A 43 -1.77 -10.62 -1.96
C SER A 43 -0.39 -10.12 -1.52
N ASP A 44 0.49 -9.90 -2.49
CA ASP A 44 1.84 -9.44 -2.21
C ASP A 44 2.04 -8.01 -2.72
N TRP A 45 1.32 -7.67 -3.78
CA TRP A 45 1.42 -6.34 -4.38
C TRP A 45 0.19 -5.50 -4.05
N TRP A 46 0.34 -4.19 -4.12
CA TRP A 46 -0.76 -3.27 -3.84
C TRP A 46 -0.84 -2.16 -4.87
N ARG A 47 -2.01 -1.53 -4.98
CA ARG A 47 -2.21 -0.45 -5.94
C ARG A 47 -2.15 0.90 -5.24
N GLY A 48 -1.21 1.74 -5.68
CA GLY A 48 -1.07 3.06 -5.10
C GLY A 48 -0.58 4.09 -6.10
N GLU A 49 -0.54 5.35 -5.67
CA GLU A 49 -0.09 6.43 -6.54
C GLU A 49 0.70 7.47 -5.75
N HIS A 50 2.00 7.53 -6.02
CA HIS A 50 2.88 8.47 -5.35
C HIS A 50 2.87 9.82 -6.04
N ASN A 51 3.70 10.75 -5.55
CA ASN A 51 3.78 12.08 -6.12
C ASN A 51 4.04 12.01 -7.63
N GLY A 52 2.97 12.10 -8.41
CA GLY A 52 3.10 12.05 -9.85
C GLY A 52 3.48 10.67 -10.35
N MET A 53 3.29 9.66 -9.51
CA MET A 53 3.61 8.29 -9.86
C MET A 53 2.42 7.37 -9.63
N ARG A 54 2.25 6.40 -10.52
CA ARG A 54 1.14 5.45 -10.42
C ARG A 54 1.60 4.04 -10.79
N GLY A 55 1.38 3.09 -9.88
CA GLY A 55 1.77 1.72 -10.13
C GLY A 55 1.48 0.81 -8.95
N LEU A 56 2.15 -0.34 -8.91
CA LEU A 56 1.96 -1.30 -7.83
C LEU A 56 2.84 -0.94 -6.64
N ILE A 57 2.74 -1.74 -5.58
CA ILE A 57 3.54 -1.51 -4.37
C ILE A 57 3.80 -2.82 -3.64
N PRO A 58 5.07 -3.04 -3.26
CA PRO A 58 5.49 -4.24 -2.54
C PRO A 58 4.95 -4.29 -1.12
N HIS A 59 4.19 -5.34 -0.81
CA HIS A 59 3.61 -5.51 0.52
C HIS A 59 4.68 -5.90 1.53
N LYS A 60 5.89 -6.15 1.04
CA LYS A 60 7.00 -6.54 1.90
C LYS A 60 7.78 -5.31 2.37
N TYR A 61 7.91 -4.32 1.51
CA TYR A 61 8.62 -3.10 1.83
C TYR A 61 7.67 -2.04 2.39
N ILE A 62 6.48 -2.48 2.79
CA ILE A 62 5.48 -1.57 3.35
C ILE A 62 4.76 -2.21 4.53
N THR A 63 4.52 -1.41 5.57
CA THR A 63 3.85 -1.88 6.76
C THR A 63 2.47 -1.26 6.90
N LEU A 64 1.43 -2.06 6.71
CA LEU A 64 0.06 -1.58 6.81
C LEU A 64 -0.26 -1.16 8.24
N PRO A 65 -1.24 -0.24 8.38
CA PRO A 65 -1.66 0.28 9.69
C PRO A 65 -2.38 -0.77 10.51
N ALA A 66 -2.51 -0.52 11.82
CA ALA A 66 -3.18 -1.44 12.72
C ALA A 66 -4.40 -2.06 12.05
N GLY A 67 -4.82 -3.21 12.57
CA GLY A 67 -5.98 -3.90 12.01
C GLY A 67 -5.76 -4.33 10.58
N THR A 68 -4.58 -4.90 10.31
CA THR A 68 -4.25 -5.36 8.96
C THR A 68 -5.23 -6.42 8.48
N GLU A 69 -5.57 -7.35 9.37
CA GLU A 69 -6.50 -8.42 9.02
C GLU A 69 -7.57 -8.58 10.12
N LYS A 70 -7.14 -8.45 11.37
CA LYS A 70 -8.05 -8.58 12.49
C LYS A 70 -8.96 -7.36 12.61
N GLN A 71 -10.21 -7.59 12.99
CA GLN A 71 -11.18 -6.51 13.15
C GLN A 71 -11.68 -6.41 14.58
N VAL A 72 -12.47 -5.38 14.86
CA VAL A 72 -13.01 -5.17 16.20
C VAL A 72 -14.43 -4.60 16.12
N VAL A 73 -15.26 -5.00 17.07
CA VAL A 73 -16.64 -4.52 17.13
C VAL A 73 -16.84 -3.55 18.27
N GLY A 74 -17.57 -2.46 18.00
CA GLY A 74 -17.83 -1.46 19.02
C GLY A 74 -16.70 -0.45 19.13
N ALA A 75 -15.86 -0.62 20.14
CA ALA A 75 -14.73 0.28 20.36
C ALA A 75 -13.52 -0.47 20.88
N GLY A 76 -12.34 -0.10 20.40
CA GLY A 76 -11.12 -0.75 20.82
C GLY A 76 -9.96 -0.48 19.88
N GLY A 1 -28.15 -6.11 14.89
CA GLY A 1 -29.02 -4.95 14.84
C GLY A 1 -28.73 -4.06 13.64
N SER A 2 -28.56 -2.77 13.90
CA SER A 2 -28.28 -1.81 12.83
C SER A 2 -26.88 -2.01 12.26
N SER A 3 -26.79 -2.82 11.20
CA SER A 3 -25.50 -3.10 10.57
C SER A 3 -25.28 -2.20 9.36
N GLY A 4 -24.06 -2.21 8.83
CA GLY A 4 -23.74 -1.39 7.69
C GLY A 4 -22.29 -0.94 7.67
N SER A 5 -21.51 -1.51 6.77
CA SER A 5 -20.09 -1.17 6.66
C SER A 5 -19.87 -0.13 5.57
N SER A 6 -18.89 0.74 5.78
CA SER A 6 -18.57 1.79 4.81
C SER A 6 -17.07 1.89 4.60
N GLY A 7 -16.65 1.97 3.34
CA GLY A 7 -15.25 2.06 3.02
C GLY A 7 -14.99 2.79 1.71
N GLU A 8 -14.96 2.05 0.62
CA GLU A 8 -14.72 2.62 -0.69
C GLU A 8 -13.77 3.81 -0.60
N GLY A 9 -12.81 3.73 0.33
CA GLY A 9 -11.85 4.79 0.50
C GLY A 9 -10.44 4.37 0.14
N VAL A 10 -9.48 4.79 0.95
CA VAL A 10 -8.07 4.44 0.71
C VAL A 10 -7.32 4.28 2.02
N VAL A 11 -6.45 3.27 2.08
CA VAL A 11 -5.66 3.00 3.27
C VAL A 11 -4.24 3.53 3.13
N GLU A 12 -3.85 4.43 4.01
CA GLU A 12 -2.52 5.02 3.98
C GLU A 12 -1.51 4.12 4.69
N ALA A 13 -0.43 3.78 4.00
CA ALA A 13 0.61 2.93 4.56
C ALA A 13 1.95 3.64 4.60
N VAL A 14 2.88 3.13 5.40
CA VAL A 14 4.21 3.72 5.52
C VAL A 14 5.27 2.79 4.95
N ALA A 15 6.21 3.36 4.21
CA ALA A 15 7.29 2.58 3.60
C ALA A 15 8.32 2.18 4.65
N CYS A 16 8.38 0.89 4.97
CA CYS A 16 9.33 0.39 5.95
C CYS A 16 10.74 0.36 5.37
N PHE A 17 10.84 0.16 4.07
CA PHE A 17 12.14 0.11 3.39
C PHE A 17 12.10 0.86 2.07
N ALA A 18 13.26 1.25 1.58
CA ALA A 18 13.37 1.97 0.31
C ALA A 18 13.27 1.02 -0.88
N TYR A 19 12.39 1.35 -1.81
CA TYR A 19 12.20 0.52 -3.00
C TYR A 19 12.46 1.33 -4.27
N THR A 20 12.87 0.64 -5.33
CA THR A 20 13.15 1.28 -6.61
C THR A 20 12.50 0.53 -7.76
N GLY A 21 11.29 0.96 -8.13
CA GLY A 21 10.57 0.32 -9.21
C GLY A 21 11.46 0.08 -10.42
N ARG A 22 11.52 -1.18 -10.86
CA ARG A 22 12.34 -1.54 -12.02
C ARG A 22 11.65 -1.12 -13.31
N THR A 23 10.33 -1.14 -13.32
CA THR A 23 9.55 -0.77 -14.49
C THR A 23 8.34 0.08 -14.11
N ALA A 24 7.71 0.69 -15.11
CA ALA A 24 6.54 1.53 -14.88
C ALA A 24 5.56 0.85 -13.93
N GLN A 25 5.36 -0.46 -14.11
CA GLN A 25 4.46 -1.22 -13.27
C GLN A 25 4.81 -1.06 -11.80
N GLU A 26 6.10 -1.06 -11.50
CA GLU A 26 6.56 -0.91 -10.12
C GLU A 26 6.89 0.55 -9.81
N LEU A 27 6.44 1.01 -8.65
CA LEU A 27 6.66 2.38 -8.23
C LEU A 27 8.03 2.53 -7.56
N SER A 28 8.35 3.74 -7.12
CA SER A 28 9.62 4.01 -6.46
C SER A 28 9.44 5.02 -5.32
N PHE A 29 9.94 4.66 -4.15
CA PHE A 29 9.83 5.53 -2.98
C PHE A 29 10.96 5.24 -1.99
N ARG A 30 11.13 6.14 -1.03
CA ARG A 30 12.17 5.98 -0.01
C ARG A 30 11.55 5.67 1.35
N ARG A 31 12.30 4.95 2.18
CA ARG A 31 11.83 4.58 3.51
C ARG A 31 11.16 5.77 4.20
N GLY A 32 9.93 5.56 4.67
CA GLY A 32 9.20 6.61 5.34
C GLY A 32 8.17 7.27 4.44
N ASP A 33 8.44 7.28 3.14
CA ASP A 33 7.53 7.88 2.17
C ASP A 33 6.17 7.19 2.22
N VAL A 34 5.15 7.93 2.64
CA VAL A 34 3.79 7.40 2.73
C VAL A 34 3.18 7.25 1.35
N LEU A 35 2.37 6.21 1.19
CA LEU A 35 1.70 5.95 -0.09
C LEU A 35 0.27 5.48 0.13
N ARG A 36 -0.66 6.04 -0.62
CA ARG A 36 -2.06 5.67 -0.52
C ARG A 36 -2.33 4.33 -1.19
N LEU A 37 -2.89 3.39 -0.44
CA LEU A 37 -3.18 2.06 -0.95
C LEU A 37 -4.60 2.01 -1.52
N HIS A 38 -4.72 2.30 -2.82
CA HIS A 38 -6.03 2.29 -3.48
C HIS A 38 -6.72 0.95 -3.27
N GLU A 39 -6.09 -0.13 -3.72
CA GLU A 39 -6.66 -1.46 -3.59
C GLU A 39 -5.60 -2.53 -3.85
N ARG A 40 -5.67 -3.62 -3.08
CA ARG A 40 -4.72 -4.72 -3.23
C ARG A 40 -4.64 -5.18 -4.68
N ALA A 41 -3.44 -5.14 -5.25
CA ALA A 41 -3.23 -5.57 -6.63
C ALA A 41 -3.00 -7.07 -6.72
N SER A 42 -2.13 -7.58 -5.85
CA SER A 42 -1.81 -9.00 -5.83
C SER A 42 -1.78 -9.53 -4.40
N SER A 43 -1.42 -10.80 -4.26
CA SER A 43 -1.35 -11.43 -2.94
C SER A 43 -0.33 -10.73 -2.05
N ASP A 44 0.73 -10.21 -2.68
CA ASP A 44 1.77 -9.52 -1.94
C ASP A 44 2.11 -8.19 -2.62
N TRP A 45 1.09 -7.49 -3.08
CA TRP A 45 1.27 -6.20 -3.74
C TRP A 45 0.08 -5.27 -3.48
N TRP A 46 0.23 -4.01 -3.86
CA TRP A 46 -0.83 -3.02 -3.67
C TRP A 46 -0.86 -2.03 -4.82
N ARG A 47 -1.89 -1.19 -4.84
CA ARG A 47 -2.03 -0.19 -5.89
C ARG A 47 -2.19 1.21 -5.30
N GLY A 48 -1.16 2.04 -5.49
CA GLY A 48 -1.21 3.39 -4.97
C GLY A 48 -0.65 4.41 -5.93
N GLU A 49 -0.56 5.67 -5.50
CA GLU A 49 -0.04 6.73 -6.34
C GLU A 49 0.97 7.57 -5.58
N HIS A 50 2.19 7.65 -6.12
CA HIS A 50 3.26 8.43 -5.49
C HIS A 50 3.10 9.92 -5.80
N ASN A 51 4.05 10.71 -5.33
CA ASN A 51 4.03 12.15 -5.56
C ASN A 51 4.25 12.48 -7.03
N GLY A 52 3.25 12.17 -7.86
CA GLY A 52 3.36 12.43 -9.28
C GLY A 52 3.40 11.16 -10.10
N MET A 53 3.61 10.02 -9.44
CA MET A 53 3.66 8.74 -10.11
C MET A 53 2.51 7.84 -9.68
N ARG A 54 2.26 6.79 -10.45
CA ARG A 54 1.19 5.85 -10.15
C ARG A 54 1.56 4.44 -10.58
N GLY A 55 1.28 3.47 -9.72
CA GLY A 55 1.59 2.09 -10.03
C GLY A 55 1.41 1.17 -8.84
N LEU A 56 1.94 -0.05 -8.94
CA LEU A 56 1.84 -1.03 -7.87
C LEU A 56 2.76 -0.67 -6.72
N ILE A 57 2.59 -1.36 -5.58
CA ILE A 57 3.42 -1.12 -4.41
C ILE A 57 3.75 -2.42 -3.69
N PRO A 58 5.04 -2.61 -3.37
CA PRO A 58 5.50 -3.81 -2.68
C PRO A 58 5.03 -3.87 -1.22
N HIS A 59 4.38 -4.97 -0.87
CA HIS A 59 3.87 -5.14 0.50
C HIS A 59 5.01 -5.47 1.46
N LYS A 60 6.04 -6.14 0.95
CA LYS A 60 7.19 -6.51 1.76
C LYS A 60 8.03 -5.28 2.10
N TYR A 61 7.58 -4.12 1.65
CA TYR A 61 8.30 -2.88 1.90
C TYR A 61 7.37 -1.82 2.49
N ILE A 62 6.42 -2.26 3.30
CA ILE A 62 5.47 -1.36 3.92
C ILE A 62 4.94 -1.94 5.23
N THR A 63 4.08 -1.17 5.90
CA THR A 63 3.49 -1.61 7.16
C THR A 63 2.11 -0.99 7.37
N LEU A 64 1.08 -1.80 7.19
CA LEU A 64 -0.29 -1.34 7.37
C LEU A 64 -0.52 -0.83 8.79
N PRO A 65 -1.55 0.02 8.96
CA PRO A 65 -1.90 0.59 10.26
C PRO A 65 -2.48 -0.45 11.21
N ALA A 66 -2.53 -0.11 12.49
CA ALA A 66 -3.07 -1.02 13.50
C ALA A 66 -4.22 -1.84 12.93
N GLY A 67 -4.36 -3.08 13.42
CA GLY A 67 -5.41 -3.95 12.95
C GLY A 67 -5.12 -4.53 11.57
N THR A 68 -5.87 -4.07 10.58
CA THR A 68 -5.69 -4.54 9.21
C THR A 68 -5.35 -6.03 9.18
N GLU A 69 -5.94 -6.79 10.10
CA GLU A 69 -5.68 -8.22 10.19
C GLU A 69 -5.83 -8.87 8.81
N LYS A 70 -5.23 -10.05 8.66
CA LYS A 70 -5.29 -10.78 7.40
C LYS A 70 -4.71 -12.18 7.55
N GLN A 71 -5.24 -13.13 6.79
CA GLN A 71 -4.78 -14.51 6.84
C GLN A 71 -3.40 -14.64 6.21
N VAL A 72 -2.54 -15.46 6.82
CA VAL A 72 -1.19 -15.67 6.32
C VAL A 72 -1.22 -16.26 4.90
N VAL A 73 -0.68 -15.52 3.95
CA VAL A 73 -0.63 -15.96 2.56
C VAL A 73 0.24 -17.21 2.41
N GLY A 74 0.08 -17.90 1.28
CA GLY A 74 0.86 -19.10 1.04
C GLY A 74 1.11 -19.34 -0.44
N ALA A 75 0.47 -20.35 -1.00
CA ALA A 75 0.63 -20.68 -2.41
C ALA A 75 -0.69 -20.55 -3.15
N GLY A 76 -0.83 -19.46 -3.92
CA GLY A 76 -2.05 -19.24 -4.68
C GLY A 76 -1.88 -18.17 -5.74
N GLY A 1 -21.51 11.26 -5.91
CA GLY A 1 -22.83 11.86 -5.95
C GLY A 1 -23.57 11.52 -7.22
N SER A 2 -23.53 12.42 -8.19
CA SER A 2 -24.22 12.22 -9.47
C SER A 2 -23.99 10.80 -9.98
N SER A 3 -22.73 10.45 -10.20
CA SER A 3 -22.37 9.13 -10.70
C SER A 3 -20.95 8.77 -10.31
N GLY A 4 -20.63 7.48 -10.36
CA GLY A 4 -19.30 7.03 -10.00
C GLY A 4 -18.98 7.24 -8.54
N SER A 5 -17.70 7.14 -8.19
CA SER A 5 -17.27 7.31 -6.81
C SER A 5 -15.89 7.96 -6.75
N SER A 6 -15.56 8.53 -5.60
CA SER A 6 -14.27 9.19 -5.41
C SER A 6 -13.58 8.68 -4.15
N GLY A 7 -12.79 7.62 -4.30
CA GLY A 7 -12.08 7.05 -3.18
C GLY A 7 -12.90 6.01 -2.44
N GLU A 8 -13.77 6.46 -1.55
CA GLU A 8 -14.62 5.55 -0.78
C GLU A 8 -13.78 4.73 0.19
N GLY A 9 -12.88 5.39 0.91
CA GLY A 9 -12.03 4.71 1.87
C GLY A 9 -10.67 4.37 1.29
N VAL A 10 -9.63 4.93 1.89
CA VAL A 10 -8.25 4.68 1.43
C VAL A 10 -7.39 4.17 2.57
N VAL A 11 -6.40 3.35 2.23
CA VAL A 11 -5.49 2.79 3.22
C VAL A 11 -4.09 3.38 3.07
N GLU A 12 -3.66 4.12 4.09
CA GLU A 12 -2.34 4.74 4.06
C GLU A 12 -1.29 3.80 4.65
N ALA A 13 -0.23 3.55 3.89
CA ALA A 13 0.84 2.67 4.33
C ALA A 13 2.18 3.39 4.30
N VAL A 14 3.07 3.03 5.23
CA VAL A 14 4.38 3.64 5.31
C VAL A 14 5.46 2.68 4.83
N ALA A 15 6.33 3.17 3.95
CA ALA A 15 7.41 2.35 3.41
C ALA A 15 8.49 2.10 4.46
N CYS A 16 8.52 0.87 4.98
CA CYS A 16 9.50 0.50 6.00
C CYS A 16 10.92 0.65 5.47
N PHE A 17 11.09 0.37 4.18
CA PHE A 17 12.40 0.47 3.55
C PHE A 17 12.31 1.16 2.19
N ALA A 18 13.46 1.53 1.63
CA ALA A 18 13.50 2.20 0.34
C ALA A 18 13.47 1.18 -0.80
N TYR A 19 12.62 1.44 -1.79
CA TYR A 19 12.50 0.54 -2.94
C TYR A 19 12.62 1.32 -4.25
N THR A 20 13.05 0.63 -5.30
CA THR A 20 13.21 1.25 -6.61
C THR A 20 12.48 0.46 -7.68
N GLY A 21 11.26 0.86 -7.98
CA GLY A 21 10.47 0.17 -9.00
C GLY A 21 11.32 -0.30 -10.16
N ARG A 22 11.19 -1.58 -10.51
CA ARG A 22 11.96 -2.15 -11.61
C ARG A 22 11.47 -1.60 -12.94
N THR A 23 10.15 -1.56 -13.12
CA THR A 23 9.57 -1.07 -14.36
C THR A 23 8.47 -0.04 -14.07
N ALA A 24 8.03 0.66 -15.11
CA ALA A 24 6.98 1.66 -14.97
C ALA A 24 5.85 1.15 -14.08
N GLN A 25 5.46 -0.10 -14.30
CA GLN A 25 4.38 -0.71 -13.51
C GLN A 25 4.63 -0.51 -12.02
N GLU A 26 5.84 -0.81 -11.57
CA GLU A 26 6.20 -0.68 -10.17
C GLU A 26 6.43 0.79 -9.81
N LEU A 27 6.40 1.09 -8.51
CA LEU A 27 6.60 2.45 -8.04
C LEU A 27 7.94 2.59 -7.32
N SER A 28 8.41 3.83 -7.17
CA SER A 28 9.69 4.08 -6.51
C SER A 28 9.50 5.08 -5.36
N PHE A 29 10.00 4.71 -4.19
CA PHE A 29 9.90 5.57 -3.02
C PHE A 29 10.99 5.26 -2.01
N ARG A 30 11.18 6.15 -1.04
CA ARG A 30 12.20 5.96 -0.02
C ARG A 30 11.56 5.75 1.35
N ARG A 31 12.32 5.13 2.25
CA ARG A 31 11.83 4.86 3.60
C ARG A 31 11.05 6.06 4.15
N GLY A 32 9.91 5.78 4.78
CA GLY A 32 9.10 6.84 5.34
C GLY A 32 8.10 7.39 4.34
N ASP A 33 8.43 7.28 3.06
CA ASP A 33 7.57 7.77 1.99
C ASP A 33 6.18 7.14 2.09
N VAL A 34 5.19 7.95 2.43
CA VAL A 34 3.82 7.47 2.56
C VAL A 34 3.19 7.23 1.20
N LEU A 35 2.40 6.16 1.08
CA LEU A 35 1.74 5.82 -0.17
C LEU A 35 0.30 5.40 0.08
N ARG A 36 -0.60 5.89 -0.77
CA ARG A 36 -2.02 5.58 -0.65
C ARG A 36 -2.37 4.32 -1.42
N LEU A 37 -2.94 3.34 -0.74
CA LEU A 37 -3.31 2.07 -1.37
C LEU A 37 -4.69 2.17 -2.01
N HIS A 38 -4.72 2.34 -3.32
CA HIS A 38 -5.98 2.45 -4.06
C HIS A 38 -6.77 1.15 -3.97
N GLU A 39 -6.11 0.04 -4.26
CA GLU A 39 -6.75 -1.27 -4.21
C GLU A 39 -5.73 -2.37 -3.99
N ARG A 40 -6.20 -3.52 -3.51
CA ARG A 40 -5.32 -4.65 -3.25
C ARG A 40 -4.92 -5.35 -4.55
N ALA A 41 -3.95 -4.78 -5.23
CA ALA A 41 -3.47 -5.34 -6.50
C ALA A 41 -3.31 -6.86 -6.39
N SER A 42 -2.44 -7.30 -5.49
CA SER A 42 -2.19 -8.71 -5.30
C SER A 42 -2.01 -9.04 -3.82
N SER A 43 -1.72 -10.30 -3.53
CA SER A 43 -1.53 -10.75 -2.15
C SER A 43 -0.20 -10.24 -1.59
N ASP A 44 0.72 -9.93 -2.48
CA ASP A 44 2.04 -9.43 -2.09
C ASP A 44 2.28 -8.03 -2.65
N TRP A 45 1.43 -7.62 -3.59
CA TRP A 45 1.56 -6.30 -4.21
C TRP A 45 0.33 -5.46 -3.94
N TRP A 46 0.44 -4.15 -4.17
CA TRP A 46 -0.68 -3.24 -3.96
C TRP A 46 -0.76 -2.21 -5.09
N ARG A 47 -1.90 -1.54 -5.18
CA ARG A 47 -2.11 -0.53 -6.21
C ARG A 47 -2.33 0.84 -5.60
N GLY A 48 -1.39 1.76 -5.85
CA GLY A 48 -1.51 3.10 -5.31
C GLY A 48 -0.82 4.13 -6.19
N GLU A 49 -0.83 5.38 -5.73
CA GLU A 49 -0.20 6.47 -6.48
C GLU A 49 0.68 7.32 -5.57
N HIS A 50 1.95 7.43 -5.91
CA HIS A 50 2.90 8.22 -5.12
C HIS A 50 2.75 9.71 -5.44
N ASN A 51 3.60 10.52 -4.82
CA ASN A 51 3.56 11.96 -5.03
C ASN A 51 3.95 12.31 -6.45
N GLY A 52 3.05 12.03 -7.40
CA GLY A 52 3.30 12.32 -8.79
C GLY A 52 3.50 11.07 -9.61
N MET A 53 3.69 9.93 -8.94
CA MET A 53 3.90 8.66 -9.63
C MET A 53 2.71 7.74 -9.41
N ARG A 54 2.55 6.77 -10.31
CA ARG A 54 1.44 5.82 -10.22
C ARG A 54 1.91 4.43 -10.62
N GLY A 55 1.47 3.42 -9.86
CA GLY A 55 1.85 2.05 -10.15
C GLY A 55 1.57 1.12 -8.98
N LEU A 56 2.21 -0.04 -9.00
CA LEU A 56 2.04 -1.04 -7.94
C LEU A 56 2.81 -0.63 -6.69
N ILE A 57 2.71 -1.45 -5.64
CA ILE A 57 3.41 -1.19 -4.39
C ILE A 57 3.75 -2.48 -3.67
N PRO A 58 5.02 -2.62 -3.28
CA PRO A 58 5.51 -3.81 -2.57
C PRO A 58 4.96 -3.90 -1.15
N HIS A 59 4.22 -4.98 -0.88
CA HIS A 59 3.64 -5.18 0.44
C HIS A 59 4.72 -5.50 1.47
N LYS A 60 5.89 -5.91 0.98
CA LYS A 60 7.00 -6.25 1.86
C LYS A 60 7.70 -4.99 2.36
N TYR A 61 7.74 -3.96 1.52
CA TYR A 61 8.38 -2.70 1.87
C TYR A 61 7.35 -1.71 2.40
N ILE A 62 6.45 -2.19 3.25
CA ILE A 62 5.42 -1.35 3.83
C ILE A 62 4.84 -1.97 5.09
N THR A 63 4.33 -1.13 5.99
CA THR A 63 3.75 -1.60 7.24
C THR A 63 2.30 -1.15 7.38
N LEU A 64 1.38 -1.97 6.90
CA LEU A 64 -0.04 -1.66 6.97
C LEU A 64 -0.41 -1.09 8.34
N PRO A 65 -1.48 -0.29 8.38
CA PRO A 65 -1.97 0.33 9.62
C PRO A 65 -2.56 -0.69 10.59
N ALA A 66 -3.44 -1.53 10.08
CA ALA A 66 -4.08 -2.56 10.90
C ALA A 66 -4.82 -3.58 10.04
N GLY A 67 -5.21 -4.69 10.64
CA GLY A 67 -5.92 -5.72 9.91
C GLY A 67 -5.11 -6.27 8.74
N THR A 68 -3.90 -6.73 9.03
CA THR A 68 -3.02 -7.28 8.00
C THR A 68 -3.35 -8.74 7.72
N GLU A 69 -3.35 -9.55 8.79
CA GLU A 69 -3.65 -10.97 8.65
C GLU A 69 -4.33 -11.51 9.90
N LYS A 70 -5.01 -12.63 9.76
CA LYS A 70 -5.72 -13.25 10.89
C LYS A 70 -4.81 -14.24 11.61
N GLN A 71 -4.02 -13.73 12.55
CA GLN A 71 -3.11 -14.57 13.32
C GLN A 71 -3.44 -14.51 14.81
N VAL A 72 -3.04 -15.54 15.54
CA VAL A 72 -3.30 -15.61 16.97
C VAL A 72 -2.44 -14.60 17.73
N VAL A 73 -3.04 -13.48 18.11
CA VAL A 73 -2.34 -12.43 18.84
C VAL A 73 -3.05 -12.10 20.14
N GLY A 74 -4.37 -12.23 20.13
CA GLY A 74 -5.15 -11.93 21.33
C GLY A 74 -5.66 -10.50 21.35
N ALA A 75 -5.44 -9.82 22.47
CA ALA A 75 -5.89 -8.43 22.61
C ALA A 75 -5.60 -7.63 21.35
N GLY A 76 -4.35 -7.66 20.91
CA GLY A 76 -3.96 -6.92 19.71
C GLY A 76 -2.91 -5.87 19.99
N GLY A 1 -29.26 -2.97 -7.58
CA GLY A 1 -28.19 -2.58 -6.68
C GLY A 1 -27.66 -3.75 -5.88
N SER A 2 -26.34 -3.84 -5.76
CA SER A 2 -25.70 -4.92 -5.02
C SER A 2 -25.78 -4.66 -3.52
N SER A 3 -25.99 -5.72 -2.75
CA SER A 3 -26.09 -5.62 -1.29
C SER A 3 -24.87 -6.24 -0.62
N GLY A 4 -23.97 -5.40 -0.13
CA GLY A 4 -22.78 -5.89 0.54
C GLY A 4 -22.19 -4.88 1.49
N SER A 5 -21.03 -5.20 2.06
CA SER A 5 -20.36 -4.31 3.00
C SER A 5 -19.90 -3.03 2.30
N SER A 6 -19.93 -1.92 3.04
CA SER A 6 -19.53 -0.63 2.49
C SER A 6 -18.03 -0.62 2.20
N GLY A 7 -17.68 -0.33 0.95
CA GLY A 7 -16.29 -0.28 0.55
C GLY A 7 -15.44 0.54 1.51
N GLU A 8 -14.14 0.32 1.47
CA GLU A 8 -13.21 1.04 2.35
C GLU A 8 -12.79 2.36 1.72
N GLY A 9 -12.18 2.28 0.55
CA GLY A 9 -11.72 3.49 -0.14
C GLY A 9 -10.23 3.50 -0.36
N VAL A 10 -9.48 3.93 0.65
CA VAL A 10 -8.03 3.99 0.56
C VAL A 10 -7.38 3.91 1.94
N VAL A 11 -6.20 3.32 1.99
CA VAL A 11 -5.47 3.17 3.25
C VAL A 11 -4.04 3.66 3.11
N GLU A 12 -3.56 4.37 4.14
CA GLU A 12 -2.19 4.89 4.13
C GLU A 12 -1.22 3.89 4.75
N ALA A 13 -0.06 3.75 4.13
CA ALA A 13 0.95 2.82 4.62
C ALA A 13 2.35 3.44 4.54
N VAL A 14 3.21 3.07 5.48
CA VAL A 14 4.57 3.59 5.51
C VAL A 14 5.56 2.59 4.89
N ALA A 15 6.49 3.10 4.09
CA ALA A 15 7.48 2.26 3.44
C ALA A 15 8.54 1.79 4.44
N CYS A 16 8.59 0.48 4.66
CA CYS A 16 9.56 -0.09 5.60
C CYS A 16 10.98 0.25 5.19
N PHE A 17 11.29 0.07 3.90
CA PHE A 17 12.62 0.37 3.38
C PHE A 17 12.52 1.11 2.05
N ALA A 18 13.68 1.54 1.54
CA ALA A 18 13.74 2.25 0.28
C ALA A 18 13.62 1.30 -0.91
N TYR A 19 12.61 1.53 -1.75
CA TYR A 19 12.39 0.68 -2.92
C TYR A 19 12.58 1.48 -4.21
N THR A 20 13.02 0.80 -5.26
CA THR A 20 13.24 1.44 -6.55
C THR A 20 12.54 0.68 -7.67
N GLY A 21 11.31 1.09 -7.99
CA GLY A 21 10.56 0.44 -9.04
C GLY A 21 11.41 0.16 -10.27
N ARG A 22 11.35 -1.08 -10.75
CA ARG A 22 12.12 -1.47 -11.93
C ARG A 22 11.52 -0.87 -13.19
N THR A 23 10.20 -0.88 -13.29
CA THR A 23 9.51 -0.34 -14.44
C THR A 23 8.28 0.47 -14.02
N ALA A 24 7.63 1.10 -15.00
CA ALA A 24 6.45 1.90 -14.73
C ALA A 24 5.50 1.18 -13.77
N GLN A 25 5.13 -0.04 -14.13
CA GLN A 25 4.23 -0.84 -13.31
C GLN A 25 4.53 -0.65 -11.82
N GLU A 26 5.82 -0.71 -11.48
CA GLU A 26 6.23 -0.54 -10.09
C GLU A 26 6.42 0.94 -9.75
N LEU A 27 6.48 1.24 -8.47
CA LEU A 27 6.65 2.60 -8.00
C LEU A 27 7.97 2.77 -7.24
N SER A 28 8.38 4.02 -7.05
CA SER A 28 9.62 4.30 -6.35
C SER A 28 9.38 5.27 -5.19
N PHE A 29 9.83 4.89 -4.00
CA PHE A 29 9.66 5.71 -2.81
C PHE A 29 10.75 5.42 -1.79
N ARG A 30 11.09 6.43 -0.98
CA ARG A 30 12.12 6.28 0.04
C ARG A 30 11.51 5.82 1.36
N ARG A 31 12.31 5.14 2.16
CA ARG A 31 11.85 4.64 3.47
C ARG A 31 11.11 5.73 4.23
N GLY A 32 9.89 5.41 4.65
CA GLY A 32 9.09 6.38 5.39
C GLY A 32 8.03 7.04 4.53
N ASP A 33 8.36 7.27 3.25
CA ASP A 33 7.44 7.90 2.33
C ASP A 33 6.09 7.17 2.32
N VAL A 34 5.06 7.86 2.83
CA VAL A 34 3.73 7.28 2.88
C VAL A 34 3.16 7.08 1.48
N LEU A 35 2.24 6.12 1.35
CA LEU A 35 1.62 5.82 0.06
C LEU A 35 0.15 5.48 0.24
N ARG A 36 -0.68 5.88 -0.73
CA ARG A 36 -2.11 5.61 -0.67
C ARG A 36 -2.44 4.30 -1.38
N LEU A 37 -2.89 3.31 -0.61
CA LEU A 37 -3.24 2.01 -1.16
C LEU A 37 -4.67 2.01 -1.70
N HIS A 38 -4.80 2.39 -2.97
CA HIS A 38 -6.11 2.43 -3.61
C HIS A 38 -6.89 1.14 -3.36
N GLU A 39 -6.34 0.03 -3.80
CA GLU A 39 -6.98 -1.27 -3.62
C GLU A 39 -5.99 -2.41 -3.86
N ARG A 40 -6.18 -3.51 -3.14
CA ARG A 40 -5.31 -4.67 -3.28
C ARG A 40 -5.05 -4.98 -4.74
N ALA A 41 -3.77 -5.17 -5.09
CA ALA A 41 -3.38 -5.47 -6.46
C ALA A 41 -3.08 -6.96 -6.61
N SER A 42 -2.36 -7.52 -5.65
CA SER A 42 -2.00 -8.94 -5.70
C SER A 42 -1.87 -9.51 -4.29
N SER A 43 -1.43 -10.76 -4.20
CA SER A 43 -1.26 -11.43 -2.91
C SER A 43 -0.30 -10.64 -2.03
N ASP A 44 0.84 -10.28 -2.59
CA ASP A 44 1.86 -9.51 -1.85
C ASP A 44 2.14 -8.19 -2.54
N TRP A 45 1.09 -7.55 -3.04
CA TRP A 45 1.24 -6.27 -3.73
C TRP A 45 -0.02 -5.42 -3.56
N TRP A 46 0.13 -4.11 -3.78
CA TRP A 46 -1.00 -3.19 -3.65
C TRP A 46 -0.99 -2.16 -4.77
N ARG A 47 -2.02 -1.33 -4.81
CA ARG A 47 -2.13 -0.29 -5.84
C ARG A 47 -2.17 1.10 -5.21
N GLY A 48 -1.16 1.91 -5.51
CA GLY A 48 -1.10 3.25 -4.97
C GLY A 48 -0.51 4.24 -5.95
N GLU A 49 -0.41 5.50 -5.52
CA GLU A 49 0.13 6.56 -6.37
C GLU A 49 1.14 7.40 -5.60
N HIS A 50 2.25 7.73 -6.26
CA HIS A 50 3.30 8.54 -5.64
C HIS A 50 3.35 9.93 -6.27
N ASN A 51 4.31 10.73 -5.82
CA ASN A 51 4.48 12.09 -6.33
C ASN A 51 4.59 12.08 -7.86
N GLY A 52 3.46 12.29 -8.53
CA GLY A 52 3.46 12.31 -9.99
C GLY A 52 3.70 10.93 -10.57
N MET A 53 3.60 9.91 -9.74
CA MET A 53 3.81 8.53 -10.20
C MET A 53 2.64 7.64 -9.79
N ARG A 54 2.46 6.55 -10.53
CA ARG A 54 1.37 5.62 -10.26
C ARG A 54 1.77 4.19 -10.62
N GLY A 55 1.47 3.25 -9.72
CA GLY A 55 1.81 1.87 -9.97
C GLY A 55 1.47 0.97 -8.79
N LEU A 56 2.17 -0.16 -8.70
CA LEU A 56 1.94 -1.11 -7.61
C LEU A 56 2.77 -0.74 -6.38
N ILE A 57 2.55 -1.47 -5.30
CA ILE A 57 3.28 -1.22 -4.06
C ILE A 57 3.60 -2.53 -3.34
N PRO A 58 4.88 -2.68 -2.94
CA PRO A 58 5.34 -3.88 -2.23
C PRO A 58 4.78 -3.98 -0.82
N HIS A 59 4.10 -5.09 -0.54
CA HIS A 59 3.51 -5.30 0.78
C HIS A 59 4.59 -5.67 1.81
N LYS A 60 5.77 -5.98 1.31
CA LYS A 60 6.89 -6.35 2.19
C LYS A 60 7.66 -5.11 2.64
N TYR A 61 7.73 -4.12 1.76
CA TYR A 61 8.44 -2.88 2.06
C TYR A 61 7.46 -1.82 2.58
N ILE A 62 6.34 -2.26 3.12
CA ILE A 62 5.34 -1.35 3.65
C ILE A 62 4.63 -1.95 4.87
N THR A 63 4.11 -1.08 5.74
CA THR A 63 3.42 -1.53 6.93
C THR A 63 1.97 -1.06 6.94
N LEU A 64 1.04 -2.00 6.84
CA LEU A 64 -0.38 -1.67 6.83
C LEU A 64 -0.88 -1.39 8.24
N PRO A 65 -1.91 -0.54 8.34
CA PRO A 65 -2.51 -0.17 9.63
C PRO A 65 -3.26 -1.33 10.27
N ALA A 66 -3.91 -1.05 11.41
CA ALA A 66 -4.66 -2.07 12.12
C ALA A 66 -5.92 -2.45 11.35
N GLY A 67 -5.91 -3.66 10.79
CA GLY A 67 -7.07 -4.13 10.03
C GLY A 67 -6.72 -5.30 9.12
N THR A 68 -5.81 -5.07 8.18
CA THR A 68 -5.40 -6.11 7.25
C THR A 68 -5.30 -7.47 7.94
N GLU A 69 -5.80 -8.50 7.27
CA GLU A 69 -5.77 -9.85 7.82
C GLU A 69 -4.34 -10.27 8.17
N LYS A 70 -4.04 -10.30 9.47
CA LYS A 70 -2.71 -10.69 9.93
C LYS A 70 -2.60 -12.20 10.05
N GLN A 71 -2.92 -12.90 8.97
CA GLN A 71 -2.85 -14.36 8.96
C GLN A 71 -1.45 -14.84 8.61
N VAL A 72 -0.45 -14.28 9.28
CA VAL A 72 0.93 -14.64 9.05
C VAL A 72 1.81 -14.30 10.24
N VAL A 73 2.79 -15.15 10.52
CA VAL A 73 3.69 -14.95 11.65
C VAL A 73 4.78 -13.94 11.30
N GLY A 74 5.05 -13.03 12.22
CA GLY A 74 6.08 -12.03 12.00
C GLY A 74 6.18 -11.03 13.14
N ALA A 75 5.90 -9.76 12.85
CA ALA A 75 5.96 -8.71 13.86
C ALA A 75 4.98 -8.99 14.99
N GLY A 76 5.50 -9.00 16.22
CA GLY A 76 4.65 -9.26 17.37
C GLY A 76 5.39 -9.98 18.47
N GLY A 1 -25.29 10.94 1.08
CA GLY A 1 -24.14 10.21 1.61
C GLY A 1 -23.73 9.06 0.70
N SER A 2 -24.09 7.84 1.08
CA SER A 2 -23.74 6.66 0.31
C SER A 2 -24.96 6.12 -0.44
N SER A 3 -25.74 7.03 -1.02
CA SER A 3 -26.94 6.65 -1.75
C SER A 3 -26.59 6.17 -3.16
N GLY A 4 -25.54 5.37 -3.26
CA GLY A 4 -25.11 4.87 -4.56
C GLY A 4 -23.95 3.90 -4.45
N SER A 5 -22.78 4.33 -4.91
CA SER A 5 -21.59 3.49 -4.87
C SER A 5 -21.21 3.15 -3.43
N SER A 6 -20.52 2.03 -3.26
CA SER A 6 -20.10 1.59 -1.93
C SER A 6 -18.60 1.32 -1.90
N GLY A 7 -18.05 1.19 -0.70
CA GLY A 7 -16.64 0.93 -0.54
C GLY A 7 -15.78 2.07 -1.05
N GLU A 8 -16.00 3.27 -0.51
CA GLU A 8 -15.24 4.45 -0.91
C GLU A 8 -14.25 4.85 0.17
N GLY A 9 -13.08 4.23 0.16
CA GLY A 9 -12.07 4.54 1.15
C GLY A 9 -10.67 4.17 0.67
N VAL A 10 -9.66 4.68 1.37
CA VAL A 10 -8.27 4.41 1.01
C VAL A 10 -7.41 4.22 2.26
N VAL A 11 -6.46 3.29 2.18
CA VAL A 11 -5.58 3.02 3.30
C VAL A 11 -4.17 3.55 3.03
N GLU A 12 -3.63 4.29 3.99
CA GLU A 12 -2.29 4.86 3.86
C GLU A 12 -1.26 4.02 4.63
N ALA A 13 -0.27 3.51 3.91
CA ALA A 13 0.78 2.70 4.52
C ALA A 13 2.12 3.41 4.47
N VAL A 14 3.07 2.93 5.26
CA VAL A 14 4.40 3.52 5.30
C VAL A 14 5.43 2.60 4.65
N ALA A 15 6.47 3.19 4.09
CA ALA A 15 7.53 2.42 3.44
C ALA A 15 8.59 1.97 4.44
N CYS A 16 8.58 0.69 4.76
CA CYS A 16 9.54 0.14 5.71
C CYS A 16 10.97 0.38 5.24
N PHE A 17 11.21 0.17 3.95
CA PHE A 17 12.54 0.38 3.38
C PHE A 17 12.45 1.08 2.03
N ALA A 18 13.59 1.57 1.55
CA ALA A 18 13.64 2.26 0.27
C ALA A 18 13.62 1.28 -0.89
N TYR A 19 12.65 1.45 -1.80
CA TYR A 19 12.53 0.58 -2.96
C TYR A 19 12.67 1.37 -4.25
N THR A 20 13.09 0.69 -5.31
CA THR A 20 13.27 1.32 -6.61
C THR A 20 12.56 0.54 -7.70
N GLY A 21 11.30 0.88 -7.96
CA GLY A 21 10.53 0.20 -8.97
C GLY A 21 11.37 -0.22 -10.16
N ARG A 22 11.24 -1.47 -10.57
CA ARG A 22 12.00 -1.99 -11.71
C ARG A 22 11.48 -1.43 -13.02
N THR A 23 10.16 -1.40 -13.16
CA THR A 23 9.53 -0.88 -14.36
C THR A 23 8.48 0.18 -14.03
N ALA A 24 7.93 0.81 -15.06
CA ALA A 24 6.91 1.83 -14.89
C ALA A 24 5.79 1.35 -13.97
N GLN A 25 5.36 0.12 -14.18
CA GLN A 25 4.29 -0.46 -13.37
C GLN A 25 4.58 -0.29 -11.89
N GLU A 26 5.80 -0.66 -11.48
CA GLU A 26 6.20 -0.54 -10.08
C GLU A 26 6.46 0.92 -9.71
N LEU A 27 6.39 1.20 -8.41
CA LEU A 27 6.62 2.56 -7.92
C LEU A 27 7.87 2.62 -7.07
N SER A 28 8.38 3.84 -6.86
CA SER A 28 9.58 4.03 -6.06
C SER A 28 9.33 5.01 -4.91
N PHE A 29 10.02 4.80 -3.80
CA PHE A 29 9.86 5.67 -2.64
C PHE A 29 10.95 5.39 -1.60
N ARG A 30 11.18 6.36 -0.72
CA ARG A 30 12.20 6.21 0.32
C ARG A 30 11.55 5.89 1.67
N ARG A 31 12.22 5.04 2.44
CA ARG A 31 11.71 4.64 3.74
C ARG A 31 10.99 5.81 4.42
N GLY A 32 9.77 5.54 4.89
CA GLY A 32 9.00 6.58 5.55
C GLY A 32 7.95 7.19 4.64
N ASP A 33 8.31 7.40 3.38
CA ASP A 33 7.40 7.97 2.41
C ASP A 33 6.08 7.20 2.37
N VAL A 34 5.01 7.83 2.84
CA VAL A 34 3.70 7.22 2.86
C VAL A 34 3.19 6.94 1.45
N LEU A 35 2.34 5.94 1.31
CA LEU A 35 1.77 5.58 0.01
C LEU A 35 0.30 5.19 0.14
N ARG A 36 -0.55 5.85 -0.65
CA ARG A 36 -1.97 5.58 -0.63
C ARG A 36 -2.30 4.29 -1.40
N LEU A 37 -2.95 3.36 -0.72
CA LEU A 37 -3.33 2.09 -1.35
C LEU A 37 -4.69 2.18 -2.01
N HIS A 38 -4.71 2.63 -3.26
CA HIS A 38 -5.96 2.76 -4.01
C HIS A 38 -6.69 1.42 -4.09
N GLU A 39 -5.95 0.36 -4.37
CA GLU A 39 -6.53 -0.97 -4.47
C GLU A 39 -5.51 -2.05 -4.11
N ARG A 40 -5.99 -3.25 -3.83
CA ARG A 40 -5.12 -4.36 -3.47
C ARG A 40 -4.84 -5.25 -4.68
N ALA A 41 -3.88 -4.83 -5.50
CA ALA A 41 -3.53 -5.58 -6.71
C ALA A 41 -3.42 -7.07 -6.40
N SER A 42 -2.51 -7.43 -5.49
CA SER A 42 -2.31 -8.82 -5.11
C SER A 42 -2.04 -8.94 -3.62
N SER A 43 -1.88 -10.17 -3.15
CA SER A 43 -1.61 -10.43 -1.74
C SER A 43 -0.22 -9.94 -1.34
N ASP A 44 0.66 -9.84 -2.34
CA ASP A 44 2.02 -9.38 -2.09
C ASP A 44 2.25 -7.99 -2.69
N TRP A 45 1.41 -7.63 -3.65
CA TRP A 45 1.52 -6.33 -4.30
C TRP A 45 0.27 -5.48 -4.03
N TRP A 46 0.43 -4.17 -4.11
CA TRP A 46 -0.68 -3.26 -3.88
C TRP A 46 -0.78 -2.22 -5.00
N ARG A 47 -1.85 -1.44 -4.98
CA ARG A 47 -2.07 -0.42 -6.00
C ARG A 47 -2.17 0.97 -5.36
N GLY A 48 -1.15 1.80 -5.60
CA GLY A 48 -1.13 3.14 -5.05
C GLY A 48 -0.65 4.17 -6.04
N GLU A 49 -0.62 5.43 -5.62
CA GLU A 49 -0.18 6.51 -6.48
C GLU A 49 0.75 7.46 -5.74
N HIS A 50 2.03 7.46 -6.13
CA HIS A 50 3.02 8.32 -5.49
C HIS A 50 2.92 9.75 -6.02
N ASN A 51 3.83 10.61 -5.56
CA ASN A 51 3.85 11.99 -6.00
C ASN A 51 3.98 12.10 -7.51
N GLY A 52 2.84 12.29 -8.18
CA GLY A 52 2.84 12.40 -9.63
C GLY A 52 3.15 11.08 -10.30
N MET A 53 3.14 10.00 -9.52
CA MET A 53 3.43 8.68 -10.06
C MET A 53 2.32 7.69 -9.69
N ARG A 54 2.10 6.70 -10.55
CA ARG A 54 1.08 5.70 -10.31
C ARG A 54 1.57 4.31 -10.70
N GLY A 55 1.40 3.34 -9.80
CA GLY A 55 1.84 1.98 -10.06
C GLY A 55 1.54 1.05 -8.91
N LEU A 56 2.22 -0.09 -8.89
CA LEU A 56 2.01 -1.09 -7.84
C LEU A 56 2.82 -0.74 -6.59
N ILE A 57 2.71 -1.58 -5.57
CA ILE A 57 3.44 -1.36 -4.32
C ILE A 57 3.74 -2.68 -3.62
N PRO A 58 4.99 -2.85 -3.19
CA PRO A 58 5.44 -4.06 -2.49
C PRO A 58 4.83 -4.19 -1.10
N HIS A 59 4.23 -5.34 -0.82
CA HIS A 59 3.61 -5.59 0.48
C HIS A 59 4.67 -6.00 1.52
N LYS A 60 5.91 -6.11 1.07
CA LYS A 60 7.00 -6.49 1.95
C LYS A 60 7.79 -5.26 2.41
N TYR A 61 7.83 -4.25 1.57
CA TYR A 61 8.55 -3.01 1.89
C TYR A 61 7.59 -1.95 2.43
N ILE A 62 6.52 -2.41 3.06
CA ILE A 62 5.53 -1.51 3.63
C ILE A 62 5.01 -2.03 4.96
N THR A 63 4.47 -1.13 5.78
CA THR A 63 3.94 -1.50 7.09
C THR A 63 2.52 -0.99 7.27
N LEU A 64 1.54 -1.88 7.11
CA LEU A 64 0.14 -1.51 7.26
C LEU A 64 -0.17 -1.12 8.70
N PRO A 65 -1.17 -0.24 8.86
CA PRO A 65 -1.59 0.24 10.18
C PRO A 65 -2.28 -0.86 11.00
N ALA A 66 -3.30 -1.49 10.41
CA ALA A 66 -4.03 -2.54 11.07
C ALA A 66 -5.06 -3.18 10.15
N GLY A 67 -5.87 -4.08 10.69
CA GLY A 67 -6.88 -4.74 9.88
C GLY A 67 -6.34 -5.95 9.15
N THR A 68 -5.19 -5.79 8.52
CA THR A 68 -4.57 -6.88 7.77
C THR A 68 -4.25 -8.07 8.67
N GLU A 69 -4.03 -7.78 9.95
CA GLU A 69 -3.72 -8.82 10.92
C GLU A 69 -4.99 -9.52 11.40
N LYS A 70 -5.01 -10.84 11.29
CA LYS A 70 -6.17 -11.62 11.73
C LYS A 70 -6.17 -11.81 13.23
N GLN A 71 -7.05 -11.09 13.93
CA GLN A 71 -7.14 -11.19 15.38
C GLN A 71 -8.55 -10.81 15.85
N VAL A 72 -9.10 -11.62 16.75
CA VAL A 72 -10.43 -11.37 17.29
C VAL A 72 -10.59 -9.91 17.71
N VAL A 73 -11.70 -9.31 17.31
CA VAL A 73 -11.97 -7.91 17.65
C VAL A 73 -13.47 -7.66 17.72
N GLY A 74 -13.87 -6.82 18.68
CA GLY A 74 -15.28 -6.50 18.84
C GLY A 74 -15.71 -5.30 18.00
N ALA A 75 -16.09 -5.57 16.76
CA ALA A 75 -16.53 -4.51 15.86
C ALA A 75 -15.42 -3.48 15.65
N GLY A 76 -14.21 -3.96 15.37
CA GLY A 76 -13.09 -3.08 15.15
C GLY A 76 -12.49 -2.57 16.46
#